data_7SSV
#
_entry.id   7SSV
#
loop_
_entity.id
_entity.type
_entity.pdbx_description
1 polymer 'Potassium voltage-gated channel subfamily A member 3,Green fluorescent protein fusion'
2 polymer 'Fab-ShK fusion, heavy chain'
3 polymer 'Fab-ShK fusion, light chain'
4 non-polymer 'POTASSIUM ION'
#
loop_
_entity_poly.entity_id
_entity_poly.type
_entity_poly.pdbx_seq_one_letter_code
_entity_poly.pdbx_strand_id
1 'polypeptide(L)'
;MDERLSLLRSPPPPSARHRAHPPQRPASSGGAHTLVNHGYAEPAAGRELPPDMTVVPGDHLLEPEVADGGGAPPQGGCGG
GGCDRYEPLPPSLPAAGEQDCCGERVVINISGLRFETQLKTLCQFPETLLGDPKRRMRYFDPLRNEYFFDRNRPSFDAIL
YYYQSGGRIRRPVNVPIDIFSEEIRFYQLGEEAMEKFREDEGFLREEERPLPRRDFQRQVWLLFEYPESSGPARGIAIVS
VLVILISIVIFCLETLPEFRDEKDYPASTSQDSFEAAGNSTSGSRAGASSFSDPFFVVETLCIIWFSFELLVRFFACPSK
ATFSRNIMNLIDIVAIIPYFITLGTELAERQGNGQQAMSLAILRVIRLVRVFRIFKLSRHSKGLQILGQTLKASMRELGL
LIFFLFIGVILFSSAVYFAEADDPTSGFSSIPDAFWWAVVTMTTVGYGDMHPVTIGGKIVGSLCAIAGVLTIALPVPVIV
SNFNYFYHRETEGEEQSQYMHVGSCQHLSSSAEELRKARSNSTLSKSEYMVIEEGGMNHSAFPQTPFKTGNSTATCTTNN
NPNSCVNIKKIFTDVSLEVLFQGPAAAMVSKGEELFTGVVPILVELDGDVNGHKFSVSGEGEGDATYGKLTLKLICTTGK
LPVPWPTLVTTLGYGLQCFARYPDHMKQHDFFKSAMPEGYVQERTIFFKDDGNYKTRAEVKFEGDTLVNRIELKGIDFKE
DGNILGHKLEYNYNSHNVYITADKQKNGIKANFKIRHNIEDGGVQLADHYQQNTPIGDGPVLLPDNHYLSYQSKLSKDPN
EKRDHMVLLEFVTAAGITLGMDELYKSAWSHPQFEKGGGSGGGSGGGSWSHPQFEK
;
A,B,C,D
2 'polypeptide(L)'
;QVQLREWGAGLLKPSETLSLTCAVYGGSFSDKYWSWIRQPPGKGLEWIGSINHSGSTNYNPSLKSRVTISVDTSKNQFSL
KLSSVTAADTAVYYCTSVHQETKKYQSRSCIDTIPKSRCTAFQCKHSMKYRLSFCRKTCGTCSYTYNYEWHVDVWGQGLL
VTVSSASTKGPSVFPLAPSSKSTSGGTAALGCLVKDYFPEPVTVSWNSGALTSGVHTFPAVLQSSGLYSLSSVVTVPSSS
LGTQTYICNVNHKPSNTKVDKKVEPKSCDK
;
H
3 'polypeptide(L)'
;QAVLNQPSSVSGSLGQKVTISCSGSSSNIGNNYVSWYQQLPGTAPKLLIYGDTKRPSGIPDRFSGSKSGTSATLGITGLQ
TGDEADYYCASAEDSSSNAVFGSGTTLTVLGQPKAAPSVTLFPPSSEELQANKATLVCLISDFYPGAVTVAWKADSSPVK
AGVETTTPSKQSNNKYAASSYLSLTPEQWKSHRSYSCQVTHEGSTVEKTVAPTECS
;
L
#
# COMPACT_ATOMS: atom_id res chain seq x y z
N GLY A 103 0.35 42.86 -61.15
CA GLY A 103 0.26 41.77 -62.14
C GLY A 103 1.64 41.34 -62.58
N GLU A 104 2.67 42.03 -62.08
CA GLU A 104 4.06 41.66 -62.40
C GLU A 104 4.37 40.35 -61.68
N ARG A 105 5.33 39.58 -62.20
CA ARG A 105 5.64 38.25 -61.60
C ARG A 105 7.00 38.32 -60.92
N VAL A 106 7.04 38.60 -59.62
CA VAL A 106 8.33 38.57 -58.87
C VAL A 106 8.79 37.12 -58.77
N VAL A 107 10.06 36.83 -59.04
CA VAL A 107 10.60 35.45 -58.90
C VAL A 107 11.59 35.44 -57.76
N ILE A 108 11.26 34.80 -56.64
CA ILE A 108 12.22 34.67 -55.52
C ILE A 108 13.09 33.44 -55.82
N ASN A 109 14.33 33.39 -55.33
CA ASN A 109 15.26 32.28 -55.66
C ASN A 109 15.92 31.79 -54.38
N ILE A 110 15.26 30.99 -53.55
CA ILE A 110 15.88 30.57 -52.27
C ILE A 110 16.91 29.48 -52.57
N SER A 111 18.18 29.84 -52.76
CA SER A 111 19.29 28.88 -52.97
C SER A 111 19.14 28.03 -54.23
N GLY A 112 18.48 28.53 -55.27
CA GLY A 112 18.41 27.75 -56.52
C GLY A 112 16.99 27.34 -56.87
N LEU A 113 16.11 27.29 -55.86
CA LEU A 113 14.71 26.82 -56.04
C LEU A 113 13.86 28.05 -56.36
N ARG A 114 13.22 28.09 -57.53
CA ARG A 114 12.49 29.30 -57.96
C ARG A 114 11.06 29.29 -57.46
N PHE A 115 10.69 30.27 -56.64
CA PHE A 115 9.27 30.42 -56.21
C PHE A 115 8.78 31.68 -56.91
N GLU A 116 7.66 31.62 -57.63
CA GLU A 116 7.17 32.79 -58.41
C GLU A 116 5.83 33.17 -57.80
N THR A 117 5.48 34.46 -57.74
CA THR A 117 4.21 34.78 -57.03
C THR A 117 3.61 36.08 -57.56
N GLN A 118 2.31 36.31 -57.31
CA GLN A 118 1.60 37.54 -57.79
C GLN A 118 2.05 38.74 -56.95
N LEU A 119 2.41 39.88 -57.54
CA LEU A 119 2.91 40.99 -56.67
C LEU A 119 1.81 41.38 -55.70
N LYS A 120 0.55 41.28 -56.13
CA LYS A 120 -0.57 41.68 -55.25
C LYS A 120 -0.48 40.83 -53.99
N THR A 121 -0.23 39.53 -54.14
CA THR A 121 -0.16 38.62 -52.98
C THR A 121 1.01 39.06 -52.09
N LEU A 122 2.03 39.66 -52.71
CA LEU A 122 3.22 40.04 -51.92
C LEU A 122 3.03 41.43 -51.29
N CYS A 123 2.08 42.22 -51.80
CA CYS A 123 1.92 43.61 -51.28
C CYS A 123 0.83 43.67 -50.22
N GLN A 124 0.23 42.53 -49.89
CA GLN A 124 -0.87 42.49 -48.88
C GLN A 124 -0.37 43.12 -47.57
N PHE A 125 0.85 42.80 -47.15
CA PHE A 125 1.43 43.42 -45.94
C PHE A 125 2.71 44.16 -46.31
N PRO A 126 2.86 45.50 -46.15
CA PRO A 126 4.13 46.15 -46.50
C PRO A 126 5.18 46.13 -45.39
N GLU A 127 4.78 45.81 -44.16
CA GLU A 127 5.73 45.81 -43.01
C GLU A 127 6.68 44.60 -43.12
N THR A 128 6.36 43.62 -43.96
CA THR A 128 7.15 42.36 -44.03
C THR A 128 8.35 42.59 -44.97
N LEU A 129 9.44 41.85 -44.75
CA LEU A 129 10.67 42.17 -45.52
C LEU A 129 10.37 42.22 -47.00
N LEU A 130 9.56 41.32 -47.52
CA LEU A 130 9.36 41.32 -48.98
C LEU A 130 8.30 42.35 -49.34
N GLY A 131 7.32 42.57 -48.46
CA GLY A 131 6.23 43.48 -48.82
C GLY A 131 6.66 44.91 -49.14
N ASP A 132 7.53 45.52 -48.33
CA ASP A 132 7.88 46.94 -48.56
C ASP A 132 8.87 46.97 -49.71
N PRO A 133 8.65 47.75 -50.79
CA PRO A 133 9.55 47.70 -51.93
C PRO A 133 10.95 48.12 -51.48
N LYS A 134 11.03 49.16 -50.67
CA LYS A 134 12.34 49.67 -50.22
C LYS A 134 13.02 48.64 -49.32
N ARG A 135 12.30 48.09 -48.33
CA ARG A 135 12.96 47.19 -47.35
C ARG A 135 13.58 45.96 -48.03
N ARG A 136 12.89 45.37 -49.01
CA ARG A 136 13.40 44.12 -49.67
C ARG A 136 14.37 44.44 -50.80
N MET A 137 14.48 45.70 -51.22
CA MET A 137 15.26 46.06 -52.43
C MET A 137 16.72 45.59 -52.32
N ARG A 138 17.28 45.53 -51.12
CA ARG A 138 18.72 45.21 -51.00
C ARG A 138 19.04 43.85 -51.61
N TYR A 139 18.23 42.83 -51.36
CA TYR A 139 18.50 41.47 -51.90
C TYR A 139 17.89 41.36 -53.29
N PHE A 140 18.35 42.17 -54.26
CA PHE A 140 17.86 42.08 -55.65
C PHE A 140 19.07 41.92 -56.57
N ASP A 141 18.92 41.10 -57.61
CA ASP A 141 20.03 40.93 -58.58
C ASP A 141 19.54 41.42 -59.96
N PRO A 142 20.15 42.48 -60.52
CA PRO A 142 19.68 43.03 -61.79
C PRO A 142 19.85 42.06 -62.96
N LEU A 143 20.99 41.36 -63.01
CA LEU A 143 21.27 40.51 -64.19
C LEU A 143 20.23 39.40 -64.32
N ARG A 144 19.86 38.74 -63.23
CA ARG A 144 18.94 37.58 -63.30
C ARG A 144 17.48 38.02 -63.15
N ASN A 145 17.24 39.29 -62.81
CA ASN A 145 15.86 39.79 -62.56
C ASN A 145 15.20 38.97 -61.44
N GLU A 146 15.94 38.69 -60.36
CA GLU A 146 15.40 37.84 -59.26
C GLU A 146 15.84 38.37 -57.90
N TYR A 147 15.05 38.11 -56.86
CA TYR A 147 15.49 38.48 -55.49
C TYR A 147 16.19 37.29 -54.85
N PHE A 148 17.50 37.12 -55.05
CA PHE A 148 18.21 35.92 -54.53
C PHE A 148 18.43 35.98 -53.03
N PHE A 149 18.22 34.89 -52.33
CA PHE A 149 18.54 34.82 -50.89
C PHE A 149 19.31 33.51 -50.75
N ASP A 150 20.38 33.45 -49.98
CA ASP A 150 21.06 32.14 -49.75
C ASP A 150 20.61 31.62 -48.38
N ARG A 151 19.44 31.00 -48.28
CA ARG A 151 18.90 30.57 -46.97
C ARG A 151 18.61 29.06 -46.92
N ASN A 152 17.54 28.66 -46.22
CA ASN A 152 17.16 27.24 -46.08
C ASN A 152 16.12 26.90 -47.13
N ARG A 153 16.41 25.95 -48.01
CA ARG A 153 15.49 25.59 -49.13
C ARG A 153 14.15 25.00 -48.66
N PRO A 154 14.06 24.11 -47.64
CA PRO A 154 12.77 23.53 -47.25
C PRO A 154 11.77 24.38 -46.44
N SER A 155 12.15 25.58 -45.99
CA SER A 155 11.26 26.37 -45.11
C SER A 155 10.55 27.54 -45.82
N PHE A 156 10.90 27.91 -47.04
CA PHE A 156 10.23 29.09 -47.62
C PHE A 156 8.90 28.68 -48.22
N ASP A 157 8.62 27.40 -48.33
CA ASP A 157 7.28 27.04 -48.85
C ASP A 157 6.25 27.54 -47.85
N ALA A 158 6.55 27.53 -46.55
CA ALA A 158 5.54 27.90 -45.54
C ALA A 158 5.34 29.42 -45.48
N ILE A 159 6.43 30.17 -45.61
CA ILE A 159 6.32 31.65 -45.62
C ILE A 159 5.47 32.06 -46.82
N LEU A 160 5.57 31.39 -47.96
CA LEU A 160 4.79 31.89 -49.13
C LEU A 160 3.33 31.49 -48.96
N TYR A 161 3.00 30.45 -48.19
CA TYR A 161 1.56 30.16 -47.92
C TYR A 161 0.98 31.31 -47.10
N TYR A 162 1.76 31.86 -46.17
CA TYR A 162 1.20 32.91 -45.29
C TYR A 162 0.79 34.10 -46.15
N TYR A 163 1.61 34.53 -47.08
CA TYR A 163 1.15 35.62 -47.97
C TYR A 163 -0.04 35.15 -48.79
N GLN A 164 0.00 33.93 -49.32
CA GLN A 164 -1.10 33.47 -50.20
C GLN A 164 -2.40 33.35 -49.40
N SER A 165 -2.33 32.88 -48.14
CA SER A 165 -3.56 32.66 -47.33
C SER A 165 -3.84 33.86 -46.42
N GLY A 166 -2.99 34.87 -46.44
CA GLY A 166 -3.16 36.03 -45.54
C GLY A 166 -3.21 35.60 -44.09
N GLY A 167 -2.41 34.60 -43.71
CA GLY A 167 -2.43 34.09 -42.32
C GLY A 167 -2.15 32.61 -42.27
N ARG A 168 -2.71 31.92 -41.27
CA ARG A 168 -2.56 30.45 -41.18
C ARG A 168 -1.10 30.01 -41.18
N ILE A 169 -0.24 30.66 -40.39
CA ILE A 169 1.16 30.17 -40.34
C ILE A 169 1.15 28.74 -39.82
N ARG A 170 1.79 27.81 -40.53
CA ARG A 170 1.90 26.39 -40.08
C ARG A 170 3.34 25.91 -40.32
N ARG A 171 3.87 25.06 -39.45
CA ARG A 171 5.30 24.66 -39.56
C ARG A 171 5.41 23.44 -40.49
N PRO A 172 6.31 23.39 -41.51
CA PRO A 172 6.43 22.17 -42.30
C PRO A 172 6.89 21.16 -41.25
N VAL A 173 6.44 19.91 -41.31
CA VAL A 173 6.73 18.97 -40.18
C VAL A 173 8.10 18.32 -40.30
N ASN A 174 8.88 18.62 -41.34
CA ASN A 174 10.25 18.13 -41.41
C ASN A 174 11.26 19.18 -40.98
N VAL A 175 10.79 20.42 -40.79
CA VAL A 175 11.69 21.54 -40.40
C VAL A 175 11.65 21.66 -38.87
N PRO A 176 12.79 21.50 -38.16
CA PRO A 176 12.80 21.51 -36.70
C PRO A 176 12.33 22.86 -36.16
N ILE A 177 11.72 22.88 -34.97
CA ILE A 177 11.11 24.15 -34.45
C ILE A 177 12.13 25.27 -34.40
N ASP A 178 13.34 25.00 -33.95
CA ASP A 178 14.30 26.12 -33.83
C ASP A 178 14.57 26.70 -35.21
N ILE A 179 14.86 25.87 -36.21
CA ILE A 179 15.24 26.42 -37.54
C ILE A 179 14.07 27.24 -38.11
N PHE A 180 12.83 26.79 -37.90
CA PHE A 180 11.68 27.51 -38.52
C PHE A 180 11.56 28.88 -37.87
N SER A 181 11.68 28.93 -36.53
CA SER A 181 11.55 30.23 -35.83
C SER A 181 12.61 31.16 -36.38
N GLU A 182 13.84 30.68 -36.54
CA GLU A 182 14.93 31.55 -37.02
C GLU A 182 14.52 32.15 -38.35
N GLU A 183 13.76 31.40 -39.15
CA GLU A 183 13.40 31.91 -40.49
C GLU A 183 12.33 32.99 -40.36
N ILE A 184 11.37 32.84 -39.46
CA ILE A 184 10.29 33.88 -39.44
C ILE A 184 10.92 35.23 -39.10
N ARG A 185 11.94 35.23 -38.26
CA ARG A 185 12.51 36.53 -37.84
C ARG A 185 13.24 37.18 -39.01
N PHE A 186 13.85 36.40 -39.89
CA PHE A 186 14.69 37.01 -40.94
C PHE A 186 13.77 37.65 -41.97
N TYR A 187 12.68 36.97 -42.25
CA TYR A 187 11.69 37.54 -43.20
C TYR A 187 10.92 38.66 -42.50
N GLN A 188 11.24 38.95 -41.24
CA GLN A 188 10.57 40.08 -40.52
C GLN A 188 9.07 39.89 -40.61
N LEU A 189 8.58 38.65 -40.45
CA LEU A 189 7.13 38.45 -40.64
C LEU A 189 6.42 39.42 -39.70
N GLY A 190 7.00 39.65 -38.53
CA GLY A 190 6.37 40.53 -37.53
C GLY A 190 5.91 39.77 -36.30
N GLU A 191 5.69 40.48 -35.18
CA GLU A 191 5.35 39.80 -33.89
C GLU A 191 3.98 39.14 -33.90
N GLU A 192 3.00 39.71 -34.62
CA GLU A 192 1.64 39.13 -34.58
C GLU A 192 1.71 37.71 -35.15
N ALA A 193 2.47 37.55 -36.24
CA ALA A 193 2.61 36.23 -36.89
C ALA A 193 3.31 35.29 -35.93
N MET A 194 4.31 35.82 -35.21
CA MET A 194 5.11 34.97 -34.28
C MET A 194 4.15 34.38 -33.26
N GLU A 195 3.24 35.21 -32.76
CA GLU A 195 2.32 34.74 -31.71
C GLU A 195 1.46 33.60 -32.28
N LYS A 196 0.98 33.78 -33.52
CA LYS A 196 0.07 32.76 -34.10
C LYS A 196 0.83 31.44 -34.25
N PHE A 197 2.12 31.51 -34.59
CA PHE A 197 2.94 30.28 -34.76
C PHE A 197 3.03 29.51 -33.44
N ARG A 198 3.25 30.23 -32.35
CA ARG A 198 3.33 29.58 -31.01
C ARG A 198 1.97 28.97 -30.73
N GLU A 199 0.90 29.68 -31.10
CA GLU A 199 -0.47 29.22 -30.81
C GLU A 199 -0.77 27.89 -31.51
N ASP A 200 -0.37 27.72 -32.76
CA ASP A 200 -0.76 26.46 -33.46
C ASP A 200 -0.11 25.28 -32.74
N GLU A 201 1.17 25.40 -32.38
CA GLU A 201 1.82 24.34 -31.57
C GLU A 201 1.08 24.32 -30.24
N GLY A 202 0.68 25.50 -29.75
CA GLY A 202 -0.05 25.61 -28.48
C GLY A 202 0.81 26.00 -27.29
N PHE A 203 2.12 26.23 -27.49
CA PHE A 203 2.99 26.51 -26.31
C PHE A 203 2.53 27.80 -25.61
N LEU A 204 2.61 27.83 -24.27
CA LEU A 204 2.10 29.02 -23.50
C LEU A 204 3.20 29.75 -22.74
N ARG A 205 3.44 31.03 -23.06
CA ARG A 205 4.39 31.89 -22.31
C ARG A 205 3.59 33.17 -22.04
N GLU A 206 2.32 33.17 -22.45
CA GLU A 206 1.46 34.38 -22.37
C GLU A 206 1.22 34.89 -20.94
N GLU A 207 1.10 34.01 -19.94
CA GLU A 207 0.72 34.46 -18.56
C GLU A 207 1.70 35.47 -17.97
N GLU A 208 1.17 36.54 -17.34
CA GLU A 208 2.03 37.59 -16.71
C GLU A 208 1.38 38.08 -15.41
N ARG A 209 2.16 38.33 -14.35
CA ARG A 209 1.59 38.66 -13.02
C ARG A 209 1.98 40.08 -12.60
N PRO A 210 1.04 41.04 -12.37
CA PRO A 210 1.45 42.41 -12.03
C PRO A 210 1.89 42.47 -10.57
N LEU A 211 2.64 43.52 -10.24
CA LEU A 211 3.20 43.64 -8.87
C LEU A 211 2.70 44.96 -8.29
N PRO A 212 2.57 45.16 -6.94
CA PRO A 212 2.03 46.42 -6.43
C PRO A 212 2.90 47.60 -6.84
N ARG A 213 4.22 47.48 -6.67
CA ARG A 213 5.19 48.55 -7.05
C ARG A 213 4.89 49.89 -6.35
N ARG A 214 4.51 49.86 -5.07
CA ARG A 214 4.31 51.10 -4.28
C ARG A 214 5.43 51.17 -3.25
N ASP A 215 6.53 50.43 -3.48
CA ASP A 215 7.71 50.40 -2.57
C ASP A 215 7.42 49.60 -1.28
N PHE A 216 6.50 50.06 -0.43
CA PHE A 216 6.17 49.22 0.74
C PHE A 216 5.44 47.97 0.28
N GLN A 217 4.40 48.14 -0.55
CA GLN A 217 3.60 46.98 -1.01
C GLN A 217 4.48 46.08 -1.87
N ARG A 218 5.30 46.65 -2.73
CA ARG A 218 6.13 45.82 -3.63
C ARG A 218 7.10 45.02 -2.78
N GLN A 219 7.60 45.61 -1.70
CA GLN A 219 8.59 44.85 -0.91
C GLN A 219 7.88 43.66 -0.25
N VAL A 220 6.73 43.89 0.40
CA VAL A 220 6.00 42.80 1.12
C VAL A 220 5.51 41.74 0.13
N TRP A 221 5.05 42.14 -1.05
CA TRP A 221 4.46 41.11 -1.95
C TRP A 221 5.60 40.34 -2.58
N LEU A 222 6.73 40.97 -2.88
CA LEU A 222 7.82 40.13 -3.37
C LEU A 222 8.53 39.38 -2.26
N LEU A 223 7.99 39.45 -1.03
CA LEU A 223 8.59 38.71 0.11
C LEU A 223 7.70 37.49 0.42
N PHE A 224 6.38 37.63 0.27
CA PHE A 224 5.44 36.54 0.63
C PHE A 224 4.94 35.85 -0.64
N GLU A 225 5.47 36.17 -1.82
CA GLU A 225 4.86 35.58 -3.03
C GLU A 225 5.92 34.92 -3.90
N TYR A 226 7.11 35.50 -4.03
CA TYR A 226 8.04 34.77 -4.88
C TYR A 226 9.22 34.32 -4.06
N PRO A 227 9.26 33.05 -3.65
CA PRO A 227 10.11 32.65 -2.51
C PRO A 227 11.59 32.65 -2.79
N GLU A 228 12.01 32.75 -4.05
CA GLU A 228 13.42 32.66 -4.39
C GLU A 228 14.05 34.01 -4.62
N SER A 229 13.29 35.09 -4.44
CA SER A 229 13.73 36.43 -4.81
C SER A 229 14.75 37.01 -3.82
N SER A 230 15.06 36.30 -2.75
CA SER A 230 15.87 36.85 -1.68
C SER A 230 16.44 35.73 -0.84
N GLY A 231 16.81 36.09 0.40
CA GLY A 231 16.93 35.16 1.49
C GLY A 231 15.74 35.07 2.41
N PRO A 232 15.21 36.20 2.94
CA PRO A 232 13.98 36.17 3.76
C PRO A 232 12.80 35.40 3.20
N ALA A 233 12.63 35.38 1.88
CA ALA A 233 11.51 34.63 1.33
C ALA A 233 11.78 33.13 1.40
N ARG A 234 13.04 32.73 1.30
CA ARG A 234 13.37 31.34 1.56
C ARG A 234 13.11 30.99 3.01
N GLY A 235 13.40 31.92 3.91
CA GLY A 235 13.13 31.65 5.32
C GLY A 235 11.65 31.50 5.63
N ILE A 236 10.82 32.35 5.04
CA ILE A 236 9.39 32.27 5.26
C ILE A 236 8.82 31.00 4.64
N ALA A 237 9.34 30.58 3.48
CA ALA A 237 8.87 29.36 2.87
C ALA A 237 9.19 28.14 3.72
N ILE A 238 10.41 28.09 4.27
CA ILE A 238 10.76 26.96 5.11
C ILE A 238 9.98 26.98 6.42
N VAL A 239 9.81 28.16 7.01
CA VAL A 239 9.10 28.25 8.32
C VAL A 239 7.59 28.08 8.13
N SER A 240 7.10 28.12 6.90
CA SER A 240 5.65 27.82 6.75
C SER A 240 5.51 26.32 6.58
N VAL A 241 6.31 25.70 5.73
CA VAL A 241 6.29 24.24 5.63
C VAL A 241 6.41 23.60 7.02
N LEU A 242 7.23 24.19 7.88
CA LEU A 242 7.32 23.69 9.25
C LEU A 242 6.00 23.79 10.00
N VAL A 243 5.33 24.94 9.91
CA VAL A 243 4.08 25.14 10.71
C VAL A 243 2.99 24.19 10.22
N ILE A 244 2.85 23.97 8.91
CA ILE A 244 1.91 22.96 8.43
C ILE A 244 2.21 21.59 9.02
N LEU A 245 3.48 21.19 9.03
CA LEU A 245 3.81 19.82 9.43
C LEU A 245 3.56 19.59 10.91
N ILE A 246 3.83 20.59 11.75
CA ILE A 246 3.53 20.33 13.16
C ILE A 246 2.04 20.41 13.40
N SER A 247 1.29 21.07 12.54
CA SER A 247 -0.14 21.06 12.76
C SER A 247 -0.75 19.70 12.45
N ILE A 248 -0.28 19.02 11.40
CA ILE A 248 -0.85 17.69 11.09
C ILE A 248 -0.54 16.69 12.20
N VAL A 249 0.68 16.74 12.75
CA VAL A 249 0.98 15.80 13.83
C VAL A 249 0.11 16.08 15.05
N ILE A 250 -0.25 17.34 15.27
CA ILE A 250 -1.13 17.59 16.40
C ILE A 250 -2.54 17.08 16.16
N PHE A 251 -2.98 17.00 14.90
CA PHE A 251 -4.37 16.57 14.59
C PHE A 251 -4.50 15.06 14.73
N CYS A 252 -3.47 14.27 14.37
CA CYS A 252 -3.53 12.82 14.59
C CYS A 252 -3.23 12.41 16.04
N LEU A 253 -2.25 13.03 16.67
CA LEU A 253 -1.96 12.67 18.05
C LEU A 253 -2.99 13.21 18.99
N GLU A 254 -3.76 14.19 18.58
CA GLU A 254 -4.86 14.66 19.38
C GLU A 254 -5.91 13.60 19.48
N THR A 255 -6.02 12.75 18.45
CA THR A 255 -6.99 11.67 18.65
C THR A 255 -6.41 10.31 19.03
N LEU A 256 -5.16 10.20 19.45
CA LEU A 256 -4.67 8.97 20.13
C LEU A 256 -5.45 8.74 21.43
N PRO A 257 -5.46 7.51 22.00
CA PRO A 257 -6.31 7.30 23.18
C PRO A 257 -5.69 7.48 24.56
N GLU A 258 -4.39 7.69 24.62
CA GLU A 258 -3.78 8.07 25.89
C GLU A 258 -4.01 9.55 26.15
N PHE A 259 -4.06 10.33 25.07
CA PHE A 259 -4.14 11.78 25.18
C PHE A 259 -5.58 12.24 25.21
N SER A 289 -10.33 26.49 26.83
CA SER A 289 -9.60 27.75 26.91
C SER A 289 -8.93 27.94 28.26
N SER A 290 -8.75 26.85 29.01
CA SER A 290 -8.01 26.92 30.26
C SER A 290 -6.51 27.07 30.03
N PHE A 291 -6.06 26.80 28.80
CA PHE A 291 -4.68 27.00 28.34
C PHE A 291 -3.69 26.17 29.12
N SER A 292 -4.12 25.06 29.73
CA SER A 292 -3.17 24.16 30.36
C SER A 292 -2.93 22.91 29.53
N ASP A 293 -3.91 22.54 28.71
CA ASP A 293 -3.79 21.51 27.69
C ASP A 293 -2.66 21.90 26.76
N PRO A 294 -1.70 21.03 26.47
CA PRO A 294 -0.69 21.39 25.48
C PRO A 294 -1.23 21.38 24.06
N PHE A 295 -2.20 20.52 23.79
CA PHE A 295 -2.71 20.42 22.39
C PHE A 295 -3.43 21.70 22.01
N PHE A 296 -4.25 22.28 22.88
CA PHE A 296 -4.89 23.58 22.58
C PHE A 296 -3.84 24.67 22.43
N VAL A 297 -2.83 24.69 23.30
CA VAL A 297 -1.84 25.80 23.22
C VAL A 297 -1.10 25.71 21.89
N VAL A 298 -0.62 24.53 21.50
CA VAL A 298 0.19 24.40 20.25
C VAL A 298 -0.68 24.68 19.03
N GLU A 299 -1.94 24.22 19.03
CA GLU A 299 -2.85 24.53 17.89
C GLU A 299 -3.04 26.04 17.83
N THR A 300 -3.20 26.71 18.97
CA THR A 300 -3.51 28.16 18.91
C THR A 300 -2.36 28.90 18.23
N LEU A 301 -1.11 28.57 18.55
CA LEU A 301 0.00 29.36 17.97
C LEU A 301 -0.04 29.21 16.45
N CYS A 302 -0.30 28.00 15.96
CA CYS A 302 -0.33 27.74 14.50
C CYS A 302 -1.47 28.53 13.86
N ILE A 303 -2.64 28.61 14.50
CA ILE A 303 -3.83 29.30 13.91
C ILE A 303 -3.53 30.80 13.83
N ILE A 304 -2.54 31.27 14.56
CA ILE A 304 -2.17 32.70 14.41
C ILE A 304 -1.29 32.82 13.17
N TRP A 305 -0.20 32.07 13.08
CA TRP A 305 0.71 32.27 11.92
C TRP A 305 -0.12 32.15 10.67
N PHE A 306 -1.05 31.19 10.65
CA PHE A 306 -1.82 30.97 9.41
C PHE A 306 -2.60 32.24 9.10
N SER A 307 -3.11 32.93 10.12
CA SER A 307 -3.97 34.12 9.81
C SER A 307 -3.10 35.34 9.51
N PHE A 308 -1.96 35.50 10.15
CA PHE A 308 -1.13 36.66 9.76
C PHE A 308 -0.78 36.54 8.27
N GLU A 309 -0.41 35.35 7.79
CA GLU A 309 -0.02 35.21 6.37
C GLU A 309 -1.21 35.51 5.46
N LEU A 310 -2.42 35.16 5.85
CA LEU A 310 -3.63 35.45 5.03
C LEU A 310 -3.87 36.96 5.02
N LEU A 311 -3.73 37.60 6.17
CA LEU A 311 -3.94 39.07 6.26
C LEU A 311 -2.81 39.81 5.56
N VAL A 312 -1.55 39.44 5.79
CA VAL A 312 -0.47 40.23 5.13
C VAL A 312 -0.61 40.07 3.62
N ARG A 313 -0.96 38.89 3.15
CA ARG A 313 -1.19 38.70 1.70
C ARG A 313 -2.39 39.55 1.26
N PHE A 314 -3.44 39.61 2.05
CA PHE A 314 -4.65 40.33 1.58
C PHE A 314 -4.31 41.81 1.37
N PHE A 315 -3.58 42.40 2.30
CA PHE A 315 -3.23 43.85 2.19
C PHE A 315 -2.30 44.09 1.00
N ALA A 316 -1.35 43.19 0.76
CA ALA A 316 -0.35 43.43 -0.31
C ALA A 316 -0.85 42.93 -1.67
N CYS A 317 -2.04 42.34 -1.74
CA CYS A 317 -2.49 41.75 -3.03
C CYS A 317 -2.67 42.89 -4.04
N PRO A 318 -2.05 42.91 -5.24
CA PRO A 318 -2.29 44.02 -6.16
C PRO A 318 -3.75 44.25 -6.48
N SER A 319 -4.55 43.21 -6.62
CA SER A 319 -5.92 43.39 -7.04
C SER A 319 -6.82 42.55 -6.17
N LYS A 320 -7.54 43.19 -5.25
CA LYS A 320 -8.40 42.47 -4.31
C LYS A 320 -9.66 41.93 -4.98
N ALA A 321 -9.84 42.19 -6.27
CA ALA A 321 -10.83 41.46 -7.02
C ALA A 321 -10.46 39.98 -7.12
N THR A 322 -9.18 39.71 -7.39
CA THR A 322 -8.77 38.34 -7.72
C THR A 322 -8.75 37.44 -6.49
N PHE A 323 -8.72 38.03 -5.30
CA PHE A 323 -8.32 37.31 -4.10
C PHE A 323 -9.36 36.29 -3.68
N SER A 324 -10.62 36.53 -3.99
CA SER A 324 -11.61 35.52 -3.61
C SER A 324 -11.84 34.54 -4.73
N ARG A 325 -11.02 34.57 -5.76
CA ARG A 325 -11.19 33.69 -6.88
C ARG A 325 -10.15 32.61 -6.92
N ASN A 326 -8.97 32.86 -6.39
CA ASN A 326 -7.90 31.89 -6.37
C ASN A 326 -8.26 30.77 -5.43
N ILE A 327 -7.96 29.54 -5.84
CA ILE A 327 -8.36 28.40 -5.04
C ILE A 327 -7.56 28.35 -3.75
N MET A 328 -6.27 28.62 -3.84
CA MET A 328 -5.39 28.41 -2.69
C MET A 328 -5.68 29.38 -1.58
N ASN A 329 -6.09 30.59 -1.99
CA ASN A 329 -6.46 31.63 -1.02
C ASN A 329 -7.65 31.08 -0.26
N LEU A 330 -8.59 30.44 -0.96
CA LEU A 330 -9.77 29.83 -0.29
C LEU A 330 -9.37 28.67 0.63
N ILE A 331 -8.40 27.85 0.23
CA ILE A 331 -7.95 26.70 1.06
C ILE A 331 -7.42 27.26 2.38
N ASP A 332 -6.81 28.44 2.35
CA ASP A 332 -6.32 29.10 3.59
C ASP A 332 -7.49 29.48 4.49
N ILE A 333 -8.53 30.11 3.95
CA ILE A 333 -9.65 30.60 4.81
C ILE A 333 -10.32 29.40 5.47
N VAL A 334 -10.49 28.29 4.75
CA VAL A 334 -11.20 27.10 5.30
C VAL A 334 -10.46 26.51 6.50
N ALA A 335 -9.13 26.48 6.51
CA ALA A 335 -8.37 25.99 7.69
C ALA A 335 -8.63 26.85 8.91
N ILE A 336 -8.72 28.17 8.73
CA ILE A 336 -8.96 29.14 9.84
C ILE A 336 -10.37 29.01 10.44
N ILE A 337 -11.39 28.73 9.63
CA ILE A 337 -12.81 28.75 10.12
C ILE A 337 -13.10 27.80 11.27
N PRO A 338 -12.72 26.51 11.28
CA PRO A 338 -13.14 25.61 12.33
C PRO A 338 -12.68 26.06 13.73
N TYR A 339 -11.47 26.60 13.83
CA TYR A 339 -10.96 26.99 15.17
C TYR A 339 -11.83 28.10 15.75
N PHE A 340 -12.14 29.13 14.95
CA PHE A 340 -12.91 30.29 15.48
C PHE A 340 -14.34 29.87 15.87
N ILE A 341 -15.00 29.06 15.06
CA ILE A 341 -16.43 28.71 15.37
C ILE A 341 -16.47 27.95 16.70
N THR A 342 -15.50 27.08 16.96
CA THR A 342 -15.46 26.41 18.29
C THR A 342 -15.30 27.47 19.37
N LEU A 343 -14.30 28.33 19.25
CA LEU A 343 -14.04 29.35 20.29
C LEU A 343 -15.37 30.09 20.54
N GLY A 344 -16.11 30.37 19.48
CA GLY A 344 -17.42 31.06 19.62
C GLY A 344 -18.44 30.19 20.32
N THR A 345 -18.58 28.93 19.89
CA THR A 345 -19.48 28.05 20.64
C THR A 345 -19.11 27.99 22.10
N GLU A 346 -17.82 27.87 22.40
CA GLU A 346 -17.43 27.79 23.80
C GLU A 346 -17.49 29.12 24.52
N LEU A 347 -17.51 30.23 23.82
CA LEU A 347 -17.58 31.51 24.51
C LEU A 347 -18.99 32.07 24.61
N ALA A 348 -19.88 31.79 23.65
CA ALA A 348 -21.28 32.09 23.85
C ALA A 348 -21.86 31.10 24.85
N SER A 359 -25.45 21.30 17.72
CA SER A 359 -24.16 20.90 17.16
C SER A 359 -23.59 19.57 17.67
N LEU A 360 -24.40 18.54 17.95
CA LEU A 360 -23.89 17.31 18.55
C LEU A 360 -22.92 16.58 17.61
N ALA A 361 -23.38 16.21 16.41
CA ALA A 361 -22.51 15.64 15.39
C ALA A 361 -22.12 16.66 14.35
N ILE A 362 -22.76 17.83 14.39
CA ILE A 362 -22.32 18.92 13.48
C ILE A 362 -20.87 19.17 13.87
N LEU A 363 -20.60 19.17 15.18
CA LEU A 363 -19.22 19.36 15.67
C LEU A 363 -18.32 18.23 15.16
N ARG A 364 -18.80 16.99 15.08
CA ARG A 364 -17.93 15.93 14.49
C ARG A 364 -17.63 16.31 13.02
N VAL A 365 -18.61 16.83 12.28
CA VAL A 365 -18.35 17.30 10.89
C VAL A 365 -17.33 18.44 10.95
N ILE A 366 -17.46 19.33 11.94
CA ILE A 366 -16.48 20.45 12.10
C ILE A 366 -15.10 19.82 12.35
N ARG A 367 -15.04 18.74 13.12
CA ARG A 367 -13.75 18.03 13.32
C ARG A 367 -13.26 17.39 12.02
N LEU A 368 -14.17 16.90 11.16
CA LEU A 368 -13.67 16.36 9.87
C LEU A 368 -13.15 17.51 9.00
N VAL A 369 -13.87 18.61 8.89
CA VAL A 369 -13.49 19.66 7.95
C VAL A 369 -12.23 20.32 8.50
N ARG A 370 -11.74 19.83 9.63
CA ARG A 370 -10.38 20.18 10.00
C ARG A 370 -9.35 19.59 9.07
N VAL A 371 -9.70 18.54 8.32
CA VAL A 371 -8.69 17.76 7.62
C VAL A 371 -8.17 18.46 6.39
N PHE A 372 -8.77 19.55 5.98
CA PHE A 372 -8.27 20.21 4.79
C PHE A 372 -7.06 21.06 5.03
N ARG A 373 -6.43 20.99 6.20
CA ARG A 373 -5.22 21.76 6.41
C ARG A 373 -4.01 21.09 5.81
N ILE A 374 -4.15 19.89 5.26
CA ILE A 374 -3.02 19.34 4.51
C ILE A 374 -2.92 19.99 3.16
N PHE A 375 -4.01 20.45 2.57
CA PHE A 375 -3.97 21.02 1.24
C PHE A 375 -3.29 22.36 1.19
N LYS A 376 -2.91 22.88 2.35
CA LYS A 376 -2.18 24.16 2.37
C LYS A 376 -0.81 23.92 1.77
N LEU A 377 -0.40 22.66 1.65
CA LEU A 377 0.91 22.29 1.06
C LEU A 377 0.88 22.58 -0.44
N SER A 378 -0.31 22.66 -1.04
CA SER A 378 -0.46 22.84 -2.50
C SER A 378 0.26 24.07 -3.04
N ARG A 379 0.66 25.02 -2.21
CA ARG A 379 1.42 26.12 -2.75
C ARG A 379 2.89 25.77 -2.78
N HIS A 380 3.33 24.93 -1.86
CA HIS A 380 4.74 24.67 -1.73
C HIS A 380 5.14 23.40 -2.42
N SER A 381 4.51 23.09 -3.53
CA SER A 381 4.86 21.93 -4.33
C SER A 381 4.31 22.04 -5.71
N LYS A 382 5.11 21.75 -6.70
CA LYS A 382 4.57 21.55 -8.04
C LYS A 382 4.22 20.11 -8.28
N GLY A 383 3.98 19.34 -7.23
CA GLY A 383 3.47 18.01 -7.45
C GLY A 383 1.99 18.01 -7.24
N LEU A 384 1.49 18.84 -6.33
CA LEU A 384 0.07 18.88 -6.09
C LEU A 384 -0.67 19.75 -7.07
N GLN A 385 -0.04 20.74 -7.64
CA GLN A 385 -0.76 21.56 -8.60
C GLN A 385 -0.99 20.83 -9.91
N ILE A 386 -0.08 19.95 -10.30
CA ILE A 386 -0.31 19.18 -11.52
C ILE A 386 -1.37 18.12 -11.29
N LEU A 387 -1.49 17.62 -10.07
CA LEU A 387 -2.56 16.70 -9.80
C LEU A 387 -3.89 17.43 -9.74
N GLY A 388 -3.87 18.69 -9.34
CA GLY A 388 -5.10 19.47 -9.38
C GLY A 388 -5.58 19.72 -10.79
N GLN A 389 -4.66 20.03 -11.69
CA GLN A 389 -5.09 20.25 -13.07
C GLN A 389 -5.50 18.96 -13.75
N THR A 390 -4.84 17.84 -13.42
CA THR A 390 -5.22 16.56 -14.00
C THR A 390 -6.59 16.12 -13.53
N LEU A 391 -6.93 16.36 -12.26
CA LEU A 391 -8.28 16.02 -11.82
C LEU A 391 -9.28 17.12 -12.09
N LYS A 392 -8.87 18.22 -12.71
CA LYS A 392 -9.87 19.19 -13.17
C LYS A 392 -10.19 18.99 -14.63
N ALA A 393 -9.19 18.74 -15.46
CA ALA A 393 -9.48 18.51 -16.85
C ALA A 393 -9.86 17.08 -17.17
N SER A 394 -10.11 16.25 -16.17
CA SER A 394 -10.55 14.86 -16.36
C SER A 394 -11.68 14.53 -15.42
N MET A 395 -12.73 15.33 -15.43
CA MET A 395 -13.89 15.02 -14.61
C MET A 395 -14.79 14.00 -15.30
N ARG A 396 -14.84 14.03 -16.61
CA ARG A 396 -15.73 13.13 -17.31
C ARG A 396 -15.23 11.70 -17.18
N GLU A 397 -13.92 11.50 -17.23
CA GLU A 397 -13.41 10.16 -17.05
C GLU A 397 -13.25 9.76 -15.61
N LEU A 398 -13.89 10.41 -14.67
CA LEU A 398 -14.05 9.84 -13.36
C LEU A 398 -15.50 9.57 -13.13
N GLY A 399 -16.35 10.37 -13.74
CA GLY A 399 -17.75 10.00 -13.78
C GLY A 399 -17.96 8.66 -14.43
N LEU A 400 -17.21 8.38 -15.49
CA LEU A 400 -17.34 7.10 -16.16
C LEU A 400 -16.84 5.97 -15.29
N LEU A 401 -15.80 6.20 -14.52
CA LEU A 401 -15.23 5.12 -13.72
C LEU A 401 -16.17 4.70 -12.62
N ILE A 402 -16.76 5.67 -11.94
CA ILE A 402 -17.71 5.33 -10.89
C ILE A 402 -19.03 4.81 -11.46
N PHE A 403 -19.42 5.25 -12.65
CA PHE A 403 -20.64 4.71 -13.25
C PHE A 403 -20.49 3.28 -13.69
N PHE A 404 -19.36 2.94 -14.33
CA PHE A 404 -19.11 1.57 -14.74
C PHE A 404 -19.01 0.66 -13.54
N LEU A 405 -18.39 1.15 -12.48
CA LEU A 405 -18.25 0.32 -11.30
C LEU A 405 -19.57 0.09 -10.61
N PHE A 406 -20.47 1.07 -10.61
CA PHE A 406 -21.75 0.85 -9.98
C PHE A 406 -22.61 -0.12 -10.77
N ILE A 407 -22.56 -0.09 -12.10
CA ILE A 407 -23.47 -0.98 -12.87
C ILE A 407 -23.08 -2.42 -12.56
N GLY A 408 -21.80 -2.71 -12.49
CA GLY A 408 -21.37 -4.08 -12.17
C GLY A 408 -21.81 -4.50 -10.78
N VAL A 409 -21.70 -3.62 -9.80
CA VAL A 409 -22.02 -3.98 -8.40
C VAL A 409 -23.52 -4.30 -8.32
N ILE A 410 -24.39 -3.73 -9.15
CA ILE A 410 -25.83 -4.11 -9.11
C ILE A 410 -26.06 -5.33 -10.01
N LEU A 411 -25.12 -5.71 -10.87
CA LEU A 411 -25.30 -6.85 -11.83
C LEU A 411 -24.61 -8.12 -11.34
N PHE A 412 -23.49 -8.04 -10.60
CA PHE A 412 -22.89 -9.30 -10.08
C PHE A 412 -23.46 -9.68 -8.73
N SER A 413 -23.78 -8.70 -7.90
CA SER A 413 -24.33 -8.96 -6.56
C SER A 413 -25.64 -9.72 -6.66
N SER A 414 -26.52 -9.32 -7.57
CA SER A 414 -27.82 -10.00 -7.70
C SER A 414 -27.62 -11.45 -8.09
N ALA A 415 -26.70 -11.74 -9.00
CA ALA A 415 -26.40 -13.13 -9.40
C ALA A 415 -25.98 -13.99 -8.21
N VAL A 416 -24.99 -13.59 -7.43
CA VAL A 416 -24.53 -14.36 -6.24
C VAL A 416 -25.64 -14.46 -5.20
N TYR A 417 -26.47 -13.43 -4.97
CA TYR A 417 -27.54 -13.64 -3.98
C TYR A 417 -28.47 -14.76 -4.44
N PHE A 418 -28.88 -14.76 -5.70
CA PHE A 418 -29.81 -15.80 -6.21
C PHE A 418 -29.14 -17.18 -6.24
N ALA A 419 -27.87 -17.25 -6.64
CA ALA A 419 -27.13 -18.53 -6.70
C ALA A 419 -26.96 -19.13 -5.31
N GLU A 420 -26.49 -18.35 -4.35
CA GLU A 420 -26.38 -18.80 -2.95
C GLU A 420 -27.65 -18.38 -2.24
N ALA A 421 -28.80 -18.92 -2.64
CA ALA A 421 -30.08 -18.41 -2.08
C ALA A 421 -30.47 -19.25 -0.89
N ASP A 422 -30.52 -20.57 -1.09
CA ASP A 422 -31.04 -21.43 0.01
C ASP A 422 -29.96 -22.36 0.54
N ASP A 423 -29.05 -21.83 1.35
CA ASP A 423 -27.97 -22.61 1.98
C ASP A 423 -27.51 -21.75 3.16
N PRO A 424 -26.66 -22.18 4.12
CA PRO A 424 -26.20 -21.27 5.16
C PRO A 424 -25.14 -20.48 4.39
N THR A 425 -25.60 -19.60 3.50
CA THR A 425 -24.67 -18.89 2.59
C THR A 425 -24.12 -17.60 3.18
N SER A 426 -23.15 -17.73 4.08
CA SER A 426 -22.46 -16.53 4.59
C SER A 426 -23.49 -15.48 4.98
N GLY A 427 -23.25 -14.28 4.51
CA GLY A 427 -24.18 -13.19 4.80
C GLY A 427 -24.99 -12.81 3.57
N PHE A 428 -25.03 -13.67 2.56
CA PHE A 428 -25.75 -13.20 1.35
C PHE A 428 -27.22 -13.37 1.65
N SER A 429 -27.73 -12.59 2.61
CA SER A 429 -29.14 -12.65 3.04
C SER A 429 -29.99 -11.62 2.30
N SER A 430 -29.38 -10.75 1.50
CA SER A 430 -30.13 -9.77 0.70
C SER A 430 -29.28 -9.32 -0.47
N ILE A 431 -29.87 -8.86 -1.57
CA ILE A 431 -29.05 -8.27 -2.66
C ILE A 431 -28.34 -7.06 -2.07
N PRO A 432 -28.94 -6.19 -1.23
CA PRO A 432 -28.22 -5.04 -0.70
C PRO A 432 -26.98 -5.40 0.09
N ASP A 433 -26.94 -6.56 0.76
CA ASP A 433 -25.76 -7.03 1.55
C ASP A 433 -24.55 -7.33 0.66
N ALA A 434 -24.74 -7.93 -0.51
CA ALA A 434 -23.60 -8.38 -1.32
C ALA A 434 -22.82 -7.21 -1.91
N PHE A 435 -23.30 -5.98 -1.80
CA PHE A 435 -22.61 -4.85 -2.45
C PHE A 435 -21.19 -4.71 -1.90
N TRP A 436 -20.93 -4.97 -0.62
CA TRP A 436 -19.55 -4.95 -0.10
C TRP A 436 -18.70 -6.03 -0.77
N TRP A 437 -19.19 -7.25 -0.97
CA TRP A 437 -18.43 -8.34 -1.61
C TRP A 437 -18.08 -7.98 -3.04
N ALA A 438 -18.94 -7.30 -3.79
CA ALA A 438 -18.64 -7.07 -5.20
C ALA A 438 -17.69 -5.90 -5.37
N VAL A 439 -17.69 -4.91 -4.48
CA VAL A 439 -16.67 -3.83 -4.51
C VAL A 439 -15.29 -4.35 -4.12
N VAL A 440 -15.18 -5.17 -3.08
CA VAL A 440 -13.88 -5.79 -2.68
C VAL A 440 -13.38 -6.80 -3.73
N THR A 441 -14.20 -7.55 -4.45
CA THR A 441 -13.64 -8.53 -5.40
C THR A 441 -13.25 -7.83 -6.70
N MET A 442 -14.04 -6.90 -7.21
CA MET A 442 -13.79 -6.19 -8.49
C MET A 442 -12.56 -5.28 -8.43
N THR A 443 -12.34 -4.54 -7.34
CA THR A 443 -11.14 -3.67 -7.20
C THR A 443 -9.93 -4.51 -6.79
N THR A 444 -10.07 -5.82 -6.60
CA THR A 444 -9.00 -6.79 -6.27
C THR A 444 -8.46 -6.68 -4.84
N VAL A 445 -9.12 -5.97 -3.92
CA VAL A 445 -8.64 -5.97 -2.51
C VAL A 445 -8.87 -7.34 -1.89
N GLY A 446 -10.06 -7.92 -2.01
CA GLY A 446 -10.32 -9.27 -1.50
C GLY A 446 -9.95 -9.43 -0.04
N TYR A 447 -10.69 -8.83 0.87
CA TYR A 447 -10.38 -8.93 2.31
C TYR A 447 -10.58 -10.36 2.78
N GLY A 448 -11.61 -11.03 2.29
CA GLY A 448 -11.87 -12.44 2.65
C GLY A 448 -12.91 -12.59 3.71
N ASP A 449 -13.57 -11.51 4.08
CA ASP A 449 -14.66 -11.51 5.10
C ASP A 449 -15.83 -12.35 4.59
N MET A 450 -16.38 -12.01 3.42
CA MET A 450 -17.50 -12.76 2.81
C MET A 450 -17.02 -13.35 1.48
N HIS A 451 -17.26 -14.64 1.27
CA HIS A 451 -16.83 -15.33 0.04
C HIS A 451 -17.98 -16.24 -0.40
N PRO A 452 -18.14 -16.62 -1.68
CA PRO A 452 -19.17 -17.56 -2.08
C PRO A 452 -18.90 -19.00 -1.64
N VAL A 453 -19.93 -19.84 -1.41
CA VAL A 453 -19.72 -21.23 -0.89
C VAL A 453 -20.51 -22.31 -1.65
N THR A 454 -20.97 -22.11 -2.88
CA THR A 454 -21.63 -23.13 -3.70
C THR A 454 -20.85 -23.28 -4.98
N ILE A 455 -21.47 -23.86 -6.00
CA ILE A 455 -20.79 -23.90 -7.30
C ILE A 455 -21.21 -22.73 -8.19
N GLY A 456 -22.46 -22.32 -8.11
CA GLY A 456 -22.87 -21.14 -8.85
C GLY A 456 -22.29 -19.88 -8.27
N GLY A 457 -22.18 -19.81 -6.96
CA GLY A 457 -21.55 -18.63 -6.37
C GLY A 457 -20.12 -18.56 -6.82
N LYS A 458 -19.43 -19.68 -6.91
CA LYS A 458 -18.02 -19.60 -7.22
C LYS A 458 -17.79 -19.25 -8.69
N ILE A 459 -18.65 -19.70 -9.58
CA ILE A 459 -18.48 -19.33 -10.98
C ILE A 459 -18.82 -17.85 -11.19
N VAL A 460 -19.73 -17.32 -10.39
CA VAL A 460 -20.03 -15.85 -10.49
C VAL A 460 -18.90 -15.07 -9.83
N GLY A 461 -18.22 -15.63 -8.83
CA GLY A 461 -17.07 -14.93 -8.29
C GLY A 461 -15.90 -14.86 -9.26
N SER A 462 -15.74 -15.86 -10.11
CA SER A 462 -14.65 -15.81 -11.08
C SER A 462 -14.91 -14.77 -12.15
N LEU A 463 -16.15 -14.73 -12.67
CA LEU A 463 -16.45 -13.73 -13.68
C LEU A 463 -16.42 -12.34 -13.11
N CYS A 464 -16.75 -12.17 -11.83
CA CYS A 464 -16.72 -10.83 -11.17
C CYS A 464 -15.28 -10.35 -11.10
N ALA A 465 -14.34 -11.21 -10.78
CA ALA A 465 -12.96 -10.76 -10.67
C ALA A 465 -12.40 -10.28 -12.00
N ILE A 466 -12.68 -11.01 -13.08
CA ILE A 466 -12.11 -10.56 -14.36
C ILE A 466 -12.85 -9.35 -14.92
N ALA A 467 -14.17 -9.26 -14.72
CA ALA A 467 -14.88 -8.08 -15.18
C ALA A 467 -14.51 -6.85 -14.39
N GLY A 468 -13.81 -6.99 -13.28
CA GLY A 468 -13.41 -5.74 -12.61
C GLY A 468 -12.03 -5.26 -12.99
N VAL A 469 -11.17 -6.13 -13.51
CA VAL A 469 -9.85 -5.68 -14.02
C VAL A 469 -10.07 -4.96 -15.34
N LEU A 470 -11.16 -5.28 -16.04
CA LEU A 470 -11.47 -4.66 -17.35
C LEU A 470 -12.22 -3.36 -17.11
N THR A 471 -13.25 -3.35 -16.26
CA THR A 471 -13.96 -2.09 -16.16
C THR A 471 -13.22 -1.05 -15.33
N ILE A 472 -12.13 -1.44 -14.67
CA ILE A 472 -11.23 -0.46 -14.06
C ILE A 472 -10.23 0.04 -15.08
N ALA A 473 -9.64 -0.85 -15.85
CA ALA A 473 -8.57 -0.37 -16.71
C ALA A 473 -9.04 0.31 -17.98
N LEU A 474 -10.35 0.54 -18.18
CA LEU A 474 -10.80 1.15 -19.42
C LEU A 474 -10.76 2.68 -19.40
N PRO A 475 -11.16 3.41 -18.34
CA PRO A 475 -10.97 4.86 -18.38
C PRO A 475 -9.70 5.41 -17.78
N VAL A 476 -8.83 4.60 -17.22
CA VAL A 476 -7.65 5.14 -16.57
C VAL A 476 -6.58 5.60 -17.56
N PRO A 477 -6.32 4.96 -18.71
CA PRO A 477 -5.40 5.56 -19.68
C PRO A 477 -5.67 6.98 -20.14
N VAL A 478 -6.90 7.44 -20.10
CA VAL A 478 -7.15 8.84 -20.42
C VAL A 478 -6.57 9.73 -19.33
N ILE A 479 -6.80 9.38 -18.06
CA ILE A 479 -6.36 10.25 -16.93
C ILE A 479 -4.85 10.20 -16.78
N VAL A 480 -4.20 9.04 -16.98
CA VAL A 480 -2.71 8.98 -16.93
C VAL A 480 -2.11 9.82 -18.05
N SER A 481 -2.71 9.81 -19.24
CA SER A 481 -2.23 10.68 -20.35
C SER A 481 -2.41 12.15 -20.00
N ASN A 482 -3.52 12.54 -19.37
CA ASN A 482 -3.64 13.99 -19.07
C ASN A 482 -2.50 14.40 -18.14
N PHE A 483 -2.15 13.59 -17.12
CA PHE A 483 -1.10 13.99 -16.16
C PHE A 483 0.20 14.13 -16.95
N ASN A 484 0.45 13.23 -17.89
CA ASN A 484 1.76 13.32 -18.61
C ASN A 484 1.81 14.63 -19.39
N TYR A 485 0.73 15.05 -20.05
CA TYR A 485 0.86 16.32 -20.80
C TYR A 485 1.14 17.47 -19.84
N PHE A 486 0.39 17.57 -18.74
CA PHE A 486 0.58 18.71 -17.81
C PHE A 486 1.95 18.63 -17.16
N TYR A 487 2.41 17.43 -16.84
CA TYR A 487 3.71 17.26 -16.14
C TYR A 487 4.88 17.70 -17.00
N HIS A 488 4.90 17.32 -18.27
CA HIS A 488 6.09 17.64 -19.10
C HIS A 488 5.99 19.04 -19.71
N ARG A 489 4.79 19.60 -19.75
CA ARG A 489 4.59 20.90 -20.42
C ARG A 489 5.26 21.93 -19.53
N GLU A 490 5.70 21.51 -18.37
CA GLU A 490 6.43 22.47 -17.58
C GLU A 490 7.67 22.99 -18.30
N THR A 491 8.31 22.16 -19.12
CA THR A 491 9.50 22.53 -19.85
C THR A 491 9.19 23.36 -21.09
N GLY B 103 0.13 12.79 -76.79
CA GLY B 103 -0.85 13.89 -76.87
C GLY B 103 -0.20 15.23 -76.64
N GLU B 104 -0.99 16.30 -76.56
CA GLU B 104 -0.43 17.64 -76.25
C GLU B 104 0.02 17.67 -74.79
N ARG B 105 1.16 18.30 -74.52
CA ARG B 105 1.72 18.25 -73.15
C ARG B 105 1.29 19.51 -72.38
N VAL B 106 0.23 19.40 -71.59
CA VAL B 106 -0.20 20.57 -70.77
C VAL B 106 0.92 20.82 -69.78
N VAL B 107 1.39 22.07 -69.66
CA VAL B 107 2.41 22.40 -68.64
C VAL B 107 1.71 23.26 -67.59
N ILE B 108 1.62 22.77 -66.36
CA ILE B 108 0.88 23.53 -65.31
C ILE B 108 1.94 24.05 -64.35
N ASN B 109 1.98 25.35 -64.11
CA ASN B 109 2.91 25.92 -63.12
C ASN B 109 2.09 26.05 -61.85
N ILE B 110 2.60 25.68 -60.67
CA ILE B 110 1.85 25.91 -59.41
C ILE B 110 2.78 26.69 -58.49
N SER B 111 2.91 27.98 -58.71
CA SER B 111 3.75 28.89 -57.89
C SER B 111 5.23 28.84 -58.25
N GLY B 112 5.62 28.15 -59.34
CA GLY B 112 7.05 28.02 -59.67
C GLY B 112 7.49 26.58 -59.85
N LEU B 113 6.60 25.63 -59.63
CA LEU B 113 6.91 24.22 -59.72
C LEU B 113 6.24 23.64 -60.95
N ARG B 114 6.98 23.41 -62.01
CA ARG B 114 6.35 23.06 -63.28
C ARG B 114 5.93 21.60 -63.33
N PHE B 115 4.64 21.38 -63.48
CA PHE B 115 4.13 20.03 -63.66
C PHE B 115 3.85 19.87 -65.13
N GLU B 116 4.16 18.71 -65.71
CA GLU B 116 3.86 18.42 -67.11
C GLU B 116 3.20 17.07 -67.24
N THR B 117 2.30 16.92 -68.19
CA THR B 117 1.59 15.66 -68.38
C THR B 117 1.07 15.59 -69.81
N GLN B 118 0.24 14.56 -70.07
CA GLN B 118 -0.45 14.38 -71.35
C GLN B 118 -1.90 14.84 -71.26
N LEU B 119 -2.39 15.46 -72.32
CA LEU B 119 -3.72 16.08 -72.27
C LEU B 119 -4.81 15.04 -72.17
N LYS B 120 -4.56 13.83 -72.68
CA LYS B 120 -5.56 12.76 -72.60
C LYS B 120 -5.76 12.29 -71.17
N THR B 121 -4.77 12.54 -70.31
CA THR B 121 -4.89 12.15 -68.89
C THR B 121 -5.87 13.13 -68.24
N LEU B 122 -5.76 14.42 -68.59
CA LEU B 122 -6.70 15.42 -68.06
C LEU B 122 -8.10 15.09 -68.59
N CYS B 123 -8.19 14.59 -69.82
CA CYS B 123 -9.51 14.29 -70.46
C CYS B 123 -10.26 13.20 -69.70
N GLN B 124 -9.59 12.41 -68.85
CA GLN B 124 -10.28 11.26 -68.21
C GLN B 124 -11.50 11.77 -67.48
N PHE B 125 -11.39 12.92 -66.81
CA PHE B 125 -12.63 13.49 -66.22
C PHE B 125 -12.98 14.75 -67.02
N PRO B 126 -14.04 14.75 -67.85
CA PRO B 126 -14.45 15.95 -68.56
C PRO B 126 -14.95 17.05 -67.62
N GLU B 127 -15.68 16.65 -66.57
CA GLU B 127 -16.30 17.63 -65.65
C GLU B 127 -15.28 18.44 -64.85
N THR B 128 -14.17 17.85 -64.42
CA THR B 128 -13.29 18.60 -63.47
C THR B 128 -12.68 19.90 -64.02
N LEU B 129 -12.17 20.78 -63.16
CA LEU B 129 -11.64 22.09 -63.53
C LEU B 129 -10.63 21.96 -64.64
N LEU B 130 -9.86 20.88 -64.63
CA LEU B 130 -8.90 20.66 -65.70
C LEU B 130 -9.56 19.95 -66.87
N GLY B 131 -10.78 19.46 -66.73
CA GLY B 131 -11.42 18.83 -67.90
C GLY B 131 -12.12 19.85 -68.79
N ASP B 132 -12.88 20.79 -68.22
CA ASP B 132 -13.62 21.71 -69.08
C ASP B 132 -12.74 22.87 -69.53
N PRO B 133 -12.45 22.99 -70.82
CA PRO B 133 -11.50 24.00 -71.27
C PRO B 133 -12.06 25.40 -71.21
N LYS B 134 -13.38 25.55 -71.19
CA LYS B 134 -13.96 26.84 -70.92
C LYS B 134 -13.71 27.26 -69.48
N ARG B 135 -13.60 26.27 -68.58
CA ARG B 135 -13.39 26.58 -67.15
C ARG B 135 -11.93 26.99 -66.92
N ARG B 136 -10.98 26.19 -67.41
CA ARG B 136 -9.54 26.46 -67.15
C ARG B 136 -9.01 27.54 -68.09
N MET B 137 -9.86 28.07 -68.95
CA MET B 137 -9.44 29.12 -69.92
C MET B 137 -8.95 30.34 -69.14
N ARG B 138 -9.57 30.65 -68.01
CA ARG B 138 -9.24 31.90 -67.27
C ARG B 138 -7.75 31.91 -66.88
N TYR B 139 -7.24 30.79 -66.38
CA TYR B 139 -5.84 30.73 -65.87
C TYR B 139 -4.76 30.85 -66.95
N PHE B 140 -4.97 30.29 -68.13
CA PHE B 140 -3.89 30.22 -69.16
C PHE B 140 -3.29 31.59 -69.47
N ASP B 141 -1.95 31.66 -69.51
CA ASP B 141 -1.24 32.91 -69.88
C ASP B 141 -0.37 32.59 -71.09
N PRO B 142 -0.55 33.19 -72.29
CA PRO B 142 0.20 32.76 -73.47
C PRO B 142 1.58 33.40 -73.58
N LEU B 143 1.91 34.30 -72.67
CA LEU B 143 3.27 34.90 -72.70
C LEU B 143 4.29 33.79 -72.48
N ARG B 144 4.01 32.89 -71.53
CA ARG B 144 4.92 31.75 -71.27
C ARG B 144 4.27 30.42 -71.71
N ASN B 145 3.02 30.45 -72.20
CA ASN B 145 2.38 29.22 -72.75
C ASN B 145 1.90 28.30 -71.63
N GLU B 146 2.16 28.66 -70.38
CA GLU B 146 1.81 27.71 -69.28
C GLU B 146 0.80 28.33 -68.31
N TYR B 147 -0.08 27.51 -67.74
CA TYR B 147 -1.06 28.03 -66.75
C TYR B 147 -0.31 28.45 -65.47
N PHE B 148 -0.89 29.32 -64.64
CA PHE B 148 -0.25 29.71 -63.35
C PHE B 148 -1.30 29.73 -62.25
N PHE B 149 -1.65 28.57 -61.71
CA PHE B 149 -2.63 28.52 -60.59
C PHE B 149 -1.85 28.78 -59.31
N ASP B 150 -1.90 29.98 -58.73
CA ASP B 150 -1.04 30.27 -57.55
C ASP B 150 -1.68 29.69 -56.30
N ARG B 151 -1.22 28.55 -55.83
CA ARG B 151 -1.79 27.89 -54.63
C ARG B 151 -0.66 27.27 -53.81
N ASN B 152 -0.98 26.36 -52.88
CA ASN B 152 0.03 25.65 -52.07
C ASN B 152 0.77 24.66 -52.97
N ARG B 153 2.09 24.76 -53.03
CA ARG B 153 2.85 23.89 -53.94
C ARG B 153 2.88 22.43 -53.49
N PRO B 154 3.18 22.08 -52.22
CA PRO B 154 3.33 20.68 -51.86
C PRO B 154 2.11 19.75 -51.83
N SER B 155 0.93 20.25 -52.21
CA SER B 155 -0.32 19.45 -52.16
C SER B 155 -0.95 19.34 -53.53
N PHE B 156 -0.24 19.71 -54.59
CA PHE B 156 -0.81 19.50 -55.90
C PHE B 156 -0.48 18.12 -56.43
N ASP B 157 0.51 17.50 -55.83
CA ASP B 157 0.99 16.19 -56.27
C ASP B 157 -0.10 15.15 -56.20
N ALA B 158 -0.88 15.14 -55.13
CA ALA B 158 -1.88 14.10 -54.97
C ALA B 158 -3.04 14.30 -55.93
N ILE B 159 -3.32 15.56 -56.27
CA ILE B 159 -4.32 15.87 -57.28
C ILE B 159 -3.93 15.27 -58.62
N LEU B 160 -2.69 15.48 -59.02
CA LEU B 160 -2.27 14.94 -60.30
C LEU B 160 -2.16 13.43 -60.24
N TYR B 161 -1.94 12.87 -59.05
CA TYR B 161 -1.90 11.41 -58.99
C TYR B 161 -3.29 10.80 -59.12
N TYR B 162 -4.30 11.49 -58.58
CA TYR B 162 -5.70 11.04 -58.75
C TYR B 162 -6.01 10.97 -60.25
N TYR B 163 -5.69 11.99 -61.02
CA TYR B 163 -6.07 11.91 -62.44
C TYR B 163 -5.34 10.75 -63.09
N GLN B 164 -4.03 10.61 -62.87
CA GLN B 164 -3.22 9.58 -63.57
C GLN B 164 -3.68 8.16 -63.24
N SER B 165 -4.03 7.87 -62.00
CA SER B 165 -4.41 6.46 -61.72
C SER B 165 -5.89 6.26 -62.04
N GLY B 166 -6.58 7.34 -62.40
CA GLY B 166 -8.01 7.24 -62.73
C GLY B 166 -8.92 7.35 -61.54
N GLY B 167 -8.52 6.87 -60.37
CA GLY B 167 -9.46 7.07 -59.24
C GLY B 167 -8.89 6.72 -57.89
N ARG B 168 -7.68 7.18 -57.57
CA ARG B 168 -7.20 6.93 -56.21
C ARG B 168 -6.79 8.26 -55.60
N ILE B 169 -7.20 8.51 -54.36
CA ILE B 169 -6.78 9.74 -53.71
C ILE B 169 -6.15 9.38 -52.38
N ARG B 170 -5.09 10.10 -52.02
CA ARG B 170 -4.41 9.96 -50.75
C ARG B 170 -3.94 11.33 -50.30
N ARG B 171 -3.55 11.42 -49.09
CA ARG B 171 -3.13 12.75 -48.69
C ARG B 171 -1.62 12.79 -48.55
N PRO B 172 -0.97 13.89 -48.93
CA PRO B 172 0.44 14.06 -48.60
C PRO B 172 0.61 14.22 -47.10
N VAL B 173 1.65 13.59 -46.54
CA VAL B 173 1.71 13.47 -45.09
C VAL B 173 2.20 14.74 -44.45
N ASN B 174 2.83 15.62 -45.21
CA ASN B 174 3.22 16.90 -44.62
C ASN B 174 2.30 18.03 -45.07
N VAL B 175 1.02 17.74 -45.24
CA VAL B 175 0.02 18.77 -45.53
C VAL B 175 -1.20 18.51 -44.64
N PRO B 176 -1.74 19.53 -43.98
CA PRO B 176 -2.81 19.29 -43.01
C PRO B 176 -4.17 19.22 -43.68
N ILE B 177 -5.14 18.71 -42.92
CA ILE B 177 -6.39 18.25 -43.50
C ILE B 177 -7.25 19.43 -43.95
N ASP B 178 -7.05 20.54 -43.25
CA ASP B 178 -7.74 21.80 -43.66
C ASP B 178 -7.25 22.18 -45.05
N ILE B 179 -5.93 22.23 -45.25
CA ILE B 179 -5.38 22.74 -46.55
C ILE B 179 -5.59 21.72 -47.66
N PHE B 180 -5.45 20.42 -47.41
CA PHE B 180 -5.72 19.49 -48.53
C PHE B 180 -7.20 19.59 -48.93
N SER B 181 -8.09 19.67 -47.94
CA SER B 181 -9.53 19.74 -48.24
C SER B 181 -9.81 21.03 -48.99
N GLU B 182 -9.17 22.13 -48.58
CA GLU B 182 -9.50 23.41 -49.23
C GLU B 182 -9.14 23.29 -50.72
N GLU B 183 -8.00 22.69 -51.03
CA GLU B 183 -7.57 22.55 -52.44
C GLU B 183 -8.54 21.65 -53.22
N ILE B 184 -9.05 20.60 -52.61
CA ILE B 184 -9.92 19.67 -53.38
C ILE B 184 -11.12 20.46 -53.90
N ARG B 185 -11.66 21.35 -53.07
CA ARG B 185 -12.82 22.18 -53.47
C ARG B 185 -12.43 23.14 -54.60
N PHE B 186 -11.25 23.74 -54.53
CA PHE B 186 -10.89 24.76 -55.57
C PHE B 186 -10.88 24.08 -56.94
N TYR B 187 -10.36 22.86 -57.03
CA TYR B 187 -10.28 22.16 -58.33
C TYR B 187 -11.58 21.39 -58.55
N GLN B 188 -12.46 21.37 -57.56
CA GLN B 188 -13.79 20.71 -57.69
C GLN B 188 -13.65 19.26 -58.14
N LEU B 189 -12.87 18.46 -57.43
CA LEU B 189 -12.81 17.04 -57.77
C LEU B 189 -14.16 16.39 -57.61
N GLY B 190 -15.10 17.07 -56.99
CA GLY B 190 -16.47 16.63 -56.94
C GLY B 190 -16.74 16.07 -55.56
N GLU B 191 -18.01 16.09 -55.18
CA GLU B 191 -18.38 15.66 -53.84
C GLU B 191 -18.25 14.15 -53.69
N GLU B 192 -18.31 13.39 -54.79
CA GLU B 192 -18.05 11.96 -54.67
C GLU B 192 -16.57 11.69 -54.41
N ALA B 193 -15.69 12.51 -54.97
CA ALA B 193 -14.28 12.39 -54.65
C ALA B 193 -14.03 12.84 -53.23
N MET B 194 -14.72 13.90 -52.82
CA MET B 194 -14.56 14.39 -51.42
C MET B 194 -14.95 13.23 -50.50
N GLU B 195 -15.88 12.39 -50.94
CA GLU B 195 -16.25 11.20 -50.15
C GLU B 195 -15.05 10.23 -50.06
N LYS B 196 -14.30 10.10 -51.15
CA LYS B 196 -13.17 9.14 -51.18
C LYS B 196 -12.13 9.57 -50.14
N PHE B 197 -11.85 10.88 -50.09
CA PHE B 197 -10.93 11.41 -49.05
C PHE B 197 -11.49 10.99 -47.70
N ARG B 198 -12.80 11.13 -47.53
CA ARG B 198 -13.40 10.85 -46.21
C ARG B 198 -13.22 9.38 -45.87
N GLU B 199 -13.32 8.49 -46.85
CA GLU B 199 -13.27 7.06 -46.48
C GLU B 199 -11.81 6.73 -46.21
N ASP B 200 -10.88 7.60 -46.61
CA ASP B 200 -9.47 7.36 -46.25
C ASP B 200 -9.13 7.91 -44.87
N GLU B 201 -9.58 9.13 -44.55
CA GLU B 201 -9.36 9.68 -43.18
C GLU B 201 -10.16 8.83 -42.18
N GLY B 202 -11.36 8.40 -42.55
CA GLY B 202 -12.11 7.50 -41.65
C GLY B 202 -12.99 8.25 -40.68
N PHE B 203 -13.08 9.57 -40.80
CA PHE B 203 -13.87 10.35 -39.80
C PHE B 203 -15.31 9.86 -39.87
N LEU B 204 -16.03 9.86 -38.74
CA LEU B 204 -17.39 9.25 -38.75
C LEU B 204 -18.23 9.90 -39.85
N ARG B 205 -18.80 9.08 -40.74
CA ARG B 205 -19.65 9.60 -41.85
C ARG B 205 -21.07 9.82 -41.31
N GLU B 206 -21.90 10.57 -42.01
CA GLU B 206 -23.23 10.91 -41.42
C GLU B 206 -24.28 9.85 -41.78
N GLU B 207 -24.78 9.14 -40.77
CA GLU B 207 -25.89 8.17 -41.00
C GLU B 207 -27.13 8.99 -41.38
N GLU B 208 -27.97 8.49 -42.29
CA GLU B 208 -29.12 9.31 -42.77
C GLU B 208 -30.08 9.59 -41.61
N ARG B 209 -30.58 10.83 -41.52
CA ARG B 209 -31.56 11.20 -40.46
C ARG B 209 -32.97 11.03 -41.03
N PRO B 210 -33.66 9.87 -40.91
CA PRO B 210 -34.94 9.72 -41.55
C PRO B 210 -35.98 10.31 -40.59
N LEU B 211 -36.00 11.64 -40.40
CA LEU B 211 -37.12 12.20 -39.60
C LEU B 211 -38.41 11.94 -40.38
N PRO B 212 -39.51 11.35 -39.82
CA PRO B 212 -40.71 11.02 -40.61
C PRO B 212 -41.46 12.27 -41.09
N ARG B 213 -42.47 12.12 -41.97
CA ARG B 213 -43.08 13.31 -42.62
C ARG B 213 -44.60 13.40 -42.49
N ARG B 214 -45.12 14.09 -41.47
CA ARG B 214 -46.59 14.30 -41.32
C ARG B 214 -46.80 15.43 -40.31
N ASP B 215 -48.02 15.96 -40.18
CA ASP B 215 -48.24 17.15 -39.33
C ASP B 215 -47.89 16.88 -37.87
N PHE B 216 -48.35 15.77 -37.31
CA PHE B 216 -48.14 15.52 -35.86
C PHE B 216 -47.30 14.26 -35.72
N GLN B 217 -47.51 13.31 -36.62
CA GLN B 217 -46.80 12.01 -36.54
C GLN B 217 -45.29 12.25 -36.49
N ARG B 218 -44.78 13.21 -37.24
CA ARG B 218 -43.33 13.53 -37.13
C ARG B 218 -43.13 14.34 -35.84
N GLN B 219 -44.07 15.24 -35.53
CA GLN B 219 -43.90 16.09 -34.34
C GLN B 219 -43.94 15.27 -33.06
N VAL B 220 -44.36 14.01 -33.11
CA VAL B 220 -44.27 13.19 -31.85
C VAL B 220 -42.95 12.41 -31.80
N TRP B 221 -42.57 11.71 -32.87
CA TRP B 221 -41.27 10.98 -32.90
C TRP B 221 -40.13 11.95 -32.63
N LEU B 222 -40.40 13.26 -32.67
CA LEU B 222 -39.32 14.22 -32.34
C LEU B 222 -39.34 14.45 -30.84
N LEU B 223 -40.51 14.41 -30.23
CA LEU B 223 -40.63 14.62 -28.77
C LEU B 223 -39.94 13.50 -27.98
N PHE B 224 -40.02 12.25 -28.44
CA PHE B 224 -39.48 11.12 -27.64
C PHE B 224 -38.10 10.70 -28.13
N GLU B 225 -37.92 10.42 -29.42
CA GLU B 225 -36.61 9.88 -29.91
C GLU B 225 -35.47 10.89 -29.82
N TYR B 226 -35.70 12.15 -30.20
CA TYR B 226 -34.65 13.20 -30.11
C TYR B 226 -34.91 14.13 -28.91
N PRO B 227 -34.23 14.04 -27.74
CA PRO B 227 -34.61 14.84 -26.57
C PRO B 227 -34.12 16.29 -26.51
N GLU B 228 -33.03 16.61 -27.18
CA GLU B 228 -32.43 17.93 -27.20
C GLU B 228 -33.18 18.90 -28.09
N SER B 229 -34.28 18.47 -28.68
CA SER B 229 -35.01 19.25 -29.67
C SER B 229 -35.75 20.43 -29.06
N SER B 230 -36.28 20.29 -27.85
CA SER B 230 -37.17 21.31 -27.34
C SER B 230 -37.13 21.31 -25.82
N GLY B 231 -38.22 21.79 -25.22
CA GLY B 231 -38.42 21.73 -23.79
C GLY B 231 -39.13 20.49 -23.28
N PRO B 232 -40.32 20.16 -23.78
CA PRO B 232 -40.98 18.93 -23.31
C PRO B 232 -40.24 17.64 -23.60
N ALA B 233 -39.42 17.58 -24.66
CA ALA B 233 -38.61 16.38 -24.85
C ALA B 233 -37.54 16.25 -23.76
N ARG B 234 -37.00 17.39 -23.30
CA ARG B 234 -36.13 17.37 -22.14
C ARG B 234 -36.88 16.91 -20.90
N GLY B 235 -38.14 17.26 -20.80
CA GLY B 235 -38.94 16.76 -19.69
C GLY B 235 -39.14 15.26 -19.73
N ILE B 236 -39.33 14.70 -20.92
CA ILE B 236 -39.53 13.26 -20.99
C ILE B 236 -38.24 12.50 -20.70
N ALA B 237 -37.09 13.03 -21.13
CA ALA B 237 -35.82 12.42 -20.79
C ALA B 237 -35.56 12.39 -19.29
N ILE B 238 -35.80 13.51 -18.61
CA ILE B 238 -35.54 13.49 -17.19
C ILE B 238 -36.53 12.64 -16.42
N VAL B 239 -37.80 12.60 -16.81
CA VAL B 239 -38.69 11.77 -16.01
C VAL B 239 -38.50 10.30 -16.32
N SER B 240 -37.99 9.95 -17.50
CA SER B 240 -37.75 8.53 -17.74
C SER B 240 -36.54 8.04 -16.98
N VAL B 241 -35.52 8.88 -16.80
CA VAL B 241 -34.39 8.45 -15.98
C VAL B 241 -34.79 8.35 -14.50
N LEU B 242 -35.70 9.21 -14.05
CA LEU B 242 -36.19 9.04 -12.67
C LEU B 242 -36.97 7.75 -12.47
N VAL B 243 -37.76 7.34 -13.46
CA VAL B 243 -38.52 6.10 -13.29
C VAL B 243 -37.62 4.88 -13.35
N ILE B 244 -36.54 4.93 -14.13
CA ILE B 244 -35.60 3.80 -14.11
C ILE B 244 -34.93 3.67 -12.74
N LEU B 245 -34.61 4.78 -12.09
CA LEU B 245 -33.86 4.69 -10.81
C LEU B 245 -34.76 4.28 -9.63
N ILE B 246 -36.08 4.38 -9.72
CA ILE B 246 -36.98 3.89 -8.63
C ILE B 246 -37.43 2.50 -9.03
N SER B 247 -36.87 1.98 -10.11
CA SER B 247 -37.20 0.63 -10.59
C SER B 247 -36.05 -0.25 -10.15
N ILE B 248 -34.83 0.31 -10.03
CA ILE B 248 -33.74 -0.47 -9.44
C ILE B 248 -33.83 -0.49 -7.93
N VAL B 249 -34.22 0.62 -7.32
CA VAL B 249 -34.32 0.70 -5.84
C VAL B 249 -35.33 -0.34 -5.38
N ILE B 250 -36.37 -0.61 -6.16
CA ILE B 250 -37.45 -1.51 -5.68
C ILE B 250 -37.13 -2.96 -5.96
N PHE B 251 -36.08 -3.26 -6.72
CA PHE B 251 -35.65 -4.67 -6.94
C PHE B 251 -34.65 -5.03 -5.84
N CYS B 252 -33.88 -4.06 -5.34
CA CYS B 252 -32.99 -4.36 -4.21
C CYS B 252 -33.71 -4.33 -2.86
N LEU B 253 -34.44 -3.26 -2.57
CA LEU B 253 -35.14 -3.18 -1.29
C LEU B 253 -36.24 -4.20 -1.16
N GLU B 254 -36.74 -4.74 -2.25
CA GLU B 254 -37.72 -5.80 -2.13
C GLU B 254 -37.09 -7.06 -1.61
N THR B 255 -35.91 -7.42 -2.11
CA THR B 255 -35.37 -8.67 -1.58
C THR B 255 -34.67 -8.54 -0.25
N LEU B 256 -34.58 -7.35 0.33
CA LEU B 256 -34.22 -7.23 1.75
C LEU B 256 -35.11 -8.10 2.62
N PRO B 257 -34.59 -8.72 3.70
CA PRO B 257 -35.40 -9.73 4.38
C PRO B 257 -36.46 -9.17 5.30
N GLU B 258 -36.28 -7.91 5.75
CA GLU B 258 -37.30 -7.21 6.53
C GLU B 258 -38.62 -7.14 5.79
N PHE B 259 -38.57 -6.92 4.48
CA PHE B 259 -39.82 -6.81 3.74
C PHE B 259 -40.16 -8.14 3.13
N SER B 289 -51.84 -9.32 -5.71
CA SER B 289 -52.31 -7.96 -6.03
C SER B 289 -52.97 -7.43 -4.76
N SER B 290 -52.21 -7.40 -3.66
CA SER B 290 -52.78 -6.99 -2.35
C SER B 290 -53.23 -5.53 -2.38
N PHE B 291 -52.48 -4.67 -3.07
CA PHE B 291 -52.77 -3.21 -3.04
C PHE B 291 -52.36 -2.75 -1.63
N SER B 292 -52.46 -3.66 -0.66
CA SER B 292 -51.92 -3.35 0.65
C SER B 292 -50.41 -3.33 0.59
N ASP B 293 -49.88 -3.94 -0.48
CA ASP B 293 -48.42 -4.14 -0.67
C ASP B 293 -47.86 -2.88 -1.32
N PRO B 294 -47.06 -2.03 -0.64
CA PRO B 294 -46.55 -0.86 -1.31
C PRO B 294 -45.71 -1.32 -2.51
N PHE B 295 -44.97 -2.41 -2.37
CA PHE B 295 -44.07 -2.85 -3.47
C PHE B 295 -44.86 -3.18 -4.73
N PHE B 296 -46.00 -3.86 -4.64
CA PHE B 296 -46.71 -4.14 -5.92
C PHE B 296 -47.14 -2.83 -6.57
N VAL B 297 -47.68 -1.88 -5.81
CA VAL B 297 -48.20 -0.64 -6.47
C VAL B 297 -47.06 0.13 -7.14
N VAL B 298 -45.91 0.25 -6.47
CA VAL B 298 -44.76 1.03 -7.03
C VAL B 298 -44.20 0.29 -8.24
N GLU B 299 -44.19 -1.03 -8.20
CA GLU B 299 -43.70 -1.83 -9.35
C GLU B 299 -44.61 -1.57 -10.55
N THR B 300 -45.92 -1.41 -10.33
CA THR B 300 -46.83 -1.33 -11.50
C THR B 300 -46.81 0.05 -12.16
N LEU B 301 -46.74 1.10 -11.38
CA LEU B 301 -46.64 2.45 -11.99
C LEU B 301 -45.42 2.45 -12.92
N CYS B 302 -44.32 1.83 -12.50
CA CYS B 302 -43.15 1.71 -13.41
C CYS B 302 -43.52 0.87 -14.63
N ILE B 303 -44.22 -0.26 -14.49
CA ILE B 303 -44.50 -1.08 -15.69
C ILE B 303 -45.50 -0.33 -16.56
N ILE B 304 -46.41 0.45 -15.99
CA ILE B 304 -47.31 1.29 -16.77
C ILE B 304 -46.51 2.25 -17.62
N TRP B 305 -45.54 2.95 -17.01
CA TRP B 305 -44.82 3.96 -17.76
C TRP B 305 -43.90 3.36 -18.82
N PHE B 306 -43.28 2.22 -18.53
CA PHE B 306 -42.41 1.58 -19.52
C PHE B 306 -43.21 1.15 -20.72
N SER B 307 -44.36 0.55 -20.50
CA SER B 307 -45.19 0.09 -21.61
C SER B 307 -45.76 1.23 -22.41
N PHE B 308 -46.13 2.29 -21.72
CA PHE B 308 -46.71 3.48 -22.34
C PHE B 308 -45.74 4.13 -23.30
N GLU B 309 -44.54 4.41 -22.80
CA GLU B 309 -43.49 5.01 -23.60
C GLU B 309 -43.10 4.13 -24.77
N LEU B 310 -43.15 2.81 -24.62
CA LEU B 310 -42.72 1.95 -25.74
C LEU B 310 -43.81 2.02 -26.80
N LEU B 311 -45.08 2.08 -26.41
CA LEU B 311 -46.09 2.09 -27.48
C LEU B 311 -46.14 3.42 -28.22
N VAL B 312 -45.97 4.55 -27.54
CA VAL B 312 -45.90 5.81 -28.34
C VAL B 312 -44.83 5.62 -29.41
N ARG B 313 -43.65 5.13 -29.05
CA ARG B 313 -42.49 5.04 -29.98
C ARG B 313 -42.60 3.91 -31.02
N PHE B 314 -43.44 2.88 -30.81
CA PHE B 314 -43.53 1.85 -31.86
C PHE B 314 -44.53 2.31 -32.92
N PHE B 315 -45.42 3.22 -32.55
CA PHE B 315 -46.37 3.79 -33.55
C PHE B 315 -45.74 4.91 -34.36
N ALA B 316 -44.97 5.79 -33.71
CA ALA B 316 -44.44 6.98 -34.43
C ALA B 316 -43.16 6.66 -35.17
N CYS B 317 -42.70 5.41 -35.08
CA CYS B 317 -41.41 5.05 -35.69
C CYS B 317 -41.49 5.24 -37.20
N PRO B 318 -40.46 5.73 -37.92
CA PRO B 318 -40.54 5.75 -39.37
C PRO B 318 -40.65 4.34 -39.95
N SER B 319 -39.97 3.34 -39.37
CA SER B 319 -40.14 2.00 -40.00
C SER B 319 -40.31 0.90 -38.95
N LYS B 320 -41.27 0.01 -39.14
CA LYS B 320 -41.54 -1.07 -38.16
C LYS B 320 -40.45 -2.13 -38.24
N ALA B 321 -39.99 -2.50 -39.43
CA ALA B 321 -39.00 -3.59 -39.53
C ALA B 321 -37.69 -3.19 -38.84
N THR B 322 -37.27 -1.93 -39.02
CA THR B 322 -36.03 -1.44 -38.37
C THR B 322 -36.18 -1.46 -36.86
N PHE B 323 -37.38 -1.17 -36.35
CA PHE B 323 -37.57 -1.07 -34.88
C PHE B 323 -37.19 -2.40 -34.26
N SER B 324 -37.66 -3.52 -34.82
CA SER B 324 -37.37 -4.81 -34.16
C SER B 324 -35.86 -5.05 -34.15
N ARG B 325 -35.17 -4.63 -35.19
CA ARG B 325 -33.71 -4.85 -35.29
C ARG B 325 -32.96 -4.07 -34.20
N ASN B 326 -33.33 -2.83 -33.90
CA ASN B 326 -32.51 -2.02 -32.95
C ASN B 326 -32.47 -2.69 -31.58
N ILE B 327 -31.30 -2.75 -30.94
CA ILE B 327 -31.15 -3.43 -29.61
C ILE B 327 -31.92 -2.68 -28.51
N MET B 328 -31.93 -1.35 -28.52
CA MET B 328 -32.56 -0.61 -27.40
C MET B 328 -34.08 -0.78 -27.35
N ASN B 329 -34.71 -1.36 -28.36
CA ASN B 329 -36.14 -1.72 -28.38
C ASN B 329 -36.27 -3.12 -27.77
N LEU B 330 -35.28 -3.98 -27.97
CA LEU B 330 -35.30 -5.29 -27.35
C LEU B 330 -35.07 -5.23 -25.85
N ILE B 331 -34.24 -4.29 -25.40
CA ILE B 331 -34.03 -4.12 -23.97
C ILE B 331 -35.34 -3.75 -23.29
N ASP B 332 -36.11 -2.85 -23.91
CA ASP B 332 -37.41 -2.47 -23.35
C ASP B 332 -38.38 -3.64 -23.32
N ILE B 333 -38.41 -4.45 -24.36
CA ILE B 333 -39.33 -5.58 -24.38
C ILE B 333 -38.96 -6.61 -23.33
N VAL B 334 -37.68 -6.92 -23.16
CA VAL B 334 -37.40 -7.95 -22.17
C VAL B 334 -37.39 -7.39 -20.77
N ALA B 335 -37.50 -6.08 -20.60
CA ALA B 335 -37.70 -5.60 -19.24
C ALA B 335 -39.17 -5.53 -18.91
N ILE B 336 -40.03 -5.49 -19.92
CA ILE B 336 -41.47 -5.48 -19.66
C ILE B 336 -42.11 -6.86 -19.62
N ILE B 337 -41.44 -7.90 -20.09
CA ILE B 337 -42.01 -9.25 -20.10
C ILE B 337 -42.35 -9.83 -18.72
N PRO B 338 -41.44 -9.93 -17.74
CA PRO B 338 -41.70 -10.84 -16.63
C PRO B 338 -42.80 -10.43 -15.67
N TYR B 339 -43.13 -9.14 -15.64
CA TYR B 339 -44.27 -8.68 -14.81
C TYR B 339 -45.59 -9.13 -15.46
N PHE B 340 -45.64 -9.19 -16.79
CA PHE B 340 -46.86 -9.63 -17.45
C PHE B 340 -47.00 -11.13 -17.46
N ILE B 341 -45.92 -11.88 -17.65
CA ILE B 341 -46.18 -13.30 -17.64
C ILE B 341 -46.32 -13.85 -16.23
N THR B 342 -45.81 -13.16 -15.22
CA THR B 342 -46.20 -13.57 -13.87
C THR B 342 -47.66 -13.23 -13.63
N LEU B 343 -48.17 -12.15 -14.20
CA LEU B 343 -49.58 -11.84 -14.02
C LEU B 343 -50.47 -12.82 -14.76
N GLY B 344 -50.02 -13.30 -15.92
CA GLY B 344 -50.74 -14.31 -16.68
C GLY B 344 -50.77 -15.67 -16.02
N THR B 345 -49.63 -16.11 -15.47
CA THR B 345 -49.62 -17.37 -14.72
C THR B 345 -50.36 -17.22 -13.40
N GLU B 346 -50.30 -16.04 -12.81
CA GLU B 346 -51.01 -15.80 -11.57
C GLU B 346 -52.51 -15.64 -11.76
N LEU B 347 -52.96 -15.33 -12.98
CA LEU B 347 -54.38 -15.11 -13.18
C LEU B 347 -55.05 -16.20 -14.01
N ALA B 348 -54.28 -17.11 -14.59
CA ALA B 348 -54.88 -18.29 -15.17
C ALA B 348 -55.24 -19.27 -14.06
N SER B 359 -43.90 -24.48 -13.30
CA SER B 359 -43.09 -23.31 -12.98
C SER B 359 -41.97 -23.54 -11.96
N LEU B 360 -41.45 -24.76 -11.78
CA LEU B 360 -40.57 -25.09 -10.65
C LEU B 360 -39.24 -24.34 -10.72
N ALA B 361 -38.64 -24.26 -11.91
CA ALA B 361 -37.47 -23.42 -12.10
C ALA B 361 -37.75 -22.20 -12.98
N ILE B 362 -38.90 -22.22 -13.67
CA ILE B 362 -39.27 -21.01 -14.46
C ILE B 362 -39.38 -19.87 -13.45
N LEU B 363 -40.12 -20.08 -12.37
CA LEU B 363 -40.26 -19.04 -11.32
C LEU B 363 -38.90 -18.75 -10.70
N ARG B 364 -37.98 -19.73 -10.74
CA ARG B 364 -36.66 -19.48 -10.19
C ARG B 364 -35.88 -18.49 -11.07
N VAL B 365 -36.11 -18.52 -12.39
CA VAL B 365 -35.19 -17.79 -13.26
C VAL B 365 -35.79 -16.49 -13.78
N ILE B 366 -37.12 -16.38 -13.79
CA ILE B 366 -37.76 -15.13 -14.20
C ILE B 366 -37.37 -14.00 -13.26
N ARG B 367 -37.18 -14.32 -11.98
CA ARG B 367 -36.73 -13.32 -11.02
C ARG B 367 -35.29 -12.92 -11.26
N LEU B 368 -34.56 -13.68 -12.08
CA LEU B 368 -33.21 -13.26 -12.42
C LEU B 368 -33.18 -12.47 -13.71
N VAL B 369 -34.07 -12.78 -14.65
CA VAL B 369 -34.03 -12.03 -15.91
C VAL B 369 -34.68 -10.67 -15.70
N ARG B 370 -35.29 -10.47 -14.55
CA ARG B 370 -35.66 -9.10 -14.24
C ARG B 370 -34.56 -8.24 -14.01
N VAL B 371 -33.29 -8.57 -13.85
CA VAL B 371 -32.25 -7.62 -13.49
C VAL B 371 -31.83 -6.76 -14.66
N PHE B 372 -32.40 -6.98 -15.83
CA PHE B 372 -32.02 -6.21 -17.01
C PHE B 372 -32.86 -4.99 -17.17
N ARG B 373 -33.32 -4.36 -16.11
CA ARG B 373 -33.87 -3.04 -16.26
C ARG B 373 -32.80 -1.98 -16.16
N ILE B 374 -31.59 -2.35 -15.76
CA ILE B 374 -30.53 -1.36 -15.70
C ILE B 374 -29.81 -1.25 -17.00
N PHE B 375 -30.17 -2.02 -17.99
CA PHE B 375 -29.66 -1.72 -19.29
C PHE B 375 -30.59 -0.85 -20.06
N LYS B 376 -31.64 -0.37 -19.41
CA LYS B 376 -32.52 0.60 -20.09
C LYS B 376 -31.83 1.96 -20.01
N LEU B 377 -30.90 2.14 -19.09
CA LEU B 377 -30.22 3.44 -18.87
C LEU B 377 -29.28 3.69 -20.05
N SER B 378 -29.02 2.69 -20.89
CA SER B 378 -28.03 2.86 -21.98
C SER B 378 -28.59 3.75 -23.08
N ARG B 379 -29.76 4.34 -22.89
CA ARG B 379 -30.27 5.25 -23.91
C ARG B 379 -29.96 6.68 -23.55
N HIS B 380 -29.83 6.95 -22.27
CA HIS B 380 -29.57 8.29 -21.80
C HIS B 380 -28.12 8.46 -21.38
N SER B 381 -27.20 7.82 -22.07
CA SER B 381 -25.83 7.78 -21.62
C SER B 381 -24.88 7.43 -22.73
N LYS B 382 -24.13 8.39 -23.22
CA LYS B 382 -23.17 8.17 -24.28
C LYS B 382 -21.83 7.73 -23.71
N GLY B 383 -21.85 6.98 -22.63
CA GLY B 383 -20.66 6.34 -22.13
C GLY B 383 -20.92 4.88 -21.93
N LEU B 384 -22.17 4.42 -22.08
CA LEU B 384 -22.40 2.99 -22.11
C LEU B 384 -22.51 2.47 -23.52
N GLN B 385 -22.95 3.30 -24.45
CA GLN B 385 -23.00 2.84 -25.81
C GLN B 385 -21.61 2.62 -26.37
N ILE B 386 -20.62 3.36 -25.90
CA ILE B 386 -19.24 3.11 -26.28
C ILE B 386 -18.72 1.82 -25.67
N LEU B 387 -19.22 1.44 -24.52
CA LEU B 387 -18.82 0.16 -23.94
C LEU B 387 -19.48 -0.97 -24.68
N GLY B 388 -20.66 -0.75 -25.21
CA GLY B 388 -21.28 -1.78 -26.03
C GLY B 388 -20.57 -1.98 -27.33
N GLN B 389 -20.12 -0.90 -27.94
CA GLN B 389 -19.38 -1.08 -29.17
C GLN B 389 -17.98 -1.65 -28.94
N THR B 390 -17.33 -1.37 -27.80
CA THR B 390 -16.05 -2.01 -27.49
C THR B 390 -16.21 -3.49 -27.28
N LEU B 391 -17.22 -3.91 -26.54
CA LEU B 391 -17.34 -5.34 -26.31
C LEU B 391 -17.84 -6.08 -27.52
N LYS B 392 -18.44 -5.39 -28.48
CA LYS B 392 -18.82 -6.12 -29.68
C LYS B 392 -17.65 -6.22 -30.64
N ALA B 393 -16.85 -5.16 -30.78
CA ALA B 393 -15.73 -5.20 -31.70
C ALA B 393 -14.55 -5.98 -31.18
N SER B 394 -14.64 -6.52 -29.97
CA SER B 394 -13.53 -7.27 -29.35
C SER B 394 -14.05 -8.57 -28.75
N MET B 395 -14.81 -9.37 -29.51
CA MET B 395 -15.24 -10.65 -28.98
C MET B 395 -14.10 -11.66 -29.02
N ARG B 396 -13.21 -11.56 -29.99
CA ARG B 396 -12.14 -12.53 -30.08
C ARG B 396 -11.17 -12.38 -28.93
N GLU B 397 -10.90 -11.15 -28.53
CA GLU B 397 -10.01 -10.96 -27.40
C GLU B 397 -10.71 -11.05 -26.06
N LEU B 398 -11.89 -11.64 -25.99
CA LEU B 398 -12.39 -12.07 -24.71
C LEU B 398 -12.47 -13.55 -24.69
N GLY B 399 -12.69 -14.14 -25.86
CA GLY B 399 -12.50 -15.58 -25.97
C GLY B 399 -11.10 -15.99 -25.60
N LEU B 400 -10.11 -15.20 -25.99
CA LEU B 400 -8.74 -15.53 -25.65
C LEU B 400 -8.49 -15.38 -24.16
N LEU B 401 -9.11 -14.42 -23.52
CA LEU B 401 -8.85 -14.18 -22.11
C LEU B 401 -9.38 -15.32 -21.28
N ILE B 402 -10.59 -15.76 -21.55
CA ILE B 402 -11.15 -16.88 -20.80
C ILE B 402 -10.49 -18.20 -21.17
N PHE B 403 -10.00 -18.35 -22.40
CA PHE B 403 -9.30 -19.57 -22.76
C PHE B 403 -7.94 -19.68 -22.09
N PHE B 404 -7.18 -18.59 -22.06
CA PHE B 404 -5.89 -18.60 -21.39
C PHE B 404 -6.07 -18.83 -19.91
N LEU B 405 -7.11 -18.25 -19.34
CA LEU B 405 -7.31 -18.42 -17.91
C LEU B 405 -7.72 -19.83 -17.58
N PHE B 406 -8.49 -20.50 -18.43
CA PHE B 406 -8.87 -21.86 -18.13
C PHE B 406 -7.70 -22.82 -18.25
N ILE B 407 -6.79 -22.60 -19.21
CA ILE B 407 -5.69 -23.60 -19.38
C ILE B 407 -4.84 -23.56 -18.11
N GLY B 408 -4.57 -22.38 -17.57
CA GLY B 408 -3.79 -22.30 -16.34
C GLY B 408 -4.48 -22.98 -15.17
N VAL B 409 -5.78 -22.79 -15.03
CA VAL B 409 -6.50 -23.35 -13.86
C VAL B 409 -6.45 -24.88 -13.95
N ILE B 410 -6.35 -25.50 -15.12
CA ILE B 410 -6.22 -26.98 -15.17
C ILE B 410 -4.75 -27.37 -15.06
N LEU B 411 -3.80 -26.44 -15.21
CA LEU B 411 -2.34 -26.74 -15.18
C LEU B 411 -1.70 -26.40 -13.82
N PHE B 412 -2.19 -25.39 -13.09
CA PHE B 412 -1.60 -25.13 -11.75
C PHE B 412 -2.30 -25.93 -10.66
N SER B 413 -3.60 -26.12 -10.80
CA SER B 413 -4.39 -26.87 -9.79
C SER B 413 -3.88 -28.29 -9.66
N SER B 414 -3.59 -28.95 -10.78
CA SER B 414 -3.12 -30.34 -10.74
C SER B 414 -1.79 -30.41 -9.98
N ALA B 415 -0.89 -29.48 -10.24
CA ALA B 415 0.41 -29.44 -9.54
C ALA B 415 0.25 -29.36 -8.03
N VAL B 416 -0.51 -28.40 -7.51
CA VAL B 416 -0.75 -28.25 -6.04
C VAL B 416 -1.49 -29.48 -5.50
N TYR B 417 -2.44 -30.08 -6.20
CA TYR B 417 -3.07 -31.29 -5.60
C TYR B 417 -2.01 -32.38 -5.40
N PHE B 418 -1.17 -32.63 -6.39
CA PHE B 418 -0.13 -33.69 -6.28
C PHE B 418 0.92 -33.34 -5.25
N ALA B 419 1.34 -32.07 -5.19
CA ALA B 419 2.36 -31.64 -4.21
C ALA B 419 1.86 -31.75 -2.78
N GLU B 420 0.66 -31.24 -2.50
CA GLU B 420 0.02 -31.39 -1.18
C GLU B 420 -0.87 -32.62 -1.24
N ALA B 421 -0.30 -33.80 -1.45
CA ALA B 421 -1.14 -34.99 -1.67
C ALA B 421 -1.39 -35.70 -0.36
N ASP B 422 -0.32 -36.00 0.35
CA ASP B 422 -0.50 -36.81 1.59
C ASP B 422 -0.11 -36.03 2.84
N ASP B 423 -0.99 -35.12 3.26
CA ASP B 423 -0.78 -34.33 4.50
C ASP B 423 -2.17 -33.83 4.87
N PRO B 424 -2.46 -33.21 6.04
CA PRO B 424 -3.81 -32.68 6.28
C PRO B 424 -3.75 -31.40 5.45
N THR B 425 -3.81 -31.55 4.12
CA THR B 425 -3.62 -30.38 3.22
C THR B 425 -4.92 -29.64 2.92
N SER B 426 -5.36 -28.84 3.87
CA SER B 426 -6.52 -27.97 3.60
C SER B 426 -7.62 -28.78 2.94
N GLY B 427 -8.15 -28.25 1.86
CA GLY B 427 -9.20 -28.95 1.14
C GLY B 427 -8.68 -29.50 -0.18
N PHE B 428 -7.37 -29.62 -0.34
CA PHE B 428 -6.93 -30.06 -1.68
C PHE B 428 -7.13 -31.57 -1.69
N SER B 429 -8.39 -32.00 -1.64
CA SER B 429 -8.75 -33.43 -1.63
C SER B 429 -9.04 -33.96 -3.03
N SER B 430 -9.07 -33.07 -4.03
CA SER B 430 -9.28 -33.50 -5.43
C SER B 430 -8.72 -32.45 -6.37
N ILE B 431 -8.35 -32.80 -7.59
CA ILE B 431 -7.94 -31.75 -8.56
C ILE B 431 -9.17 -30.87 -8.78
N PRO B 432 -10.43 -31.37 -8.90
CA PRO B 432 -11.54 -30.48 -9.12
C PRO B 432 -11.75 -29.44 -8.01
N ASP B 433 -11.38 -29.72 -6.77
CA ASP B 433 -11.49 -28.77 -5.62
C ASP B 433 -10.57 -27.56 -5.77
N ALA B 434 -9.35 -27.74 -6.26
CA ALA B 434 -8.38 -26.63 -6.28
C ALA B 434 -8.75 -25.57 -7.29
N PHE B 435 -9.74 -25.78 -8.13
CA PHE B 435 -10.05 -24.79 -9.19
C PHE B 435 -10.42 -23.43 -8.56
N TRP B 436 -11.10 -23.39 -7.42
CA TRP B 436 -11.36 -22.11 -6.74
C TRP B 436 -10.06 -21.44 -6.31
N TRP B 437 -9.09 -22.17 -5.76
CA TRP B 437 -7.81 -21.59 -5.31
C TRP B 437 -7.04 -21.00 -6.49
N ALA B 438 -7.09 -21.60 -7.67
CA ALA B 438 -6.24 -21.10 -8.76
C ALA B 438 -6.90 -19.91 -9.43
N VAL B 439 -8.22 -19.80 -9.44
CA VAL B 439 -8.90 -18.57 -9.96
C VAL B 439 -8.70 -17.39 -9.01
N VAL B 440 -8.81 -17.58 -7.70
CA VAL B 440 -8.54 -16.50 -6.71
C VAL B 440 -7.05 -16.11 -6.66
N THR B 441 -6.08 -16.99 -6.88
CA THR B 441 -4.67 -16.54 -6.78
C THR B 441 -4.24 -15.86 -8.08
N MET B 442 -4.62 -16.39 -9.23
CA MET B 442 -4.22 -15.82 -10.56
C MET B 442 -4.83 -14.45 -10.84
N THR B 443 -6.10 -14.20 -10.50
CA THR B 443 -6.74 -12.87 -10.69
C THR B 443 -6.32 -11.92 -9.57
N THR B 444 -5.51 -12.36 -8.60
CA THR B 444 -4.97 -11.56 -7.47
C THR B 444 -5.99 -11.19 -6.41
N VAL B 445 -7.19 -11.78 -6.37
CA VAL B 445 -8.13 -11.47 -5.26
C VAL B 445 -7.59 -12.07 -3.96
N GLY B 446 -7.18 -13.32 -3.93
CA GLY B 446 -6.59 -13.93 -2.73
C GLY B 446 -7.45 -13.78 -1.51
N TYR B 447 -8.57 -14.46 -1.42
CA TYR B 447 -9.48 -14.37 -0.25
C TYR B 447 -8.78 -14.91 0.97
N GLY B 448 -8.05 -16.00 0.82
CA GLY B 448 -7.30 -16.59 1.96
C GLY B 448 -8.01 -17.77 2.57
N ASP B 449 -9.10 -18.21 1.97
CA ASP B 449 -9.88 -19.38 2.45
C ASP B 449 -9.02 -20.64 2.37
N MET B 450 -8.50 -20.96 1.18
CA MET B 450 -7.61 -22.14 0.98
C MET B 450 -6.24 -21.65 0.55
N HIS B 451 -5.19 -22.04 1.27
CA HIS B 451 -3.80 -21.68 0.92
C HIS B 451 -2.92 -22.94 0.93
N PRO B 452 -1.79 -23.07 0.18
CA PRO B 452 -0.93 -24.23 0.29
C PRO B 452 -0.16 -24.32 1.62
N VAL B 453 0.19 -25.53 2.10
CA VAL B 453 0.86 -25.70 3.44
C VAL B 453 2.10 -26.61 3.43
N THR B 454 2.77 -26.87 2.30
CA THR B 454 4.00 -27.62 2.25
C THR B 454 5.07 -26.76 1.62
N ILE B 455 6.14 -27.36 1.13
CA ILE B 455 7.12 -26.56 0.39
C ILE B 455 6.87 -26.62 -1.11
N GLY B 456 6.43 -27.74 -1.62
CA GLY B 456 6.06 -27.81 -3.01
C GLY B 456 4.79 -27.04 -3.31
N GLY B 457 3.85 -27.07 -2.40
CA GLY B 457 2.63 -26.27 -2.61
C GLY B 457 3.01 -24.83 -2.66
N LYS B 458 3.92 -24.38 -1.82
CA LYS B 458 4.20 -22.96 -1.76
C LYS B 458 4.97 -22.49 -2.98
N ILE B 459 5.85 -23.32 -3.52
CA ILE B 459 6.56 -22.92 -4.73
C ILE B 459 5.63 -22.90 -5.93
N VAL B 460 4.61 -23.77 -5.93
CA VAL B 460 3.61 -23.73 -7.03
C VAL B 460 2.68 -22.54 -6.81
N GLY B 461 2.44 -22.12 -5.58
CA GLY B 461 1.66 -20.91 -5.39
C GLY B 461 2.36 -19.65 -5.86
N SER B 462 3.69 -19.62 -5.76
CA SER B 462 4.39 -18.43 -6.24
C SER B 462 4.38 -18.35 -7.76
N LEU B 463 4.61 -19.46 -8.43
CA LEU B 463 4.57 -19.43 -9.89
C LEU B 463 3.17 -19.17 -10.40
N CYS B 464 2.15 -19.60 -9.68
CA CYS B 464 0.73 -19.36 -10.08
C CYS B 464 0.44 -17.87 -10.02
N ALA B 465 0.92 -17.17 -9.00
CA ALA B 465 0.62 -15.75 -8.91
C ALA B 465 1.24 -14.96 -10.03
N ILE B 466 2.49 -15.26 -10.38
CA ILE B 466 3.11 -14.46 -11.47
C ILE B 466 2.55 -14.86 -12.84
N ALA B 467 2.25 -16.13 -13.06
CA ALA B 467 1.67 -16.52 -14.33
C ALA B 467 0.27 -15.98 -14.49
N GLY B 468 -0.34 -15.47 -13.45
CA GLY B 468 -1.68 -14.90 -13.71
C GLY B 468 -1.64 -13.40 -13.98
N VAL B 469 -0.60 -12.70 -13.56
CA VAL B 469 -0.47 -11.26 -13.93
C VAL B 469 -0.09 -11.16 -15.40
N LEU B 470 0.54 -12.20 -15.95
CA LEU B 470 0.98 -12.22 -17.35
C LEU B 470 -0.18 -12.71 -18.22
N THR B 471 -0.85 -13.80 -17.86
CA THR B 471 -1.87 -14.23 -18.79
C THR B 471 -3.15 -13.38 -18.70
N ILE B 472 -3.25 -12.48 -17.72
CA ILE B 472 -4.29 -11.47 -17.73
C ILE B 472 -3.87 -10.27 -18.55
N ALA B 473 -2.65 -9.80 -18.38
CA ALA B 473 -2.32 -8.57 -19.07
C ALA B 473 -1.96 -8.73 -20.53
N LEU B 474 -2.09 -9.92 -21.13
CA LEU B 474 -1.71 -10.09 -22.52
C LEU B 474 -2.82 -9.72 -23.50
N PRO B 475 -4.11 -10.08 -23.34
CA PRO B 475 -5.11 -9.57 -24.27
C PRO B 475 -5.81 -8.29 -23.92
N VAL B 476 -5.56 -7.69 -22.77
CA VAL B 476 -6.31 -6.51 -22.39
C VAL B 476 -5.86 -5.25 -23.16
N PRO B 477 -4.59 -5.01 -23.50
CA PRO B 477 -4.28 -3.86 -24.37
C PRO B 477 -4.99 -3.78 -25.71
N VAL B 478 -5.45 -4.88 -26.27
CA VAL B 478 -6.26 -4.78 -27.47
C VAL B 478 -7.61 -4.15 -27.15
N ILE B 479 -8.26 -4.60 -26.07
CA ILE B 479 -9.63 -4.11 -25.74
C ILE B 479 -9.57 -2.66 -25.25
N VAL B 480 -8.56 -2.27 -24.47
CA VAL B 480 -8.44 -0.85 -24.05
C VAL B 480 -8.21 0.05 -25.27
N SER B 481 -7.43 -0.40 -26.25
CA SER B 481 -7.25 0.38 -27.50
C SER B 481 -8.56 0.47 -28.27
N ASN B 482 -9.36 -0.59 -28.33
CA ASN B 482 -10.62 -0.43 -29.11
C ASN B 482 -11.47 0.67 -28.45
N PHE B 483 -11.57 0.72 -27.12
CA PHE B 483 -12.43 1.71 -26.45
C PHE B 483 -11.89 3.08 -26.81
N ASN B 484 -10.58 3.25 -26.83
CA ASN B 484 -10.04 4.61 -27.09
C ASN B 484 -10.43 5.04 -28.50
N TYR B 485 -10.37 4.16 -29.50
CA TYR B 485 -10.75 4.64 -30.85
C TYR B 485 -12.22 5.05 -30.86
N PHE B 486 -13.11 4.23 -30.31
CA PHE B 486 -14.56 4.54 -30.37
C PHE B 486 -14.84 5.77 -29.53
N TYR B 487 -14.17 5.92 -28.40
CA TYR B 487 -14.43 7.06 -27.49
C TYR B 487 -14.06 8.39 -28.12
N HIS B 488 -12.91 8.49 -28.77
CA HIS B 488 -12.47 9.80 -29.28
C HIS B 488 -13.06 10.07 -30.67
N ARG B 489 -13.53 9.04 -31.35
CA ARG B 489 -14.02 9.20 -32.73
C ARG B 489 -15.31 9.96 -32.64
N GLU B 490 -15.78 10.17 -31.42
CA GLU B 490 -16.96 11.00 -31.33
C GLU B 490 -16.75 12.40 -31.90
N THR B 491 -15.54 12.93 -31.78
CA THR B 491 -15.19 14.25 -32.27
C THR B 491 -14.96 14.28 -33.79
N GLY C 103 30.32 8.24 -69.88
CA GLY C 103 30.23 9.62 -69.39
C GLY C 103 29.18 10.42 -70.14
N GLU C 104 28.06 9.75 -70.48
CA GLU C 104 26.97 10.43 -71.21
C GLU C 104 25.81 10.73 -70.26
N ARG C 105 25.38 11.98 -70.24
CA ARG C 105 24.29 12.38 -69.33
C ARG C 105 22.98 12.12 -70.06
N VAL C 106 22.12 11.25 -69.51
CA VAL C 106 20.77 11.06 -70.11
C VAL C 106 19.85 11.91 -69.26
N VAL C 107 18.62 12.20 -69.67
CA VAL C 107 17.79 13.16 -68.88
C VAL C 107 16.38 12.61 -68.71
N ILE C 108 16.17 11.62 -67.85
CA ILE C 108 14.79 11.10 -67.58
C ILE C 108 13.95 12.22 -66.97
N ASN C 109 12.72 12.44 -67.44
CA ASN C 109 11.83 13.54 -66.97
C ASN C 109 10.49 12.97 -66.54
N ILE C 110 10.35 12.59 -65.26
CA ILE C 110 9.11 11.96 -64.75
C ILE C 110 8.11 13.07 -64.40
N SER C 111 7.18 13.39 -65.29
CA SER C 111 6.10 14.39 -65.07
C SER C 111 6.62 15.80 -64.82
N GLY C 112 7.83 16.14 -65.29
CA GLY C 112 8.35 17.51 -65.16
C GLY C 112 9.61 17.61 -64.34
N LEU C 113 9.76 16.71 -63.37
CA LEU C 113 10.87 16.77 -62.44
C LEU C 113 12.09 16.09 -63.05
N ARG C 114 13.05 16.87 -63.54
CA ARG C 114 14.12 16.36 -64.37
C ARG C 114 15.20 15.64 -63.59
N PHE C 115 15.54 14.41 -63.99
CA PHE C 115 16.64 13.63 -63.34
C PHE C 115 17.75 13.43 -64.38
N GLU C 116 19.01 13.66 -64.03
CA GLU C 116 20.13 13.52 -65.00
C GLU C 116 21.15 12.55 -64.44
N THR C 117 21.58 11.56 -65.23
CA THR C 117 22.52 10.53 -64.71
C THR C 117 23.48 10.08 -65.81
N GLN C 118 24.63 9.55 -65.41
CA GLN C 118 25.61 9.00 -66.38
C GLN C 118 25.00 7.70 -66.91
N LEU C 119 25.45 7.20 -68.06
CA LEU C 119 24.79 6.01 -68.68
C LEU C 119 25.39 4.73 -68.09
N LYS C 120 26.63 4.78 -67.59
CA LYS C 120 27.18 3.55 -66.94
C LYS C 120 26.25 3.08 -65.82
N THR C 121 25.65 4.02 -65.12
CA THR C 121 24.75 3.67 -63.99
C THR C 121 23.56 2.89 -64.54
N LEU C 122 23.01 3.32 -65.66
CA LEU C 122 21.81 2.64 -66.19
C LEU C 122 22.18 1.19 -66.56
N CYS C 123 23.37 0.99 -67.15
CA CYS C 123 23.79 -0.35 -67.65
C CYS C 123 24.15 -1.29 -66.50
N GLN C 124 24.25 -0.79 -65.27
CA GLN C 124 24.71 -1.65 -64.15
C GLN C 124 23.75 -2.83 -64.03
N PHE C 125 22.46 -2.59 -64.20
CA PHE C 125 21.52 -3.74 -64.23
C PHE C 125 20.86 -3.81 -65.60
N PRO C 126 21.07 -4.89 -66.38
CA PRO C 126 20.48 -5.04 -67.72
C PRO C 126 18.96 -5.23 -67.78
N GLU C 127 18.38 -6.01 -66.86
CA GLU C 127 16.93 -6.34 -66.88
C GLU C 127 16.05 -5.11 -66.69
N THR C 128 16.60 -4.06 -66.06
CA THR C 128 15.79 -2.85 -65.76
C THR C 128 15.37 -2.16 -67.07
N LEU C 129 14.27 -1.40 -67.03
CA LEU C 129 13.75 -0.81 -68.29
C LEU C 129 14.81 0.09 -68.90
N LEU C 130 15.47 0.90 -68.09
CA LEU C 130 16.48 1.86 -68.62
C LEU C 130 17.70 1.12 -69.19
N GLY C 131 18.13 0.03 -68.54
CA GLY C 131 19.34 -0.70 -68.97
C GLY C 131 19.23 -1.20 -70.39
N ASP C 132 18.23 -2.03 -70.68
CA ASP C 132 18.04 -2.56 -72.05
C ASP C 132 17.71 -1.38 -72.96
N PRO C 133 18.44 -1.17 -74.08
CA PRO C 133 18.11 -0.11 -75.03
C PRO C 133 16.75 -0.33 -75.68
N LYS C 134 16.41 -1.59 -75.99
CA LYS C 134 15.15 -1.83 -76.74
C LYS C 134 13.94 -1.34 -75.94
N ARG C 135 13.83 -1.72 -74.66
CA ARG C 135 12.66 -1.32 -73.84
C ARG C 135 12.62 0.21 -73.72
N ARG C 136 13.74 0.84 -73.33
CA ARG C 136 13.76 2.30 -73.05
C ARG C 136 13.41 3.12 -74.30
N MET C 137 13.80 2.67 -75.48
CA MET C 137 13.61 3.50 -76.69
C MET C 137 12.12 3.75 -76.94
N ARG C 138 11.25 2.92 -76.37
CA ARG C 138 9.80 3.06 -76.66
C ARG C 138 9.30 4.43 -76.20
N TYR C 139 9.74 4.93 -75.04
CA TYR C 139 9.20 6.20 -74.50
C TYR C 139 10.01 7.43 -74.93
N PHE C 140 11.21 7.24 -75.50
CA PHE C 140 12.08 8.40 -75.78
C PHE C 140 11.42 9.38 -76.75
N ASP C 141 11.53 10.67 -76.46
CA ASP C 141 10.99 11.71 -77.38
C ASP C 141 12.17 12.49 -77.98
N PRO C 142 12.53 12.36 -79.28
CA PRO C 142 13.74 13.01 -79.81
C PRO C 142 13.83 14.53 -79.73
N LEU C 143 12.70 15.23 -79.84
CA LEU C 143 12.75 16.71 -79.95
C LEU C 143 13.44 17.32 -78.72
N ARG C 144 13.12 16.85 -77.51
CA ARG C 144 13.69 17.46 -76.28
C ARG C 144 14.90 16.65 -75.82
N ASN C 145 15.13 15.45 -76.37
CA ASN C 145 16.30 14.61 -76.01
C ASN C 145 16.09 13.90 -74.67
N GLU C 146 14.89 14.05 -74.09
CA GLU C 146 14.63 13.47 -72.76
C GLU C 146 13.63 12.31 -72.88
N TYR C 147 13.77 11.29 -72.04
CA TYR C 147 12.83 10.15 -72.04
C TYR C 147 11.69 10.44 -71.07
N PHE C 148 10.55 10.92 -71.56
CA PHE C 148 9.42 11.30 -70.67
C PHE C 148 8.62 10.08 -70.24
N PHE C 149 8.21 10.01 -68.98
CA PHE C 149 7.31 8.94 -68.45
C PHE C 149 6.27 9.77 -67.73
N ASP C 150 5.11 9.24 -67.34
CA ASP C 150 4.15 10.16 -66.65
C ASP C 150 3.44 9.53 -65.44
N ARG C 151 4.14 9.31 -64.32
CA ARG C 151 3.54 8.60 -63.17
C ARG C 151 3.96 9.30 -61.87
N ASN C 152 3.82 8.65 -60.71
CA ASN C 152 4.07 9.39 -59.44
C ASN C 152 5.48 9.99 -59.48
N ARG C 153 5.60 11.31 -59.26
CA ARG C 153 6.94 11.96 -59.17
C ARG C 153 7.67 11.59 -57.87
N PRO C 154 7.05 11.61 -56.67
CA PRO C 154 7.79 11.35 -55.43
C PRO C 154 8.30 9.94 -55.23
N SER C 155 8.27 9.11 -56.27
CA SER C 155 8.70 7.75 -56.04
C SER C 155 9.84 7.38 -56.95
N PHE C 156 10.36 8.33 -57.72
CA PHE C 156 11.43 7.94 -58.60
C PHE C 156 12.78 8.02 -57.92
N ASP C 157 12.86 8.69 -56.78
CA ASP C 157 14.16 8.85 -56.12
C ASP C 157 14.67 7.55 -55.57
N ALA C 158 13.80 6.71 -55.04
CA ALA C 158 14.25 5.45 -54.52
C ALA C 158 14.68 4.52 -55.63
N ILE C 159 14.10 4.65 -56.81
CA ILE C 159 14.50 3.80 -57.93
C ILE C 159 15.86 4.22 -58.45
N LEU C 160 16.06 5.50 -58.64
CA LEU C 160 17.34 5.95 -59.12
C LEU C 160 18.43 5.75 -58.09
N TYR C 161 18.08 5.83 -56.80
CA TYR C 161 19.09 5.52 -55.79
C TYR C 161 19.38 4.04 -55.73
N TYR C 162 18.49 3.22 -56.29
CA TYR C 162 18.77 1.76 -56.37
C TYR C 162 19.99 1.55 -57.25
N TYR C 163 19.94 2.02 -58.49
CA TYR C 163 21.07 1.75 -59.42
C TYR C 163 22.32 2.35 -58.81
N GLN C 164 22.21 3.54 -58.24
CA GLN C 164 23.40 4.21 -57.68
C GLN C 164 24.01 3.28 -56.63
N SER C 165 23.20 2.75 -55.73
CA SER C 165 23.80 1.97 -54.68
C SER C 165 24.14 0.57 -55.11
N GLY C 166 23.83 0.20 -56.34
CA GLY C 166 24.11 -1.14 -56.77
C GLY C 166 23.18 -2.18 -56.22
N GLY C 167 22.08 -1.79 -55.61
CA GLY C 167 21.08 -2.77 -55.26
C GLY C 167 20.27 -2.48 -54.02
N ARG C 168 20.74 -1.58 -53.16
CA ARG C 168 20.13 -1.36 -51.86
C ARG C 168 18.90 -0.50 -52.03
N ILE C 169 17.75 -1.11 -51.98
CA ILE C 169 16.52 -0.40 -52.30
C ILE C 169 15.77 -0.09 -51.02
N ARG C 170 15.28 1.14 -50.90
CA ARG C 170 14.58 1.57 -49.70
C ARG C 170 13.16 1.95 -50.06
N ARG C 171 12.48 2.55 -49.13
CA ARG C 171 11.19 3.15 -49.45
C ARG C 171 11.10 4.52 -48.83
N PRO C 172 10.73 5.55 -49.56
CA PRO C 172 10.60 6.87 -48.95
C PRO C 172 9.38 6.89 -48.06
N VAL C 173 9.41 7.76 -47.05
CA VAL C 173 8.53 7.57 -45.91
C VAL C 173 7.15 8.14 -46.18
N ASN C 174 7.03 8.89 -47.26
CA ASN C 174 5.74 9.55 -47.57
C ASN C 174 4.93 8.77 -48.61
N VAL C 175 5.52 7.77 -49.26
CA VAL C 175 4.82 7.07 -50.34
C VAL C 175 4.28 5.75 -49.80
N PRO C 176 3.02 5.42 -50.02
CA PRO C 176 2.47 4.21 -49.43
C PRO C 176 2.87 2.98 -50.20
N ILE C 177 2.57 1.83 -49.57
CA ILE C 177 3.25 0.59 -49.93
C ILE C 177 2.73 0.06 -51.25
N ASP C 178 1.44 0.25 -51.50
CA ASP C 178 0.83 -0.24 -52.72
C ASP C 178 1.38 0.47 -53.93
N ILE C 179 1.49 1.80 -53.87
CA ILE C 179 1.99 2.59 -54.99
C ILE C 179 3.45 2.31 -55.22
N PHE C 180 4.20 2.10 -54.15
CA PHE C 180 5.61 1.83 -54.34
C PHE C 180 5.85 0.44 -54.94
N SER C 181 5.01 -0.52 -54.56
CA SER C 181 5.19 -1.90 -55.08
C SER C 181 4.81 -1.88 -56.57
N GLU C 182 3.70 -1.23 -56.89
CA GLU C 182 3.25 -1.21 -58.29
C GLU C 182 4.35 -0.51 -59.10
N GLU C 183 5.02 0.48 -58.51
CA GLU C 183 6.07 1.23 -59.26
C GLU C 183 7.25 0.33 -59.57
N ILE C 184 7.66 -0.52 -58.63
CA ILE C 184 8.86 -1.34 -58.96
C ILE C 184 8.49 -2.23 -60.15
N ARG C 185 7.24 -2.70 -60.19
CA ARG C 185 6.80 -3.57 -61.30
C ARG C 185 6.84 -2.84 -62.64
N PHE C 186 6.36 -1.59 -62.71
CA PHE C 186 6.34 -0.93 -64.04
C PHE C 186 7.78 -0.81 -64.50
N TYR C 187 8.67 -0.46 -63.58
CA TYR C 187 10.10 -0.27 -63.94
C TYR C 187 10.74 -1.58 -64.38
N GLN C 188 10.35 -2.69 -63.75
CA GLN C 188 10.89 -4.04 -64.09
C GLN C 188 12.28 -4.19 -63.47
N LEU C 189 12.35 -4.48 -62.17
CA LEU C 189 13.66 -4.55 -61.55
C LEU C 189 14.13 -6.00 -61.40
N GLY C 190 13.28 -6.86 -60.89
CA GLY C 190 13.64 -8.25 -60.66
C GLY C 190 12.96 -8.81 -59.43
N GLU C 191 12.88 -10.15 -59.39
CA GLU C 191 12.22 -10.84 -58.29
C GLU C 191 12.99 -10.71 -56.99
N GLU C 192 14.33 -10.77 -57.07
CA GLU C 192 15.15 -10.56 -55.88
C GLU C 192 15.04 -9.12 -55.41
N ALA C 193 14.79 -8.18 -56.32
CA ALA C 193 14.62 -6.80 -55.91
C ALA C 193 13.31 -6.62 -55.16
N MET C 194 12.24 -7.22 -55.70
CA MET C 194 10.92 -7.14 -55.05
C MET C 194 10.95 -7.81 -53.68
N GLU C 195 11.59 -8.97 -53.59
CA GLU C 195 11.67 -9.63 -52.29
C GLU C 195 12.65 -8.91 -51.38
N LYS C 196 13.60 -8.19 -51.95
CA LYS C 196 14.47 -7.36 -51.14
C LYS C 196 13.70 -6.20 -50.52
N PHE C 197 12.76 -5.64 -51.28
CA PHE C 197 11.82 -4.67 -50.72
C PHE C 197 10.98 -5.30 -49.62
N ARG C 198 10.56 -6.55 -49.82
CA ARG C 198 9.72 -7.20 -48.82
C ARG C 198 10.53 -7.56 -47.57
N GLU C 199 11.83 -7.80 -47.73
CA GLU C 199 12.70 -8.04 -46.59
C GLU C 199 13.03 -6.75 -45.85
N ASP C 200 13.32 -5.68 -46.59
CA ASP C 200 13.51 -4.38 -45.98
C ASP C 200 12.23 -3.88 -45.32
N GLU C 201 11.08 -4.35 -45.79
CA GLU C 201 9.84 -3.97 -45.17
C GLU C 201 9.50 -4.78 -43.94
N GLY C 202 9.71 -6.09 -43.96
CA GLY C 202 9.37 -6.90 -42.81
C GLY C 202 8.06 -7.65 -42.90
N PHE C 203 7.69 -8.13 -44.09
CA PHE C 203 6.75 -9.23 -44.22
C PHE C 203 7.49 -10.44 -44.74
N LEU C 204 7.27 -11.57 -44.07
CA LEU C 204 8.15 -12.72 -44.14
C LEU C 204 7.67 -13.77 -45.12
N ARG C 205 7.08 -13.35 -46.23
CA ARG C 205 6.49 -14.29 -47.18
C ARG C 205 7.61 -14.86 -48.07
N GLU C 206 8.14 -16.01 -47.67
CA GLU C 206 9.21 -16.62 -48.45
C GLU C 206 9.07 -18.13 -48.63
N GLU C 207 8.29 -18.78 -47.76
CA GLU C 207 8.33 -20.24 -47.59
C GLU C 207 7.06 -20.91 -48.11
N GLU C 208 7.15 -22.24 -48.21
CA GLU C 208 6.06 -23.11 -48.64
C GLU C 208 6.22 -24.43 -47.89
N ARG C 209 5.44 -25.43 -48.31
CA ARG C 209 5.46 -26.75 -47.61
C ARG C 209 5.64 -27.89 -48.62
N PRO C 210 6.59 -28.85 -48.44
CA PRO C 210 6.70 -29.99 -49.35
C PRO C 210 5.44 -30.84 -49.31
N LEU C 211 5.24 -31.61 -50.37
CA LEU C 211 3.96 -32.25 -50.60
C LEU C 211 4.22 -33.60 -51.23
N PRO C 212 3.52 -34.66 -50.82
CA PRO C 212 3.99 -36.02 -51.11
C PRO C 212 3.96 -36.42 -52.57
N ARG C 213 3.00 -35.88 -53.34
CA ARG C 213 2.91 -36.02 -54.80
C ARG C 213 2.85 -37.50 -55.20
N ARG C 214 1.90 -38.20 -54.58
CA ARG C 214 1.76 -39.63 -54.79
C ARG C 214 0.30 -40.05 -54.89
N ASP C 215 -0.60 -39.15 -54.49
CA ASP C 215 -2.05 -39.31 -54.49
C ASP C 215 -2.55 -40.45 -53.63
N PHE C 216 -1.72 -40.99 -52.75
CA PHE C 216 -2.24 -41.59 -51.54
C PHE C 216 -1.65 -40.97 -50.29
N GLN C 217 -0.32 -40.96 -50.21
CA GLN C 217 0.38 -40.15 -49.21
C GLN C 217 -0.09 -38.71 -49.27
N ARG C 218 -0.17 -38.17 -50.49
CA ARG C 218 -0.77 -36.86 -50.69
C ARG C 218 -2.22 -36.83 -50.23
N GLN C 219 -2.96 -37.92 -50.44
CA GLN C 219 -4.39 -37.90 -50.13
C GLN C 219 -4.65 -37.82 -48.64
N VAL C 220 -4.03 -38.70 -47.85
CA VAL C 220 -4.29 -38.65 -46.41
C VAL C 220 -3.48 -37.56 -45.70
N TRP C 221 -2.36 -37.11 -46.22
CA TRP C 221 -1.71 -35.97 -45.59
C TRP C 221 -2.53 -34.70 -45.81
N LEU C 222 -3.19 -34.59 -46.97
CA LEU C 222 -4.21 -33.56 -47.14
C LEU C 222 -5.41 -33.76 -46.26
N LEU C 223 -5.78 -35.03 -46.00
CA LEU C 223 -6.91 -35.29 -45.11
C LEU C 223 -6.65 -34.77 -43.71
N PHE C 224 -5.46 -35.00 -43.21
CA PHE C 224 -5.21 -34.71 -41.81
C PHE C 224 -4.70 -33.31 -41.57
N GLU C 225 -3.69 -32.86 -42.30
CA GLU C 225 -2.93 -31.70 -41.87
C GLU C 225 -3.56 -30.38 -42.23
N TYR C 226 -4.39 -30.32 -43.27
CA TYR C 226 -4.90 -29.04 -43.75
C TYR C 226 -6.42 -29.05 -43.70
N PRO C 227 -7.02 -28.85 -42.52
CA PRO C 227 -8.44 -29.18 -42.36
C PRO C 227 -9.36 -28.20 -43.02
N GLU C 228 -8.86 -27.14 -43.64
CA GLU C 228 -9.73 -26.33 -44.48
C GLU C 228 -9.82 -26.86 -45.91
N SER C 229 -9.28 -28.05 -46.17
CA SER C 229 -9.50 -28.70 -47.46
C SER C 229 -10.97 -29.02 -47.69
N SER C 230 -11.52 -29.98 -46.94
CA SER C 230 -12.78 -30.61 -47.31
C SER C 230 -13.66 -30.78 -46.08
N GLY C 231 -14.88 -31.25 -46.31
CA GLY C 231 -15.80 -31.58 -45.25
C GLY C 231 -15.36 -32.66 -44.29
N PRO C 232 -14.92 -33.83 -44.79
CA PRO C 232 -14.32 -34.83 -43.89
C PRO C 232 -13.12 -34.37 -43.07
N ALA C 233 -12.29 -33.49 -43.60
CA ALA C 233 -11.18 -32.98 -42.80
C ALA C 233 -11.70 -32.14 -41.66
N ARG C 234 -12.78 -31.40 -41.88
CA ARG C 234 -13.39 -30.67 -40.78
C ARG C 234 -13.99 -31.64 -39.77
N GLY C 235 -14.47 -32.78 -40.23
CA GLY C 235 -14.96 -33.78 -39.30
C GLY C 235 -13.86 -34.36 -38.43
N ILE C 236 -12.71 -34.64 -39.03
CA ILE C 236 -11.61 -35.23 -38.27
C ILE C 236 -11.04 -34.21 -37.28
N ALA C 237 -11.03 -32.93 -37.64
CA ALA C 237 -10.63 -31.92 -36.67
C ALA C 237 -11.61 -31.86 -35.50
N ILE C 238 -12.91 -32.01 -35.75
CA ILE C 238 -13.84 -31.89 -34.64
C ILE C 238 -13.87 -33.13 -33.75
N VAL C 239 -13.67 -34.31 -34.32
CA VAL C 239 -13.49 -35.48 -33.48
C VAL C 239 -12.21 -35.40 -32.69
N SER C 240 -11.17 -34.75 -33.23
CA SER C 240 -9.95 -34.63 -32.47
C SER C 240 -10.11 -33.67 -31.29
N VAL C 241 -10.85 -32.58 -31.48
CA VAL C 241 -11.05 -31.67 -30.37
C VAL C 241 -11.90 -32.30 -29.27
N LEU C 242 -12.93 -33.04 -29.65
CA LEU C 242 -13.75 -33.69 -28.62
C LEU C 242 -13.00 -34.78 -27.87
N VAL C 243 -12.08 -35.49 -28.51
CA VAL C 243 -11.37 -36.53 -27.79
C VAL C 243 -10.40 -35.93 -26.79
N ILE C 244 -9.72 -34.83 -27.15
CA ILE C 244 -8.86 -34.15 -26.18
C ILE C 244 -9.67 -33.67 -24.98
N LEU C 245 -10.87 -33.14 -25.21
CA LEU C 245 -11.66 -32.59 -24.11
C LEU C 245 -12.14 -33.67 -23.16
N ILE C 246 -12.61 -34.81 -23.69
CA ILE C 246 -13.05 -35.80 -22.72
C ILE C 246 -11.87 -36.47 -22.06
N SER C 247 -10.67 -36.33 -22.60
CA SER C 247 -9.54 -36.83 -21.84
C SER C 247 -9.20 -35.94 -20.65
N ILE C 248 -9.30 -34.61 -20.80
CA ILE C 248 -9.03 -33.77 -19.64
C ILE C 248 -10.10 -33.93 -18.56
N VAL C 249 -11.35 -34.07 -18.97
CA VAL C 249 -12.42 -34.27 -18.00
C VAL C 249 -12.22 -35.57 -17.23
N ILE C 250 -11.76 -36.62 -17.90
CA ILE C 250 -11.46 -37.86 -17.19
C ILE C 250 -10.36 -37.71 -16.20
N PHE C 251 -9.32 -36.95 -16.51
CA PHE C 251 -8.20 -36.74 -15.58
C PHE C 251 -8.65 -36.12 -14.25
N CYS C 252 -9.40 -35.02 -14.33
CA CYS C 252 -9.73 -34.29 -13.08
C CYS C 252 -10.77 -35.04 -12.23
N LEU C 253 -11.74 -35.70 -12.85
CA LEU C 253 -12.81 -36.43 -12.13
C LEU C 253 -12.23 -37.60 -11.35
N GLU C 254 -11.31 -38.33 -11.96
CA GLU C 254 -10.66 -39.50 -11.31
C GLU C 254 -10.37 -39.23 -9.84
N THR C 255 -9.74 -38.10 -9.51
CA THR C 255 -9.28 -37.81 -8.11
C THR C 255 -10.42 -37.44 -7.16
N LEU C 256 -11.62 -37.13 -7.65
CA LEU C 256 -12.74 -36.66 -6.79
C LEU C 256 -12.89 -37.73 -5.73
N PRO C 257 -13.18 -37.39 -4.47
CA PRO C 257 -13.15 -38.39 -3.41
C PRO C 257 -14.08 -39.56 -3.70
N GLU C 258 -15.32 -39.32 -4.14
CA GLU C 258 -16.28 -40.44 -4.30
C GLU C 258 -15.79 -41.46 -5.32
N PHE C 259 -15.46 -41.02 -6.54
CA PHE C 259 -15.07 -41.93 -7.65
C PHE C 259 -13.89 -42.81 -7.26
N SER C 289 -7.93 -53.22 -14.58
CA SER C 289 -8.41 -53.41 -15.93
C SER C 289 -9.57 -54.38 -15.99
N SER C 290 -10.33 -54.51 -14.90
CA SER C 290 -11.40 -55.51 -14.82
C SER C 290 -12.63 -55.12 -15.61
N PHE C 291 -12.49 -54.06 -16.42
CA PHE C 291 -13.60 -53.58 -17.30
C PHE C 291 -14.75 -53.05 -16.43
N SER C 292 -14.77 -53.42 -15.15
CA SER C 292 -15.79 -52.82 -14.26
C SER C 292 -15.53 -51.31 -14.17
N ASP C 293 -14.26 -50.91 -14.09
CA ASP C 293 -13.94 -49.47 -13.91
C ASP C 293 -14.21 -48.75 -15.23
N PRO C 294 -15.13 -47.77 -15.27
CA PRO C 294 -15.37 -47.00 -16.48
C PRO C 294 -14.15 -46.15 -16.87
N PHE C 295 -13.45 -45.57 -15.91
CA PHE C 295 -12.35 -44.63 -16.22
C PHE C 295 -11.22 -45.28 -17.02
N PHE C 296 -10.83 -46.52 -16.72
CA PHE C 296 -9.78 -47.13 -17.58
C PHE C 296 -10.31 -47.31 -18.99
N VAL C 297 -11.56 -47.74 -19.15
CA VAL C 297 -12.07 -48.02 -20.53
C VAL C 297 -12.07 -46.73 -21.36
N VAL C 298 -12.61 -45.63 -20.82
CA VAL C 298 -12.70 -44.35 -21.58
C VAL C 298 -11.29 -43.82 -21.83
N GLU C 299 -10.38 -44.03 -20.87
CA GLU C 299 -8.98 -43.59 -21.05
C GLU C 299 -8.27 -44.51 -22.05
N THR C 300 -8.68 -45.77 -22.19
CA THR C 300 -8.03 -46.61 -23.18
C THR C 300 -8.46 -46.22 -24.58
N LEU C 301 -9.72 -45.83 -24.75
CA LEU C 301 -10.17 -45.40 -26.06
C LEU C 301 -9.52 -44.10 -26.50
N CYS C 302 -9.32 -43.15 -25.58
CA CYS C 302 -8.62 -41.94 -25.99
C CYS C 302 -7.16 -42.20 -26.31
N ILE C 303 -6.49 -43.12 -25.62
CA ILE C 303 -5.11 -43.42 -25.99
C ILE C 303 -5.02 -44.18 -27.31
N ILE C 304 -6.03 -44.99 -27.61
CA ILE C 304 -6.12 -45.65 -28.91
C ILE C 304 -6.22 -44.63 -30.03
N TRP C 305 -7.10 -43.64 -29.89
CA TRP C 305 -7.25 -42.66 -30.95
C TRP C 305 -6.04 -41.73 -31.08
N PHE C 306 -5.38 -41.38 -29.97
CA PHE C 306 -4.16 -40.58 -30.06
C PHE C 306 -3.07 -41.33 -30.80
N SER C 307 -2.85 -42.59 -30.44
CA SER C 307 -1.81 -43.37 -31.07
C SER C 307 -2.08 -43.60 -32.54
N PHE C 308 -3.35 -43.81 -32.90
CA PHE C 308 -3.69 -44.02 -34.29
C PHE C 308 -3.47 -42.77 -35.13
N GLU C 309 -3.89 -41.62 -34.61
CA GLU C 309 -3.69 -40.37 -35.33
C GLU C 309 -2.21 -40.10 -35.53
N LEU C 310 -1.40 -40.37 -34.51
CA LEU C 310 0.02 -40.09 -34.62
C LEU C 310 0.71 -41.00 -35.62
N LEU C 311 0.35 -42.29 -35.65
CA LEU C 311 1.04 -43.15 -36.61
C LEU C 311 0.59 -42.91 -38.04
N VAL C 312 -0.68 -42.61 -38.28
CA VAL C 312 -1.08 -42.32 -39.64
C VAL C 312 -0.51 -40.99 -40.10
N ARG C 313 -0.23 -40.06 -39.20
CA ARG C 313 0.41 -38.85 -39.66
C ARG C 313 1.88 -39.10 -39.93
N PHE C 314 2.51 -39.95 -39.13
CA PHE C 314 3.94 -40.15 -39.27
C PHE C 314 4.29 -40.91 -40.54
N PHE C 315 3.46 -41.89 -40.93
CA PHE C 315 3.79 -42.60 -42.16
C PHE C 315 3.47 -41.83 -43.40
N ALA C 316 2.46 -40.96 -43.39
CA ALA C 316 2.16 -40.15 -44.54
C ALA C 316 2.87 -38.81 -44.50
N CYS C 317 3.89 -38.69 -43.72
CA CYS C 317 4.62 -37.44 -43.69
C CYS C 317 5.71 -37.46 -44.74
N PRO C 318 5.80 -36.39 -45.54
CA PRO C 318 6.76 -36.38 -46.65
C PRO C 318 8.21 -36.37 -46.23
N SER C 319 8.51 -36.06 -44.98
CA SER C 319 9.83 -36.36 -44.45
C SER C 319 9.69 -37.06 -43.12
N LYS C 320 10.50 -38.08 -42.92
CA LYS C 320 10.61 -38.68 -41.60
C LYS C 320 11.81 -38.12 -40.88
N ALA C 321 12.36 -37.01 -41.36
CA ALA C 321 13.54 -36.43 -40.75
C ALA C 321 13.27 -35.05 -40.18
N THR C 322 12.37 -34.30 -40.82
CA THR C 322 11.92 -33.05 -40.23
C THR C 322 10.76 -33.27 -39.28
N PHE C 323 10.36 -34.54 -39.11
CA PHE C 323 9.32 -34.85 -38.14
C PHE C 323 9.77 -34.58 -36.73
N SER C 324 10.81 -35.27 -36.27
CA SER C 324 11.07 -35.29 -34.84
C SER C 324 11.68 -33.98 -34.36
N ARG C 325 12.07 -33.13 -35.32
CA ARG C 325 12.63 -31.81 -34.92
C ARG C 325 11.48 -30.87 -34.53
N ASN C 326 10.24 -31.20 -34.91
CA ASN C 326 9.11 -30.32 -34.65
C ASN C 326 8.78 -30.31 -33.17
N ILE C 327 7.77 -29.53 -32.80
CA ILE C 327 7.39 -29.48 -31.40
C ILE C 327 6.06 -30.18 -31.17
N MET C 328 5.09 -29.98 -32.07
CA MET C 328 3.76 -30.47 -31.81
C MET C 328 3.69 -31.99 -31.91
N ASN C 329 4.55 -32.58 -32.71
CA ASN C 329 4.64 -34.04 -32.69
C ASN C 329 5.36 -34.55 -31.44
N LEU C 330 6.30 -33.77 -30.90
CA LEU C 330 6.91 -34.16 -29.64
C LEU C 330 5.92 -34.07 -28.49
N ILE C 331 5.01 -33.11 -28.54
CA ILE C 331 3.95 -33.01 -27.54
C ILE C 331 3.06 -34.24 -27.63
N ASP C 332 2.79 -34.71 -28.83
CA ASP C 332 1.94 -35.90 -28.96
C ASP C 332 2.62 -37.16 -28.41
N ILE C 333 3.91 -37.33 -28.65
CA ILE C 333 4.65 -38.44 -28.06
C ILE C 333 4.62 -38.38 -26.53
N VAL C 334 4.85 -37.19 -25.97
CA VAL C 334 4.94 -37.08 -24.51
C VAL C 334 3.59 -37.37 -23.87
N ALA C 335 2.49 -36.99 -24.52
CA ALA C 335 1.20 -37.27 -23.92
C ALA C 335 0.74 -38.68 -24.22
N ILE C 336 1.47 -39.43 -25.05
CA ILE C 336 1.11 -40.83 -25.27
C ILE C 336 1.94 -41.84 -24.47
N ILE C 337 3.10 -41.46 -23.95
CA ILE C 337 4.01 -42.41 -23.29
C ILE C 337 3.62 -42.99 -21.93
N PRO C 338 3.17 -42.23 -20.91
CA PRO C 338 3.06 -42.84 -19.60
C PRO C 338 1.92 -43.83 -19.44
N TYR C 339 0.88 -43.81 -20.28
CA TYR C 339 -0.09 -44.88 -20.20
C TYR C 339 0.53 -46.20 -20.62
N PHE C 340 1.38 -46.17 -21.64
CA PHE C 340 2.00 -47.40 -22.09
C PHE C 340 3.01 -47.91 -21.08
N ILE C 341 3.73 -47.03 -20.38
CA ILE C 341 4.62 -47.64 -19.39
C ILE C 341 3.88 -48.07 -18.13
N THR C 342 2.72 -47.46 -17.84
CA THR C 342 1.83 -47.99 -16.81
C THR C 342 1.38 -49.40 -17.16
N LEU C 343 0.96 -49.58 -18.40
CA LEU C 343 0.48 -50.88 -18.86
C LEU C 343 1.57 -51.93 -18.81
N GLY C 344 2.75 -51.62 -19.34
CA GLY C 344 3.85 -52.56 -19.37
C GLY C 344 4.32 -53.01 -18.00
N THR C 345 4.51 -52.06 -17.07
CA THR C 345 5.01 -52.48 -15.77
C THR C 345 3.89 -53.09 -14.92
N GLU C 346 2.63 -52.72 -15.16
CA GLU C 346 1.54 -53.42 -14.50
C GLU C 346 1.40 -54.86 -15.00
N LEU C 347 1.99 -55.17 -16.16
CA LEU C 347 1.98 -56.59 -16.61
C LEU C 347 3.37 -57.21 -16.48
N ALA C 348 4.28 -56.55 -15.76
CA ALA C 348 5.65 -57.09 -15.54
C ALA C 348 5.63 -58.11 -14.40
N SER C 359 11.14 -45.04 -3.53
CA SER C 359 10.84 -44.60 -2.13
C SER C 359 9.52 -43.86 -2.11
N LEU C 360 9.34 -42.92 -3.04
CA LEU C 360 7.99 -42.31 -3.22
C LEU C 360 7.71 -42.76 -4.65
N ALA C 361 6.52 -43.27 -4.95
CA ALA C 361 6.30 -43.92 -6.26
C ALA C 361 6.87 -43.12 -7.42
N ILE C 362 7.71 -43.75 -8.27
CA ILE C 362 8.16 -43.05 -9.51
C ILE C 362 6.88 -42.96 -10.33
N LEU C 363 5.90 -43.78 -9.95
CA LEU C 363 4.60 -43.70 -10.63
C LEU C 363 4.11 -42.27 -10.40
N ARG C 364 4.34 -41.72 -9.21
CA ARG C 364 3.79 -40.37 -8.89
C ARG C 364 4.37 -39.30 -9.82
N VAL C 365 5.67 -39.33 -10.11
CA VAL C 365 6.19 -38.35 -11.10
C VAL C 365 5.58 -38.62 -12.48
N ILE C 366 5.45 -39.89 -12.89
CA ILE C 366 4.76 -40.20 -14.17
C ILE C 366 3.36 -39.59 -14.09
N ARG C 367 2.66 -39.76 -12.97
CA ARG C 367 1.31 -39.25 -12.82
C ARG C 367 1.29 -37.74 -12.85
N LEU C 368 2.44 -37.08 -12.78
CA LEU C 368 2.41 -35.66 -13.05
C LEU C 368 2.61 -35.37 -14.53
N VAL C 369 3.41 -36.16 -15.23
CA VAL C 369 3.64 -35.83 -16.63
C VAL C 369 2.45 -36.25 -17.46
N ARG C 370 1.48 -36.93 -16.86
CA ARG C 370 0.23 -37.03 -17.65
C ARG C 370 -0.45 -35.74 -17.87
N VAL C 371 -0.20 -34.59 -17.25
CA VAL C 371 -1.02 -33.41 -17.41
C VAL C 371 -0.72 -32.68 -18.70
N PHE C 372 0.29 -33.07 -19.43
CA PHE C 372 0.59 -32.36 -20.67
C PHE C 372 -0.26 -32.81 -21.83
N ARG C 373 -1.42 -33.40 -21.59
CA ARG C 373 -2.33 -33.68 -22.68
C ARG C 373 -3.19 -32.49 -22.97
N ILE C 374 -2.97 -31.37 -22.30
CA ILE C 374 -3.79 -30.21 -22.63
C ILE C 374 -3.02 -29.30 -23.54
N PHE C 375 -1.84 -29.69 -23.95
CA PHE C 375 -1.16 -28.86 -24.91
C PHE C 375 -1.39 -29.34 -26.31
N LYS C 376 -2.19 -30.37 -26.47
CA LYS C 376 -2.55 -30.77 -27.80
C LYS C 376 -3.69 -29.97 -28.35
N LEU C 377 -4.20 -28.98 -27.62
CA LEU C 377 -5.10 -28.04 -28.24
C LEU C 377 -4.34 -27.08 -29.13
N SER C 378 -3.03 -27.05 -29.05
CA SER C 378 -2.30 -26.04 -29.78
C SER C 378 -2.15 -26.33 -31.26
N ARG C 379 -2.80 -27.36 -31.77
CA ARG C 379 -2.88 -27.52 -33.21
C ARG C 379 -4.12 -26.87 -33.76
N HIS C 380 -5.20 -26.92 -33.00
CA HIS C 380 -6.50 -26.46 -33.46
C HIS C 380 -6.82 -25.12 -32.86
N SER C 381 -5.82 -24.30 -32.58
CA SER C 381 -6.04 -23.03 -31.93
C SER C 381 -4.95 -22.04 -32.24
N LYS C 382 -5.26 -21.03 -33.03
CA LYS C 382 -4.32 -19.99 -33.39
C LYS C 382 -4.25 -18.90 -32.33
N GLY C 383 -4.50 -19.24 -31.08
CA GLY C 383 -4.21 -18.30 -30.02
C GLY C 383 -3.23 -18.90 -29.05
N LEU C 384 -2.95 -20.16 -29.18
CA LEU C 384 -1.91 -20.75 -28.38
C LEU C 384 -0.59 -20.78 -29.13
N GLN C 385 -0.62 -20.76 -30.44
CA GLN C 385 0.64 -20.72 -31.15
C GLN C 385 1.29 -19.35 -31.05
N ILE C 386 0.51 -18.29 -30.94
CA ILE C 386 1.09 -16.98 -30.71
C ILE C 386 1.69 -16.88 -29.32
N LEU C 387 1.12 -17.59 -28.36
CA LEU C 387 1.73 -17.59 -27.05
C LEU C 387 2.98 -18.41 -27.04
N GLY C 388 3.08 -19.41 -27.90
CA GLY C 388 4.32 -20.14 -28.01
C GLY C 388 5.45 -19.33 -28.60
N GLN C 389 5.20 -18.65 -29.73
CA GLN C 389 6.22 -17.80 -30.31
C GLN C 389 6.56 -16.61 -29.44
N THR C 390 5.61 -16.10 -28.66
CA THR C 390 5.86 -14.99 -27.77
C THR C 390 6.70 -15.38 -26.56
N LEU C 391 6.37 -16.49 -25.91
CA LEU C 391 7.19 -16.87 -24.77
C LEU C 391 8.52 -17.43 -25.20
N LYS C 392 8.70 -17.81 -26.45
CA LYS C 392 10.05 -18.13 -26.86
C LYS C 392 10.85 -16.88 -27.10
N ALA C 393 10.30 -15.93 -27.83
CA ALA C 393 11.10 -14.82 -28.33
C ALA C 393 11.51 -13.82 -27.28
N SER C 394 11.04 -14.01 -26.02
CA SER C 394 11.30 -13.09 -24.86
C SER C 394 11.64 -13.84 -23.56
N MET C 395 12.52 -14.84 -23.57
CA MET C 395 13.03 -15.58 -22.44
C MET C 395 13.88 -14.69 -21.53
N ARG C 396 14.55 -13.71 -22.10
CA ARG C 396 15.39 -12.87 -21.28
C ARG C 396 14.55 -12.01 -20.35
N GLU C 397 13.42 -11.52 -20.82
CA GLU C 397 12.57 -10.74 -19.94
C GLU C 397 11.65 -11.58 -19.09
N LEU C 398 11.93 -12.84 -18.90
CA LEU C 398 11.30 -13.57 -17.82
C LEU C 398 12.35 -13.95 -16.83
N GLY C 399 13.56 -14.16 -17.32
CA GLY C 399 14.68 -14.27 -16.40
C GLY C 399 14.83 -13.04 -15.55
N LEU C 400 14.61 -11.87 -16.14
CA LEU C 400 14.72 -10.65 -15.38
C LEU C 400 13.61 -10.52 -14.36
N LEU C 401 12.42 -10.99 -14.68
CA LEU C 401 11.29 -10.84 -13.79
C LEU C 401 11.48 -11.67 -12.55
N ILE C 402 11.89 -12.92 -12.72
CA ILE C 402 12.13 -13.77 -11.56
C ILE C 402 13.39 -13.37 -10.80
N PHE C 403 14.38 -12.80 -11.46
CA PHE C 403 15.56 -12.34 -10.74
C PHE C 403 15.28 -11.11 -9.89
N PHE C 404 14.55 -10.14 -10.43
CA PHE C 404 14.19 -8.96 -9.67
C PHE C 404 13.31 -9.34 -8.50
N LEU C 405 12.41 -10.28 -8.70
CA LEU C 405 11.53 -10.67 -7.62
C LEU C 405 12.27 -11.39 -6.53
N PHE C 406 13.28 -12.20 -6.87
CA PHE C 406 14.01 -12.88 -5.82
C PHE C 406 14.87 -11.93 -5.01
N ILE C 407 15.45 -10.91 -5.64
CA ILE C 407 16.37 -10.02 -4.85
C ILE C 407 15.53 -9.32 -3.79
N GLY C 408 14.34 -8.88 -4.13
CA GLY C 408 13.49 -8.22 -3.13
C GLY C 408 13.11 -9.16 -2.01
N VAL C 409 12.77 -10.40 -2.32
CA VAL C 409 12.30 -11.35 -1.28
C VAL C 409 13.45 -11.61 -0.30
N ILE C 410 14.72 -11.51 -0.71
CA ILE C 410 15.83 -11.70 0.27
C ILE C 410 16.14 -10.36 0.93
N LEU C 411 15.65 -9.22 0.43
CA LEU C 411 15.97 -7.87 0.98
C LEU C 411 14.84 -7.32 1.84
N PHE C 412 13.56 -7.66 1.58
CA PHE C 412 12.50 -7.16 2.49
C PHE C 412 12.25 -8.13 3.64
N SER C 413 12.38 -9.43 3.38
CA SER C 413 12.15 -10.45 4.42
C SER C 413 13.12 -10.26 5.58
N SER C 414 14.39 -10.01 5.28
CA SER C 414 15.40 -9.85 6.36
C SER C 414 15.02 -8.65 7.23
N ALA C 415 14.61 -7.55 6.63
CA ALA C 415 14.20 -6.35 7.39
C ALA C 415 13.07 -6.66 8.37
N VAL C 416 11.97 -7.24 7.93
CA VAL C 416 10.82 -7.59 8.83
C VAL C 416 11.27 -8.62 9.87
N TYR C 417 12.11 -9.60 9.56
CA TYR C 417 12.50 -10.52 10.65
C TYR C 417 13.22 -9.75 11.75
N PHE C 418 14.16 -8.88 11.41
CA PHE C 418 14.93 -8.11 12.42
C PHE C 418 14.04 -7.12 13.15
N ALA C 419 13.12 -6.45 12.45
CA ALA C 419 12.22 -5.46 13.07
C ALA C 419 11.26 -6.14 14.05
N GLU C 420 10.62 -7.22 13.65
CA GLU C 420 9.75 -8.01 14.55
C GLU C 420 10.60 -9.12 15.13
N ALA C 421 11.63 -8.79 15.89
CA ALA C 421 12.57 -9.84 16.35
C ALA C 421 12.14 -10.37 17.69
N ASP C 422 11.95 -9.47 18.64
CA ASP C 422 11.66 -9.94 20.02
C ASP C 422 10.25 -9.53 20.47
N ASP C 423 9.25 -10.23 19.98
CA ASP C 423 7.83 -10.00 20.37
C ASP C 423 7.11 -11.28 19.99
N PRO C 424 5.83 -11.56 20.34
CA PRO C 424 5.18 -12.77 19.87
C PRO C 424 4.85 -12.37 18.44
N THR C 425 5.87 -12.32 17.59
CA THR C 425 5.67 -11.80 16.20
C THR C 425 5.25 -12.87 15.21
N SER C 426 3.98 -13.23 15.25
CA SER C 426 3.45 -14.15 14.22
C SER C 426 4.41 -15.32 14.06
N GLY C 427 4.73 -15.60 12.81
CA GLY C 427 5.66 -16.70 12.53
C GLY C 427 7.00 -16.18 12.09
N PHE C 428 7.30 -14.91 12.33
CA PHE C 428 8.59 -14.43 11.78
C PHE C 428 9.66 -14.95 12.73
N SER C 429 9.84 -16.27 12.78
CA SER C 429 10.82 -16.93 13.67
C SER C 429 12.14 -17.17 12.94
N SER C 430 12.20 -16.91 11.63
CA SER C 430 13.47 -17.06 10.89
C SER C 430 13.41 -16.19 9.63
N ILE C 431 14.54 -15.77 9.08
CA ILE C 431 14.50 -15.05 7.78
C ILE C 431 13.93 -16.04 6.77
N PRO C 432 14.25 -17.35 6.74
CA PRO C 432 13.69 -18.24 5.74
C PRO C 432 12.15 -18.33 5.79
N ASP C 433 11.53 -18.16 6.95
CA ASP C 433 10.04 -18.19 7.10
C ASP C 433 9.35 -17.02 6.39
N ALA C 434 9.92 -15.82 6.43
CA ALA C 434 9.22 -14.64 5.90
C ALA C 434 9.13 -14.67 4.38
N PHE C 435 9.79 -15.59 3.70
CA PHE C 435 9.79 -15.58 2.22
C PHE C 435 8.37 -15.71 1.69
N TRP C 436 7.48 -16.49 2.32
CA TRP C 436 6.07 -16.55 1.89
C TRP C 436 5.39 -15.19 2.03
N TRP C 437 5.61 -14.45 3.12
CA TRP C 437 5.00 -13.13 3.34
C TRP C 437 5.44 -12.14 2.28
N ALA C 438 6.70 -12.18 1.83
CA ALA C 438 7.16 -11.15 0.90
C ALA C 438 6.72 -11.46 -0.52
N VAL C 439 6.55 -12.72 -0.89
CA VAL C 439 5.98 -13.07 -2.23
C VAL C 439 4.49 -12.73 -2.29
N VAL C 440 3.70 -13.02 -1.25
CA VAL C 440 2.27 -12.63 -1.21
C VAL C 440 2.08 -11.10 -1.12
N THR C 441 2.93 -10.32 -0.46
CA THR C 441 2.66 -8.87 -0.38
C THR C 441 3.10 -8.18 -1.66
N MET C 442 4.25 -8.54 -2.22
CA MET C 442 4.80 -7.89 -3.45
C MET C 442 3.97 -8.16 -4.69
N THR C 443 3.46 -9.37 -4.90
CA THR C 443 2.58 -9.69 -6.06
C THR C 443 1.16 -9.20 -5.81
N THR C 444 0.87 -8.62 -4.65
CA THR C 444 -0.44 -8.03 -4.26
C THR C 444 -1.54 -9.06 -3.97
N VAL C 445 -1.24 -10.35 -3.82
CA VAL C 445 -2.30 -11.32 -3.44
C VAL C 445 -2.73 -11.06 -2.01
N GLY C 446 -1.82 -10.93 -1.06
CA GLY C 446 -2.17 -10.61 0.34
C GLY C 446 -3.21 -11.54 0.91
N TYR C 447 -2.87 -12.78 1.18
CA TYR C 447 -3.82 -13.76 1.74
C TYR C 447 -4.22 -13.33 3.14
N GLY C 448 -3.28 -12.82 3.93
CA GLY C 448 -3.58 -12.34 5.28
C GLY C 448 -3.23 -13.34 6.36
N ASP C 449 -2.60 -14.44 5.97
CA ASP C 449 -2.18 -15.51 6.90
C ASP C 449 -1.07 -15.03 7.85
N MET C 450 -0.02 -14.34 7.39
CA MET C 450 1.02 -13.71 8.22
C MET C 450 1.09 -12.22 7.90
N HIS C 451 1.07 -11.38 8.91
CA HIS C 451 1.13 -9.91 8.70
C HIS C 451 2.07 -9.33 9.76
N PRO C 452 2.71 -8.16 9.57
CA PRO C 452 3.55 -7.57 10.60
C PRO C 452 2.74 -6.99 11.79
N VAL C 453 3.30 -6.94 13.01
CA VAL C 453 2.54 -6.48 14.22
C VAL C 453 3.29 -5.46 15.09
N THR C 454 4.31 -4.75 14.61
CA THR C 454 5.00 -3.70 15.35
C THR C 454 4.89 -2.42 14.56
N ILE C 455 5.75 -1.45 14.85
CA ILE C 455 5.77 -0.26 14.01
C ILE C 455 6.84 -0.35 12.92
N GLY C 456 7.97 -0.97 13.20
CA GLY C 456 8.95 -1.20 12.19
C GLY C 456 8.51 -2.23 11.19
N GLY C 457 7.81 -3.26 11.64
CA GLY C 457 7.30 -4.24 10.69
C GLY C 457 6.32 -3.57 9.77
N LYS C 458 5.50 -2.67 10.28
CA LYS C 458 4.46 -2.12 9.43
C LYS C 458 5.04 -1.15 8.43
N ILE C 459 6.08 -0.40 8.78
CA ILE C 459 6.69 0.50 7.81
C ILE C 459 7.43 -0.28 6.74
N VAL C 460 7.97 -1.44 7.09
CA VAL C 460 8.63 -2.31 6.06
C VAL C 460 7.55 -2.98 5.21
N GLY C 461 6.38 -3.25 5.77
CA GLY C 461 5.32 -3.78 4.92
C GLY C 461 4.80 -2.78 3.91
N SER C 462 4.81 -1.50 4.23
CA SER C 462 4.36 -0.50 3.26
C SER C 462 5.34 -0.35 2.12
N LEU C 463 6.64 -0.28 2.44
CA LEU C 463 7.62 -0.16 1.38
C LEU C 463 7.67 -1.42 0.53
N CYS C 464 7.41 -2.58 1.10
CA CYS C 464 7.39 -3.86 0.34
C CYS C 464 6.27 -3.83 -0.68
N ALA C 465 5.10 -3.33 -0.31
CA ALA C 465 3.99 -3.33 -1.25
C ALA C 465 4.26 -2.44 -2.45
N ILE C 466 4.81 -1.25 -2.22
CA ILE C 466 5.05 -0.38 -3.39
C ILE C 466 6.25 -0.86 -4.22
N ALA C 467 7.29 -1.40 -3.59
CA ALA C 467 8.40 -1.91 -4.38
C ALA C 467 8.01 -3.15 -5.15
N GLY C 468 6.87 -3.74 -4.89
CA GLY C 468 6.54 -4.89 -5.75
C GLY C 468 5.66 -4.52 -6.92
N VAL C 469 4.95 -3.39 -6.87
CA VAL C 469 4.18 -2.92 -8.07
C VAL C 469 5.17 -2.38 -9.09
N LEU C 470 6.35 -1.93 -8.64
CA LEU C 470 7.38 -1.36 -9.54
C LEU C 470 8.23 -2.50 -10.08
N THR C 471 8.71 -3.43 -9.24
CA THR C 471 9.57 -4.42 -9.85
C THR C 471 8.81 -5.47 -10.64
N ILE C 472 7.48 -5.48 -10.56
CA ILE C 472 6.68 -6.29 -11.48
C ILE C 472 6.43 -5.54 -12.77
N ALA C 473 6.07 -4.28 -12.69
CA ALA C 473 5.69 -3.62 -13.92
C ALA C 473 6.85 -3.16 -14.78
N LEU C 474 8.11 -3.48 -14.43
CA LEU C 474 9.22 -2.99 -15.23
C LEU C 474 9.56 -3.88 -16.42
N PRO C 475 9.59 -5.24 -16.34
CA PRO C 475 9.80 -6.01 -17.58
C PRO C 475 8.59 -6.46 -18.33
N VAL C 476 7.38 -6.20 -17.85
CA VAL C 476 6.22 -6.72 -18.55
C VAL C 476 5.89 -5.95 -19.83
N PRO C 477 6.05 -4.62 -19.95
CA PRO C 477 5.86 -3.98 -21.27
C PRO C 477 6.67 -4.53 -22.43
N VAL C 478 7.81 -5.15 -22.20
CA VAL C 478 8.51 -5.79 -23.30
C VAL C 478 7.72 -6.99 -23.79
N ILE C 479 7.25 -7.83 -22.86
CA ILE C 479 6.57 -9.09 -23.26
C ILE C 479 5.19 -8.79 -23.86
N VAL C 480 4.46 -7.80 -23.34
CA VAL C 480 3.15 -7.42 -23.97
C VAL C 480 3.38 -6.90 -25.38
N SER C 481 4.44 -6.13 -25.61
CA SER C 481 4.76 -5.66 -26.99
C SER C 481 5.12 -6.83 -27.88
N ASN C 482 5.87 -7.84 -27.40
CA ASN C 482 6.19 -8.93 -28.32
C ASN C 482 4.89 -9.61 -28.78
N PHE C 483 3.92 -9.83 -27.88
CA PHE C 483 2.66 -10.52 -28.26
C PHE C 483 1.99 -9.67 -29.31
N ASN C 484 1.98 -8.36 -29.15
CA ASN C 484 1.23 -7.52 -30.12
C ASN C 484 1.88 -7.67 -31.50
N TYR C 485 3.21 -7.69 -31.61
CA TYR C 485 3.76 -7.82 -32.98
C TYR C 485 3.37 -9.16 -33.58
N PHE C 486 3.51 -10.25 -32.84
CA PHE C 486 3.20 -11.60 -33.41
C PHE C 486 1.71 -11.69 -33.69
N TYR C 487 0.87 -11.13 -32.84
CA TYR C 487 -0.60 -11.22 -33.02
C TYR C 487 -1.07 -10.52 -34.28
N HIS C 488 -0.60 -9.32 -34.54
CA HIS C 488 -1.14 -8.56 -35.69
C HIS C 488 -0.41 -8.94 -36.98
N ARG C 489 0.75 -9.54 -36.88
CA ARG C 489 1.56 -9.83 -38.09
C ARG C 489 0.84 -10.95 -38.81
N GLU C 490 -0.18 -11.48 -38.19
CA GLU C 490 -0.94 -12.47 -38.94
C GLU C 490 -1.51 -11.90 -40.23
N THR C 491 -1.88 -10.62 -40.23
CA THR C 491 -2.46 -9.96 -41.39
C THR C 491 -1.41 -9.57 -42.43
N GLY D 103 33.04 36.57 -54.95
CA GLY D 103 31.72 36.15 -54.42
C GLY D 103 30.82 35.68 -55.53
N GLU D 104 31.38 34.96 -56.50
CA GLU D 104 30.59 34.49 -57.67
C GLU D 104 29.67 33.36 -57.21
N ARG D 105 28.50 33.19 -57.86
CA ARG D 105 27.59 32.08 -57.51
C ARG D 105 28.09 30.76 -58.13
N VAL D 106 28.14 29.68 -57.34
CA VAL D 106 28.55 28.34 -57.85
C VAL D 106 27.32 27.42 -57.98
N VAL D 107 27.04 26.86 -59.16
CA VAL D 107 25.80 26.05 -59.38
C VAL D 107 26.07 24.57 -59.24
N ILE D 108 26.20 24.06 -58.02
CA ILE D 108 26.37 22.60 -57.82
C ILE D 108 25.10 21.93 -58.32
N ASN D 109 25.20 20.78 -58.98
CA ASN D 109 24.02 20.02 -59.48
C ASN D 109 24.11 18.62 -58.91
N ILE D 110 23.20 18.23 -58.00
CA ILE D 110 23.19 16.83 -57.48
C ILE D 110 22.08 16.07 -58.20
N SER D 111 22.43 15.19 -59.14
CA SER D 111 21.46 14.37 -59.89
C SER D 111 20.32 15.21 -60.47
N GLY D 112 20.61 16.28 -61.20
CA GLY D 112 19.51 17.03 -61.84
C GLY D 112 18.95 18.20 -61.04
N LEU D 113 19.13 18.22 -59.73
CA LEU D 113 18.53 19.28 -58.88
C LEU D 113 19.58 20.38 -58.65
N ARG D 114 19.45 21.55 -59.29
CA ARG D 114 20.44 22.61 -59.16
C ARG D 114 20.46 23.24 -57.79
N PHE D 115 21.62 23.60 -57.26
CA PHE D 115 21.69 24.10 -55.87
C PHE D 115 22.65 25.29 -55.69
N GLU D 116 22.42 26.44 -56.34
CA GLU D 116 23.37 27.59 -56.34
C GLU D 116 23.62 28.17 -54.95
N THR D 117 24.86 28.55 -54.64
CA THR D 117 25.23 29.20 -53.34
C THR D 117 26.42 30.14 -53.55
N GLN D 118 26.64 31.12 -52.67
CA GLN D 118 27.74 32.11 -52.84
C GLN D 118 29.09 31.46 -52.54
N LEU D 119 30.18 31.90 -53.20
CA LEU D 119 31.49 31.23 -53.05
C LEU D 119 32.01 31.37 -51.62
N LYS D 120 31.76 32.50 -50.99
CA LYS D 120 32.22 32.76 -49.61
C LYS D 120 31.55 31.80 -48.64
N THR D 121 30.28 31.46 -48.87
CA THR D 121 29.55 30.61 -47.92
C THR D 121 30.27 29.26 -47.80
N LEU D 122 30.78 28.75 -48.93
CA LEU D 122 31.50 27.46 -48.90
C LEU D 122 32.97 27.72 -48.52
N CYS D 123 33.53 28.85 -48.95
CA CYS D 123 34.97 29.16 -48.69
C CYS D 123 35.25 29.09 -47.19
N GLN D 124 34.25 29.37 -46.36
CA GLN D 124 34.51 29.47 -44.91
C GLN D 124 35.03 28.13 -44.38
N PHE D 125 34.52 27.02 -44.91
CA PHE D 125 35.03 25.68 -44.49
C PHE D 125 36.04 25.21 -45.54
N PRO D 126 37.38 25.21 -45.31
CA PRO D 126 38.31 24.83 -46.37
C PRO D 126 38.80 23.37 -46.47
N GLU D 127 38.47 22.54 -45.48
CA GLU D 127 38.87 21.10 -45.50
C GLU D 127 37.79 20.24 -46.16
N THR D 128 36.63 20.81 -46.52
CA THR D 128 35.61 19.92 -47.13
C THR D 128 35.90 19.71 -48.61
N LEU D 129 35.09 18.88 -49.27
CA LEU D 129 35.32 18.57 -50.70
C LEU D 129 35.14 19.85 -51.51
N LEU D 130 34.14 20.66 -51.19
CA LEU D 130 33.83 21.85 -52.03
C LEU D 130 34.59 23.07 -51.52
N GLY D 131 35.34 22.92 -50.43
CA GLY D 131 36.13 24.05 -49.86
C GLY D 131 37.60 23.87 -50.20
N ASP D 132 37.93 22.83 -50.96
CA ASP D 132 39.34 22.49 -51.27
C ASP D 132 39.38 22.44 -52.80
N PRO D 133 39.75 23.51 -53.52
CA PRO D 133 39.56 23.50 -54.99
C PRO D 133 40.38 22.45 -55.72
N LYS D 134 41.53 22.09 -55.16
CA LYS D 134 42.31 20.99 -55.70
C LYS D 134 41.59 19.66 -55.50
N ARG D 135 40.63 19.65 -54.56
CA ARG D 135 39.90 18.39 -54.26
C ARG D 135 38.64 18.33 -55.12
N ARG D 136 37.83 19.39 -55.12
CA ARG D 136 36.52 19.37 -55.84
C ARG D 136 36.69 19.47 -57.36
N MET D 137 37.89 19.76 -57.86
CA MET D 137 38.04 20.01 -59.31
C MET D 137 37.61 18.79 -60.12
N ARG D 138 37.87 17.59 -59.61
CA ARG D 138 37.53 16.38 -60.39
C ARG D 138 36.06 16.44 -60.77
N TYR D 139 35.17 16.61 -59.81
CA TYR D 139 33.71 16.58 -60.08
C TYR D 139 33.29 17.71 -61.02
N PHE D 140 33.92 18.89 -60.94
CA PHE D 140 33.49 20.07 -61.72
C PHE D 140 33.56 19.79 -63.22
N ASP D 141 32.40 19.78 -63.88
CA ASP D 141 32.40 19.61 -65.35
C ASP D 141 32.31 21.03 -65.91
N PRO D 142 33.29 21.50 -66.69
CA PRO D 142 33.28 22.89 -67.15
C PRO D 142 32.43 23.16 -68.39
N LEU D 143 31.79 22.13 -68.94
CA LEU D 143 31.03 22.37 -70.19
C LEU D 143 29.90 23.36 -69.94
N ARG D 144 29.19 23.23 -68.82
CA ARG D 144 28.06 24.14 -68.49
C ARG D 144 28.41 24.94 -67.24
N ASN D 145 29.65 24.83 -66.74
CA ASN D 145 30.06 25.50 -65.48
C ASN D 145 29.14 25.06 -64.35
N GLU D 146 28.97 23.76 -64.15
CA GLU D 146 28.18 23.36 -62.97
C GLU D 146 28.68 21.99 -62.55
N TYR D 147 29.20 21.90 -61.33
CA TYR D 147 29.76 20.62 -60.85
C TYR D 147 28.62 19.62 -60.89
N PHE D 148 28.83 18.40 -61.34
CA PHE D 148 27.73 17.40 -61.31
C PHE D 148 28.16 16.25 -60.41
N PHE D 149 27.38 15.94 -59.39
CA PHE D 149 27.67 14.76 -58.56
C PHE D 149 26.46 13.87 -58.68
N ASP D 150 26.60 12.65 -59.19
CA ASP D 150 25.47 11.70 -59.30
C ASP D 150 25.31 10.97 -57.97
N ARG D 151 24.72 11.61 -56.96
CA ARG D 151 24.61 11.03 -55.60
C ARG D 151 23.18 11.23 -55.12
N ASN D 152 22.83 10.82 -53.90
CA ASN D 152 21.40 10.89 -53.48
C ASN D 152 20.95 12.33 -53.50
N ARG D 153 19.75 12.59 -54.03
CA ARG D 153 19.19 13.94 -54.13
C ARG D 153 18.67 14.51 -52.82
N PRO D 154 17.90 13.81 -51.99
CA PRO D 154 17.30 14.51 -50.85
C PRO D 154 18.19 14.59 -49.64
N SER D 155 19.49 14.46 -49.78
CA SER D 155 20.36 14.63 -48.64
C SER D 155 21.41 15.68 -48.89
N PHE D 156 21.33 16.40 -49.99
CA PHE D 156 22.28 17.47 -50.15
C PHE D 156 21.82 18.72 -49.46
N ASP D 157 20.56 18.76 -49.07
CA ASP D 157 20.06 19.98 -48.46
C ASP D 157 20.64 20.17 -47.06
N ALA D 158 20.78 19.08 -46.32
CA ALA D 158 21.38 19.11 -44.98
C ALA D 158 22.82 19.62 -45.06
N ILE D 159 23.63 19.04 -45.94
CA ILE D 159 25.06 19.43 -46.05
C ILE D 159 25.08 20.91 -46.37
N LEU D 160 24.20 21.40 -47.23
CA LEU D 160 24.31 22.84 -47.56
C LEU D 160 24.08 23.62 -46.27
N TYR D 161 23.13 23.22 -45.41
CA TYR D 161 22.85 24.04 -44.21
C TYR D 161 24.13 24.10 -43.39
N TYR D 162 24.90 23.01 -43.36
CA TYR D 162 26.09 23.03 -42.49
C TYR D 162 27.02 24.15 -42.94
N TYR D 163 27.25 24.29 -44.23
CA TYR D 163 28.09 25.43 -44.70
C TYR D 163 27.37 26.75 -44.42
N GLN D 164 26.06 26.79 -44.64
CA GLN D 164 25.31 28.06 -44.51
C GLN D 164 25.25 28.50 -43.04
N SER D 165 25.10 27.58 -42.10
CA SER D 165 24.87 27.99 -40.69
C SER D 165 26.05 27.68 -39.80
N GLY D 166 27.26 27.67 -40.34
CA GLY D 166 28.44 27.50 -39.48
C GLY D 166 28.42 26.22 -38.66
N GLY D 167 28.19 25.09 -39.29
CA GLY D 167 28.31 23.81 -38.56
C GLY D 167 27.05 23.26 -37.93
N ARG D 168 25.89 23.88 -38.15
CA ARG D 168 24.65 23.24 -37.63
C ARG D 168 24.31 22.10 -38.58
N ILE D 169 24.44 20.85 -38.13
CA ILE D 169 24.11 19.68 -38.98
C ILE D 169 22.90 18.97 -38.38
N ARG D 170 21.81 18.86 -39.15
CA ARG D 170 20.58 18.19 -38.66
C ARG D 170 20.16 17.21 -39.75
N ARG D 171 19.61 16.05 -39.38
CA ARG D 171 19.33 15.02 -40.41
C ARG D 171 17.92 15.18 -40.95
N PRO D 172 17.65 15.24 -42.28
CA PRO D 172 16.28 15.24 -42.76
C PRO D 172 15.59 13.99 -42.28
N VAL D 173 14.29 14.11 -42.01
CA VAL D 173 13.59 13.03 -41.31
C VAL D 173 12.91 12.13 -42.32
N ASN D 174 13.39 12.22 -43.56
CA ASN D 174 12.91 11.30 -44.62
C ASN D 174 14.16 10.58 -45.18
N VAL D 175 15.27 10.58 -44.43
CA VAL D 175 16.49 9.90 -44.86
C VAL D 175 17.00 9.02 -43.73
N PRO D 176 17.31 7.75 -43.96
CA PRO D 176 17.78 6.91 -42.86
C PRO D 176 19.21 7.24 -42.46
N ILE D 177 19.58 6.79 -41.26
CA ILE D 177 20.91 7.14 -40.68
C ILE D 177 22.04 6.59 -41.54
N ASP D 178 21.88 5.38 -42.07
CA ASP D 178 22.98 4.78 -42.79
C ASP D 178 23.36 5.63 -43.99
N ILE D 179 22.37 6.09 -44.73
CA ILE D 179 22.68 6.82 -45.95
C ILE D 179 23.13 8.24 -45.62
N PHE D 180 22.62 8.81 -44.54
CA PHE D 180 23.12 10.12 -44.18
C PHE D 180 24.54 10.05 -43.61
N SER D 181 24.83 9.00 -42.87
CA SER D 181 26.18 8.84 -42.33
C SER D 181 27.17 8.59 -43.44
N GLU D 182 26.79 7.77 -44.41
CA GLU D 182 27.65 7.53 -45.56
C GLU D 182 27.84 8.80 -46.37
N GLU D 183 26.81 9.64 -46.46
CA GLU D 183 26.93 10.82 -47.36
C GLU D 183 27.89 11.83 -46.73
N ILE D 184 27.87 12.03 -45.41
CA ILE D 184 28.78 13.08 -44.85
C ILE D 184 30.19 12.63 -45.22
N ARG D 185 30.38 11.33 -45.39
CA ARG D 185 31.74 10.80 -45.67
C ARG D 185 32.18 11.16 -47.09
N PHE D 186 31.29 11.07 -48.09
CA PHE D 186 31.71 11.34 -49.49
C PHE D 186 32.11 12.80 -49.63
N TYR D 187 31.33 13.70 -49.00
CA TYR D 187 31.64 15.15 -49.06
C TYR D 187 32.83 15.44 -48.14
N GLN D 188 33.19 14.47 -47.30
CA GLN D 188 34.38 14.62 -46.43
C GLN D 188 34.24 15.89 -45.59
N LEU D 189 33.04 16.14 -45.06
CA LEU D 189 32.86 17.30 -44.16
C LEU D 189 33.97 17.20 -43.12
N GLY D 190 34.30 15.98 -42.70
CA GLY D 190 35.40 15.78 -41.74
C GLY D 190 34.95 15.01 -40.51
N GLU D 191 35.90 14.40 -39.79
CA GLU D 191 35.56 13.55 -38.62
C GLU D 191 34.91 14.40 -37.51
N GLU D 192 35.39 15.62 -37.30
CA GLU D 192 34.85 16.46 -36.21
C GLU D 192 33.35 16.67 -36.47
N ALA D 193 32.98 16.84 -37.74
CA ALA D 193 31.55 17.02 -38.11
C ALA D 193 30.77 15.75 -37.76
N MET D 194 31.34 14.58 -38.06
CA MET D 194 30.59 13.31 -37.85
C MET D 194 30.17 13.20 -36.40
N GLU D 195 31.08 13.51 -35.46
CA GLU D 195 30.77 13.32 -34.05
C GLU D 195 29.60 14.19 -33.64
N LYS D 196 29.50 15.40 -34.20
CA LYS D 196 28.35 16.28 -33.90
C LYS D 196 27.08 15.58 -34.36
N PHE D 197 27.09 15.00 -35.56
CA PHE D 197 25.91 14.25 -36.08
C PHE D 197 25.67 13.07 -35.15
N ARG D 198 26.74 12.39 -34.74
CA ARG D 198 26.54 11.16 -33.93
C ARG D 198 25.83 11.55 -32.63
N GLU D 199 26.27 12.67 -32.04
CA GLU D 199 25.68 13.12 -30.77
C GLU D 199 24.21 13.43 -30.98
N ASP D 200 23.86 13.99 -32.15
CA ASP D 200 22.47 14.43 -32.38
C ASP D 200 21.53 13.22 -32.27
N GLU D 201 21.93 12.09 -32.82
CA GLU D 201 21.10 10.87 -32.69
C GLU D 201 21.03 10.48 -31.22
N GLY D 202 22.05 10.83 -30.43
CA GLY D 202 22.02 10.58 -28.96
C GLY D 202 22.67 9.28 -28.56
N PHE D 203 23.38 8.61 -29.47
CA PHE D 203 23.99 7.29 -29.17
C PHE D 203 25.10 7.40 -28.13
N LEU D 204 25.54 6.24 -27.63
CA LEU D 204 26.64 6.18 -26.62
C LEU D 204 27.92 5.68 -27.33
N ARG D 205 28.31 6.32 -28.43
CA ARG D 205 29.54 6.00 -29.13
C ARG D 205 30.58 7.10 -28.91
N GLU D 206 31.02 7.23 -27.66
CA GLU D 206 31.95 8.31 -27.33
C GLU D 206 33.15 7.78 -26.56
N GLU D 207 32.88 6.83 -25.67
CA GLU D 207 33.72 6.52 -24.52
C GLU D 207 34.86 5.58 -24.90
N GLU D 208 35.81 5.46 -23.97
CA GLU D 208 36.96 4.58 -24.10
C GLU D 208 37.61 4.40 -22.73
N ARG D 209 37.98 3.16 -22.43
CA ARG D 209 38.59 2.81 -21.18
C ARG D 209 40.07 3.21 -21.19
N PRO D 210 40.73 3.40 -20.01
CA PRO D 210 42.19 3.57 -19.99
C PRO D 210 42.76 2.15 -19.82
N LEU D 211 44.08 2.02 -19.66
CA LEU D 211 44.68 0.68 -19.37
C LEU D 211 45.99 0.89 -18.60
N PRO D 212 46.41 -0.02 -17.71
CA PRO D 212 47.62 0.20 -16.92
C PRO D 212 48.87 0.29 -17.80
N ARG D 213 48.98 -0.56 -18.83
CA ARG D 213 50.13 -0.49 -19.77
C ARG D 213 51.48 -0.58 -19.05
N ARG D 214 51.68 -1.54 -18.15
CA ARG D 214 53.02 -1.73 -17.52
C ARG D 214 53.50 -3.16 -17.76
N ASP D 215 52.71 -4.00 -18.44
CA ASP D 215 53.10 -5.38 -18.85
C ASP D 215 52.79 -6.42 -17.77
N PHE D 216 52.54 -5.98 -16.54
CA PHE D 216 52.10 -6.93 -15.48
C PHE D 216 50.87 -6.31 -14.82
N GLN D 217 50.93 -5.00 -14.58
CA GLN D 217 49.73 -4.32 -14.04
C GLN D 217 48.66 -4.51 -15.11
N ARG D 218 49.04 -4.36 -16.36
CA ARG D 218 48.07 -4.57 -17.46
C ARG D 218 47.70 -6.05 -17.50
N GLN D 219 48.58 -6.94 -17.07
CA GLN D 219 48.20 -8.38 -17.21
C GLN D 219 47.16 -8.79 -16.16
N VAL D 220 47.35 -8.42 -14.89
CA VAL D 220 46.34 -8.74 -13.85
C VAL D 220 45.03 -7.98 -14.10
N TRP D 221 45.10 -6.70 -14.47
CA TRP D 221 43.84 -5.93 -14.62
C TRP D 221 43.01 -6.57 -15.72
N LEU D 222 43.64 -6.96 -16.82
CA LEU D 222 42.88 -7.57 -17.95
C LEU D 222 42.24 -8.85 -17.43
N LEU D 223 42.97 -9.60 -16.60
CA LEU D 223 42.46 -10.91 -16.09
C LEU D 223 41.22 -10.71 -15.21
N PHE D 224 41.19 -9.67 -14.37
CA PHE D 224 40.06 -9.53 -13.40
C PHE D 224 38.97 -8.62 -13.95
N GLU D 225 39.29 -7.40 -14.37
CA GLU D 225 38.22 -6.45 -14.76
C GLU D 225 37.43 -6.96 -15.97
N TYR D 226 38.10 -7.47 -16.99
CA TYR D 226 37.34 -7.84 -18.21
C TYR D 226 37.28 -9.36 -18.23
N PRO D 227 36.09 -9.99 -18.28
CA PRO D 227 36.04 -11.44 -18.16
C PRO D 227 35.93 -12.30 -19.43
N GLU D 228 35.53 -11.71 -20.55
CA GLU D 228 35.37 -12.46 -21.77
C GLU D 228 36.67 -12.57 -22.56
N SER D 229 37.76 -11.99 -22.05
CA SER D 229 38.95 -11.82 -22.86
C SER D 229 39.76 -13.10 -22.95
N SER D 230 39.91 -13.84 -21.86
CA SER D 230 40.65 -15.09 -21.93
C SER D 230 39.99 -16.11 -21.02
N GLY D 231 40.22 -17.39 -21.34
CA GLY D 231 39.64 -18.51 -20.58
C GLY D 231 39.98 -18.48 -19.10
N PRO D 232 41.20 -18.16 -18.65
CA PRO D 232 41.44 -18.02 -17.23
C PRO D 232 40.49 -16.95 -16.69
N ALA D 233 40.33 -15.85 -17.43
CA ALA D 233 39.46 -14.74 -16.98
C ALA D 233 37.98 -15.16 -16.89
N ARG D 234 37.49 -15.94 -17.86
CA ARG D 234 36.09 -16.40 -17.74
C ARG D 234 35.98 -17.24 -16.46
N GLY D 235 37.04 -17.98 -16.14
CA GLY D 235 37.00 -18.86 -14.96
C GLY D 235 36.93 -18.07 -13.67
N ILE D 236 37.75 -17.03 -13.55
CA ILE D 236 37.76 -16.25 -12.29
C ILE D 236 36.35 -15.77 -12.03
N ALA D 237 35.69 -15.16 -13.01
CA ALA D 237 34.35 -14.59 -12.75
C ALA D 237 33.38 -15.69 -12.35
N ILE D 238 33.41 -16.86 -12.99
CA ILE D 238 32.41 -17.89 -12.62
C ILE D 238 32.64 -18.27 -11.16
N VAL D 239 33.90 -18.34 -10.72
CA VAL D 239 34.16 -18.61 -9.27
C VAL D 239 33.53 -17.50 -8.47
N SER D 240 33.57 -16.25 -8.94
CA SER D 240 33.08 -15.15 -8.09
C SER D 240 31.56 -15.12 -7.98
N VAL D 241 30.81 -15.73 -8.89
CA VAL D 241 29.34 -15.80 -8.68
C VAL D 241 29.05 -16.84 -7.59
N LEU D 242 29.79 -17.93 -7.58
CA LEU D 242 29.60 -18.95 -6.52
C LEU D 242 29.94 -18.42 -5.13
N VAL D 243 31.03 -17.68 -4.95
CA VAL D 243 31.37 -17.25 -3.58
C VAL D 243 30.28 -16.29 -3.08
N ILE D 244 29.53 -15.60 -3.95
CA ILE D 244 28.44 -14.72 -3.42
C ILE D 244 27.22 -15.61 -3.13
N LEU D 245 26.88 -16.55 -4.01
CA LEU D 245 25.73 -17.46 -3.78
C LEU D 245 25.96 -18.38 -2.58
N ILE D 246 27.17 -18.87 -2.32
CA ILE D 246 27.44 -19.68 -1.10
C ILE D 246 27.60 -18.77 0.12
N SER D 247 27.63 -17.46 -0.05
CA SER D 247 27.58 -16.59 1.11
C SER D 247 26.15 -16.25 1.48
N ILE D 248 25.28 -16.02 0.52
CA ILE D 248 23.90 -15.67 0.88
C ILE D 248 23.18 -16.87 1.47
N VAL D 249 23.53 -18.07 1.01
CA VAL D 249 22.95 -19.26 1.62
C VAL D 249 23.35 -19.37 3.06
N ILE D 250 24.58 -19.00 3.40
CA ILE D 250 24.97 -19.06 4.80
C ILE D 250 24.24 -18.05 5.65
N PHE D 251 23.86 -16.89 5.14
CA PHE D 251 23.18 -15.84 5.96
C PHE D 251 21.79 -16.31 6.39
N CYS D 252 20.96 -16.77 5.45
CA CYS D 252 19.57 -17.23 5.75
C CYS D 252 19.54 -18.50 6.61
N LEU D 253 20.43 -19.47 6.40
CA LEU D 253 20.48 -20.73 7.18
C LEU D 253 20.80 -20.45 8.65
N GLU D 254 21.64 -19.49 8.96
CA GLU D 254 22.03 -19.24 10.36
C GLU D 254 20.79 -18.95 11.17
N THR D 255 19.83 -18.25 10.58
CA THR D 255 18.62 -17.84 11.32
C THR D 255 17.70 -19.02 11.57
N LEU D 256 17.90 -20.16 10.90
CA LEU D 256 16.93 -21.28 11.00
C LEU D 256 16.82 -21.66 12.46
N PRO D 257 15.62 -21.97 12.99
CA PRO D 257 15.46 -22.27 14.40
C PRO D 257 16.29 -23.49 14.81
N GLU D 258 16.38 -24.51 13.96
CA GLU D 258 17.14 -25.77 14.27
C GLU D 258 18.64 -25.54 14.48
N PHE D 259 19.30 -24.75 13.64
CA PHE D 259 20.77 -24.58 13.72
C PHE D 259 21.13 -23.50 14.74
N SER D 289 35.59 -18.26 17.83
CA SER D 289 36.80 -18.87 17.31
C SER D 289 37.02 -20.28 17.83
N SER D 290 36.00 -20.93 18.39
CA SER D 290 36.12 -22.33 18.76
C SER D 290 36.08 -23.22 17.53
N PHE D 291 35.56 -22.71 16.42
CA PHE D 291 35.56 -23.35 15.10
C PHE D 291 34.81 -24.68 15.11
N SER D 292 33.94 -24.89 16.09
CA SER D 292 32.95 -25.95 16.07
C SER D 292 31.73 -25.52 15.28
N ASP D 293 31.65 -24.23 14.99
CA ASP D 293 30.63 -23.58 14.23
C ASP D 293 31.06 -23.66 12.76
N PRO D 294 30.38 -24.40 11.90
CA PRO D 294 30.73 -24.35 10.48
C PRO D 294 30.26 -23.09 9.76
N PHE D 295 29.31 -22.38 10.34
CA PHE D 295 28.92 -21.07 9.86
C PHE D 295 29.87 -19.98 10.35
N PHE D 296 31.12 -20.37 10.58
CA PHE D 296 32.18 -19.38 10.88
C PHE D 296 33.37 -19.77 10.00
N VAL D 297 33.60 -21.07 9.80
CA VAL D 297 34.67 -21.47 8.85
C VAL D 297 34.26 -21.10 7.42
N VAL D 298 33.02 -21.38 7.03
CA VAL D 298 32.53 -21.05 5.65
C VAL D 298 32.45 -19.54 5.46
N GLU D 299 32.04 -18.79 6.47
CA GLU D 299 32.06 -17.32 6.34
C GLU D 299 33.51 -16.89 6.16
N THR D 300 34.44 -17.47 6.92
CA THR D 300 35.82 -16.97 6.80
C THR D 300 36.33 -17.20 5.37
N LEU D 301 36.07 -18.36 4.77
CA LEU D 301 36.61 -18.52 3.40
C LEU D 301 35.99 -17.46 2.48
N CYS D 302 34.70 -17.18 2.62
CA CYS D 302 34.01 -16.18 1.77
C CYS D 302 34.58 -14.78 2.02
N ILE D 303 34.89 -14.41 3.26
CA ILE D 303 35.40 -13.03 3.59
C ILE D 303 36.90 -13.02 3.31
N ILE D 304 37.46 -14.15 2.88
CA ILE D 304 38.88 -14.15 2.43
C ILE D 304 38.89 -13.92 0.91
N TRP D 305 38.09 -14.64 0.11
CA TRP D 305 38.16 -14.45 -1.36
C TRP D 305 37.69 -13.03 -1.72
N PHE D 306 36.66 -12.54 -1.06
CA PHE D 306 36.12 -11.20 -1.43
C PHE D 306 37.24 -10.18 -1.20
N SER D 307 37.99 -10.33 -0.10
CA SER D 307 39.10 -9.38 0.22
C SER D 307 40.25 -9.48 -0.79
N PHE D 308 40.58 -10.67 -1.30
CA PHE D 308 41.62 -10.76 -2.36
C PHE D 308 41.20 -9.98 -3.59
N GLU D 309 39.94 -10.11 -4.01
CA GLU D 309 39.49 -9.43 -5.24
C GLU D 309 39.60 -7.93 -5.02
N LEU D 310 39.20 -7.46 -3.85
CA LEU D 310 39.23 -6.00 -3.61
C LEU D 310 40.69 -5.54 -3.69
N LEU D 311 41.62 -6.26 -3.07
CA LEU D 311 43.04 -5.81 -3.05
C LEU D 311 43.67 -5.90 -4.45
N VAL D 312 43.48 -6.99 -5.18
CA VAL D 312 44.18 -7.07 -6.49
C VAL D 312 43.63 -5.94 -7.35
N ARG D 313 42.32 -5.77 -7.35
CA ARG D 313 41.71 -4.72 -8.19
C ARG D 313 42.32 -3.38 -7.81
N PHE D 314 42.73 -3.20 -6.55
CA PHE D 314 43.25 -1.87 -6.18
C PHE D 314 44.65 -1.66 -6.73
N PHE D 315 45.53 -2.64 -6.57
CA PHE D 315 46.93 -2.46 -7.00
C PHE D 315 47.04 -2.33 -8.53
N ALA D 316 46.27 -3.11 -9.27
CA ALA D 316 46.41 -3.13 -10.75
C ALA D 316 45.55 -2.06 -11.42
N CYS D 317 44.86 -1.24 -10.64
CA CYS D 317 43.94 -0.23 -11.24
C CYS D 317 44.76 0.79 -12.01
N PRO D 318 44.30 1.26 -13.19
CA PRO D 318 45.00 2.31 -13.89
C PRO D 318 45.04 3.56 -12.99
N SER D 319 43.94 3.87 -12.30
CA SER D 319 43.91 5.14 -11.52
C SER D 319 43.42 4.94 -10.08
N LYS D 320 44.15 5.46 -9.07
CA LYS D 320 43.65 5.42 -7.71
C LYS D 320 42.75 6.61 -7.42
N ALA D 321 42.37 7.35 -8.47
CA ALA D 321 41.42 8.46 -8.25
C ALA D 321 40.01 7.99 -8.62
N THR D 322 39.90 7.15 -9.64
CA THR D 322 38.58 6.67 -10.12
C THR D 322 38.19 5.40 -9.38
N PHE D 323 39.06 4.87 -8.52
CA PHE D 323 38.65 3.69 -7.72
C PHE D 323 37.48 4.07 -6.80
N SER D 324 37.51 5.24 -6.19
CA SER D 324 36.38 5.69 -5.36
C SER D 324 35.13 5.91 -6.21
N ARG D 325 35.29 6.35 -7.46
CA ARG D 325 34.10 6.72 -8.29
C ARG D 325 33.15 5.54 -8.48
N ASN D 326 33.68 4.36 -8.78
CA ASN D 326 32.78 3.23 -9.08
C ASN D 326 31.96 2.97 -7.82
N ILE D 327 30.65 2.79 -7.95
CA ILE D 327 29.85 2.44 -6.74
C ILE D 327 30.12 0.98 -6.39
N MET D 328 30.56 0.14 -7.34
CA MET D 328 30.72 -1.25 -6.99
C MET D 328 31.91 -1.49 -6.08
N ASN D 329 32.90 -0.59 -6.09
CA ASN D 329 33.96 -0.72 -5.12
C ASN D 329 33.47 -0.39 -3.73
N LEU D 330 32.57 0.60 -3.62
CA LEU D 330 31.96 0.88 -2.33
C LEU D 330 31.07 -0.25 -1.86
N ILE D 331 30.42 -0.96 -2.78
CA ILE D 331 29.65 -2.13 -2.37
C ILE D 331 30.57 -3.20 -1.82
N ASP D 332 31.76 -3.35 -2.40
CA ASP D 332 32.70 -4.32 -1.85
C ASP D 332 33.19 -3.93 -0.46
N ILE D 333 33.42 -2.65 -0.23
CA ILE D 333 33.82 -2.20 1.11
C ILE D 333 32.71 -2.45 2.13
N VAL D 334 31.46 -2.15 1.77
CA VAL D 334 30.37 -2.29 2.72
C VAL D 334 30.06 -3.75 2.99
N ALA D 335 30.30 -4.64 2.05
CA ALA D 335 30.01 -6.03 2.37
C ALA D 335 31.19 -6.70 3.03
N ILE D 336 32.33 -6.03 3.12
CA ILE D 336 33.45 -6.62 3.86
C ILE D 336 33.64 -6.07 5.28
N ILE D 337 33.11 -4.90 5.60
CA ILE D 337 33.35 -4.32 6.93
C ILE D 337 32.77 -5.06 8.13
N PRO D 338 31.47 -5.45 8.18
CA PRO D 338 30.92 -5.90 9.46
C PRO D 338 31.49 -7.20 9.98
N TYR D 339 32.13 -7.97 9.12
CA TYR D 339 32.83 -9.17 9.63
C TYR D 339 34.03 -8.67 10.42
N PHE D 340 34.68 -7.59 9.97
CA PHE D 340 35.88 -7.17 10.67
C PHE D 340 35.56 -6.46 11.96
N ILE D 341 34.50 -5.68 12.01
CA ILE D 341 34.25 -5.11 13.33
C ILE D 341 33.62 -6.11 14.29
N THR D 342 32.96 -7.19 13.82
CA THR D 342 32.59 -8.24 14.76
C THR D 342 33.81 -8.94 15.29
N LEU D 343 34.73 -9.28 14.39
CA LEU D 343 35.96 -9.99 14.80
C LEU D 343 36.60 -9.17 15.91
N GLY D 344 36.72 -7.86 15.72
CA GLY D 344 37.43 -7.03 16.72
C GLY D 344 36.74 -7.07 18.06
N THR D 345 35.41 -7.01 18.09
CA THR D 345 34.71 -6.95 19.39
C THR D 345 35.02 -8.22 20.20
N GLU D 346 34.97 -9.38 19.55
CA GLU D 346 35.36 -10.64 20.24
C GLU D 346 36.87 -10.62 20.54
N LEU D 347 37.69 -10.20 19.58
CA LEU D 347 39.17 -10.27 19.76
C LEU D 347 39.69 -9.31 20.85
N ALA D 348 39.12 -8.10 20.97
CA ALA D 348 39.69 -7.11 21.90
C ALA D 348 39.72 -7.62 23.35
N SER D 359 27.14 -1.80 23.13
CA SER D 359 26.57 -2.11 21.79
C SER D 359 25.80 -3.43 21.81
N LEU D 360 25.22 -3.83 22.94
CA LEU D 360 24.60 -5.19 23.02
C LEU D 360 23.48 -5.38 21.99
N ALA D 361 22.59 -4.41 21.80
CA ALA D 361 21.56 -4.55 20.73
C ALA D 361 21.96 -3.65 19.56
N ILE D 362 22.98 -2.80 19.74
CA ILE D 362 23.50 -2.00 18.60
C ILE D 362 24.10 -3.00 17.60
N LEU D 363 24.72 -4.06 18.11
CA LEU D 363 25.27 -5.11 17.23
C LEU D 363 24.24 -5.46 16.15
N ARG D 364 22.95 -5.39 16.48
CA ARG D 364 21.94 -5.79 15.47
C ARG D 364 21.97 -4.81 14.28
N VAL D 365 22.16 -3.51 14.52
CA VAL D 365 22.27 -2.57 13.37
C VAL D 365 23.36 -3.08 12.43
N ILE D 366 24.48 -3.57 12.96
CA ILE D 366 25.60 -4.13 12.15
C ILE D 366 25.17 -5.46 11.54
N ARG D 367 24.41 -6.26 12.27
CA ARG D 367 24.03 -7.60 11.75
C ARG D 367 23.24 -7.44 10.45
N LEU D 368 22.34 -6.46 10.38
CA LEU D 368 21.50 -6.31 9.16
C LEU D 368 22.39 -5.80 8.02
N VAL D 369 23.31 -4.87 8.31
CA VAL D 369 24.15 -4.29 7.25
C VAL D 369 24.91 -5.40 6.53
N ARG D 370 25.04 -6.53 7.17
CA ARG D 370 25.44 -7.72 6.39
C ARG D 370 24.53 -8.07 5.24
N VAL D 371 23.38 -7.48 4.92
CA VAL D 371 22.56 -7.93 3.82
C VAL D 371 22.98 -7.33 2.50
N PHE D 372 23.93 -6.42 2.50
CA PHE D 372 24.33 -5.80 1.24
C PHE D 372 25.33 -6.61 0.47
N ARG D 373 25.34 -7.93 0.61
CA ARG D 373 26.13 -8.74 -0.28
C ARG D 373 25.31 -9.26 -1.43
N ILE D 374 24.02 -8.95 -1.51
CA ILE D 374 23.36 -9.28 -2.76
C ILE D 374 23.71 -8.28 -3.84
N PHE D 375 24.12 -7.08 -3.48
CA PHE D 375 24.44 -6.13 -4.52
C PHE D 375 25.86 -6.27 -5.01
N LYS D 376 26.54 -7.36 -4.69
CA LYS D 376 27.74 -7.70 -5.41
C LYS D 376 27.43 -8.57 -6.59
N LEU D 377 26.16 -8.88 -6.82
CA LEU D 377 25.83 -9.54 -8.06
C LEU D 377 25.89 -8.58 -9.21
N SER D 378 25.84 -7.28 -8.97
CA SER D 378 25.63 -6.35 -10.05
C SER D 378 26.84 -6.17 -10.93
N ARG D 379 27.98 -6.73 -10.57
CA ARG D 379 29.12 -6.69 -11.48
C ARG D 379 28.94 -7.69 -12.61
N HIS D 380 28.63 -8.94 -12.26
CA HIS D 380 28.48 -10.02 -13.26
C HIS D 380 27.01 -10.13 -13.70
N SER D 381 26.35 -9.02 -14.02
CA SER D 381 25.01 -9.02 -14.55
C SER D 381 24.70 -7.67 -15.14
N LYS D 382 24.38 -7.62 -16.41
CA LYS D 382 23.98 -6.39 -17.07
C LYS D 382 22.47 -6.21 -17.03
N GLY D 383 21.78 -7.00 -16.24
CA GLY D 383 20.36 -6.77 -16.11
C GLY D 383 20.08 -5.93 -14.92
N LEU D 384 21.03 -5.85 -14.00
CA LEU D 384 20.90 -5.05 -12.81
C LEU D 384 21.48 -3.67 -12.95
N GLN D 385 22.45 -3.50 -13.83
CA GLN D 385 23.01 -2.18 -13.98
C GLN D 385 22.02 -1.23 -14.62
N ILE D 386 21.11 -1.74 -15.43
CA ILE D 386 20.04 -0.90 -15.97
C ILE D 386 19.05 -0.51 -14.89
N LEU D 387 18.89 -1.33 -13.87
CA LEU D 387 18.03 -0.93 -12.78
C LEU D 387 18.71 0.12 -11.94
N GLY D 388 20.02 0.04 -11.82
CA GLY D 388 20.75 1.14 -11.19
C GLY D 388 20.58 2.47 -11.91
N GLN D 389 20.75 2.50 -13.22
CA GLN D 389 20.63 3.76 -13.98
C GLN D 389 19.17 4.21 -14.06
N THR D 390 18.19 3.31 -14.01
CA THR D 390 16.80 3.73 -14.01
C THR D 390 16.39 4.38 -12.71
N LEU D 391 16.84 3.85 -11.57
CA LEU D 391 16.43 4.47 -10.32
C LEU D 391 17.24 5.69 -9.98
N LYS D 392 18.38 5.90 -10.63
CA LYS D 392 19.08 7.16 -10.40
C LYS D 392 18.51 8.25 -11.28
N ALA D 393 18.08 7.93 -12.49
CA ALA D 393 17.55 8.98 -13.33
C ALA D 393 16.10 9.33 -13.06
N SER D 394 15.44 8.70 -12.09
CA SER D 394 14.03 8.91 -11.84
C SER D 394 13.76 9.14 -10.39
N MET D 395 14.56 9.77 -9.66
CA MET D 395 14.35 9.98 -8.25
C MET D 395 13.15 10.88 -7.99
N ARG D 396 12.87 11.80 -8.90
CA ARG D 396 11.77 12.70 -8.68
C ARG D 396 10.45 11.96 -8.77
N GLU D 397 10.34 11.01 -9.68
CA GLU D 397 9.11 10.25 -9.75
C GLU D 397 9.06 9.08 -8.79
N LEU D 398 9.87 9.07 -7.75
CA LEU D 398 9.60 8.19 -6.64
C LEU D 398 9.28 9.03 -5.45
N GLY D 399 9.85 10.21 -5.39
CA GLY D 399 9.39 11.17 -4.41
C GLY D 399 7.92 11.48 -4.58
N LEU D 400 7.46 11.57 -5.81
CA LEU D 400 6.05 11.85 -6.05
C LEU D 400 5.19 10.67 -5.65
N LEU D 401 5.67 9.46 -5.84
CA LEU D 401 4.85 8.29 -5.54
C LEU D 401 4.62 8.17 -4.06
N ILE D 402 5.67 8.33 -3.28
CA ILE D 402 5.51 8.25 -1.83
C ILE D 402 4.78 9.47 -1.26
N PHE D 403 4.90 10.63 -1.89
CA PHE D 403 4.17 11.80 -1.42
C PHE D 403 2.67 11.68 -1.69
N PHE D 404 2.29 11.23 -2.88
CA PHE D 404 0.88 11.02 -3.18
C PHE D 404 0.28 9.97 -2.29
N LEU D 405 1.05 8.93 -2.02
CA LEU D 405 0.51 7.87 -1.19
C LEU D 405 0.36 8.32 0.25
N PHE D 406 1.23 9.17 0.76
CA PHE D 406 1.07 9.62 2.12
C PHE D 406 -0.11 10.56 2.27
N ILE D 407 -0.38 11.41 1.27
CA ILE D 407 -1.49 12.40 1.46
C ILE D 407 -2.79 11.61 1.58
N GLY D 408 -2.97 10.58 0.77
CA GLY D 408 -4.19 9.78 0.87
C GLY D 408 -4.31 9.08 2.21
N VAL D 409 -3.23 8.54 2.73
CA VAL D 409 -3.30 7.77 4.00
C VAL D 409 -3.68 8.72 5.12
N ILE D 410 -3.38 10.01 5.06
CA ILE D 410 -3.84 10.95 6.12
C ILE D 410 -5.25 11.46 5.80
N LEU D 411 -5.75 11.27 4.56
CA LEU D 411 -7.09 11.80 4.14
C LEU D 411 -8.16 10.71 4.15
N PHE D 412 -7.84 9.43 3.90
CA PHE D 412 -8.89 8.40 3.99
C PHE D 412 -9.00 7.82 5.41
N SER D 413 -7.88 7.71 6.10
CA SER D 413 -7.86 7.17 7.47
C SER D 413 -8.72 8.02 8.39
N SER D 414 -8.62 9.34 8.30
CA SER D 414 -9.39 10.24 9.19
C SER D 414 -10.88 10.02 8.94
N ALA D 415 -11.30 9.91 7.69
CA ALA D 415 -12.72 9.67 7.35
C ALA D 415 -13.25 8.41 8.01
N VAL D 416 -12.61 7.26 7.83
CA VAL D 416 -13.05 5.98 8.45
C VAL D 416 -13.00 6.07 9.98
N TYR D 417 -12.01 6.72 10.59
CA TYR D 417 -12.07 6.80 12.07
C TYR D 417 -13.31 7.54 12.51
N PHE D 418 -13.64 8.66 11.90
CA PHE D 418 -14.84 9.46 12.29
C PHE D 418 -16.13 8.70 11.96
N ALA D 419 -16.19 8.03 10.81
CA ALA D 419 -17.41 7.29 10.41
C ALA D 419 -17.67 6.11 11.35
N GLU D 420 -16.65 5.31 11.63
CA GLU D 420 -16.77 4.20 12.60
C GLU D 420 -16.29 4.74 13.94
N ALA D 421 -16.98 5.72 14.50
CA ALA D 421 -16.46 6.37 15.73
C ALA D 421 -17.03 5.69 16.95
N ASP D 422 -18.37 5.58 16.99
CA ASP D 422 -18.98 5.05 18.23
C ASP D 422 -19.69 3.72 17.97
N ASP D 423 -18.91 2.64 17.85
CA ASP D 423 -19.47 1.28 17.66
C ASP D 423 -18.32 0.35 18.08
N PRO D 424 -18.47 -0.98 18.23
CA PRO D 424 -17.30 -1.82 18.55
C PRO D 424 -16.65 -1.90 17.17
N THR D 425 -16.02 -0.80 16.75
CA THR D 425 -15.46 -0.72 15.38
C THR D 425 -14.05 -1.24 15.28
N SER D 426 -13.90 -2.56 15.27
CA SER D 426 -12.57 -3.14 15.02
C SER D 426 -11.54 -2.44 15.87
N GLY D 427 -10.45 -2.04 15.24
CA GLY D 427 -9.39 -1.34 15.97
C GLY D 427 -9.36 0.13 15.60
N PHE D 428 -10.43 0.65 15.01
CA PHE D 428 -10.30 2.06 14.58
C PHE D 428 -10.51 2.89 15.84
N SER D 429 -9.56 2.78 16.79
CA SER D 429 -9.63 3.50 18.08
C SER D 429 -8.86 4.83 18.01
N SER D 430 -8.15 5.09 16.92
CA SER D 430 -7.43 6.36 16.76
C SER D 430 -7.20 6.62 15.28
N ILE D 431 -7.04 7.87 14.85
CA ILE D 431 -6.66 8.13 13.44
C ILE D 431 -5.30 7.48 13.23
N PRO D 432 -4.30 7.54 14.16
CA PRO D 432 -3.03 6.91 13.89
C PRO D 432 -3.10 5.40 13.64
N ASP D 433 -4.07 4.69 14.23
CA ASP D 433 -4.27 3.22 14.02
C ASP D 433 -4.67 2.88 12.59
N ALA D 434 -5.53 3.67 11.96
CA ALA D 434 -6.07 3.30 10.64
C ALA D 434 -5.02 3.37 9.55
N PHE D 435 -3.82 3.89 9.82
CA PHE D 435 -2.82 4.06 8.74
C PHE D 435 -2.46 2.71 8.13
N TRP D 436 -2.40 1.62 8.90
CA TRP D 436 -2.17 0.29 8.32
C TRP D 436 -3.30 -0.11 7.37
N TRP D 437 -4.56 0.14 7.71
CA TRP D 437 -5.72 -0.22 6.87
C TRP D 437 -5.67 0.54 5.54
N ALA D 438 -5.24 1.79 5.54
CA ALA D 438 -5.31 2.57 4.28
C ALA D 438 -4.14 2.24 3.38
N VAL D 439 -2.99 1.85 3.91
CA VAL D 439 -1.86 1.37 3.05
C VAL D 439 -2.18 0.01 2.45
N VAL D 440 -2.74 -0.93 3.21
CA VAL D 440 -3.16 -2.26 2.66
C VAL D 440 -4.34 -2.13 1.68
N THR D 441 -5.29 -1.22 1.83
CA THR D 441 -6.42 -1.20 0.86
C THR D 441 -6.00 -0.47 -0.41
N MET D 442 -5.28 0.63 -0.32
CA MET D 442 -4.86 1.44 -1.51
C MET D 442 -3.87 0.71 -2.41
N THR D 443 -2.89 -0.02 -1.88
CA THR D 443 -1.92 -0.80 -2.69
C THR D 443 -2.56 -2.11 -3.16
N THR D 444 -3.80 -2.41 -2.77
CA THR D 444 -4.59 -3.60 -3.16
C THR D 444 -4.12 -4.91 -2.52
N VAL D 445 -3.27 -4.90 -1.49
CA VAL D 445 -2.91 -6.18 -0.82
C VAL D 445 -4.11 -6.71 -0.06
N GLY D 446 -4.79 -5.91 0.74
CA GLY D 446 -6.01 -6.33 1.45
C GLY D 446 -5.81 -7.59 2.25
N TYR D 447 -5.07 -7.55 3.34
CA TYR D 447 -4.82 -8.74 4.17
C TYR D 447 -6.12 -9.20 4.80
N GLY D 448 -6.96 -8.26 5.24
CA GLY D 448 -8.26 -8.61 5.83
C GLY D 448 -8.25 -8.60 7.34
N ASP D 449 -7.14 -8.15 7.93
CA ASP D 449 -7.01 -8.06 9.41
C ASP D 449 -8.02 -7.04 9.94
N MET D 450 -7.99 -5.80 9.46
CA MET D 450 -8.94 -4.74 9.87
C MET D 450 -9.79 -4.33 8.67
N HIS D 451 -11.10 -4.30 8.84
CA HIS D 451 -12.02 -3.93 7.74
C HIS D 451 -13.09 -3.00 8.33
N PRO D 452 -13.75 -2.12 7.56
CA PRO D 452 -14.83 -1.30 8.09
C PRO D 452 -16.11 -2.09 8.38
N VAL D 453 -16.96 -1.68 9.36
CA VAL D 453 -18.17 -2.46 9.75
C VAL D 453 -19.46 -1.61 9.87
N THR D 454 -19.56 -0.42 9.29
CA THR D 454 -20.78 0.39 9.28
C THR D 454 -21.17 0.63 7.84
N ILE D 455 -22.01 1.64 7.60
CA ILE D 455 -22.29 2.00 6.22
C ILE D 455 -21.40 3.13 5.74
N GLY D 456 -21.07 4.07 6.60
CA GLY D 456 -20.12 5.10 6.23
C GLY D 456 -18.72 4.56 6.09
N GLY D 457 -18.35 3.62 6.95
CA GLY D 457 -17.02 3.03 6.80
C GLY D 457 -16.94 2.32 5.48
N LYS D 458 -18.01 1.64 5.07
CA LYS D 458 -17.90 0.86 3.87
C LYS D 458 -17.87 1.73 2.63
N ILE D 459 -18.58 2.85 2.62
CA ILE D 459 -18.52 3.74 1.47
C ILE D 459 -17.17 4.42 1.38
N VAL D 460 -16.52 4.67 2.52
CA VAL D 460 -15.14 5.25 2.49
C VAL D 460 -14.15 4.15 2.09
N GLY D 461 -14.42 2.89 2.40
CA GLY D 461 -13.54 1.85 1.91
C GLY D 461 -13.61 1.66 0.41
N SER D 462 -14.75 1.91 -0.20
CA SER D 462 -14.85 1.77 -1.65
C SER D 462 -14.10 2.89 -2.36
N LEU D 463 -14.27 4.12 -1.89
CA LEU D 463 -13.55 5.23 -2.51
C LEU D 463 -12.06 5.12 -2.28
N CYS D 464 -11.63 4.55 -1.15
CA CYS D 464 -10.18 4.36 -0.86
C CYS D 464 -9.59 3.38 -1.87
N ALA D 465 -10.30 2.30 -2.20
CA ALA D 465 -9.72 1.34 -3.11
C ALA D 465 -9.52 1.92 -4.50
N ILE D 466 -10.49 2.68 -5.00
CA ILE D 466 -10.31 3.22 -6.35
C ILE D 466 -9.31 4.38 -6.37
N ALA D 467 -9.26 5.20 -5.34
CA ALA D 467 -8.28 6.27 -5.31
C ALA D 467 -6.88 5.73 -5.14
N GLY D 468 -6.72 4.46 -4.81
CA GLY D 468 -5.32 4.00 -4.75
C GLY D 468 -4.85 3.35 -6.04
N VAL D 469 -5.75 2.89 -6.90
CA VAL D 469 -5.33 2.37 -8.23
C VAL D 469 -4.94 3.57 -9.11
N LEU D 470 -5.48 4.75 -8.83
CA LEU D 470 -5.20 5.97 -9.61
C LEU D 470 -3.94 6.62 -9.06
N THR D 471 -3.82 6.79 -7.75
CA THR D 471 -2.62 7.50 -7.34
C THR D 471 -1.37 6.63 -7.37
N ILE D 472 -1.52 5.33 -7.60
CA ILE D 472 -0.35 4.48 -7.91
C ILE D 472 -0.04 4.54 -9.39
N ALA D 473 -1.04 4.44 -10.24
CA ALA D 473 -0.69 4.35 -11.65
C ALA D 473 -0.36 5.66 -12.30
N LEU D 474 -0.27 6.79 -11.57
CA LEU D 474 0.01 8.07 -12.22
C LEU D 474 1.50 8.34 -12.42
N PRO D 475 2.43 8.08 -11.45
CA PRO D 475 3.85 8.26 -11.78
C PRO D 475 4.61 7.08 -12.29
N VAL D 476 4.01 5.91 -12.40
CA VAL D 476 4.76 4.73 -12.81
C VAL D 476 5.07 4.72 -14.31
N PRO D 477 4.20 5.17 -15.24
CA PRO D 477 4.63 5.27 -16.64
C PRO D 477 5.89 6.07 -16.95
N VAL D 478 6.25 7.02 -16.12
CA VAL D 478 7.53 7.69 -16.33
C VAL D 478 8.68 6.75 -16.06
N ILE D 479 8.61 6.00 -14.95
CA ILE D 479 9.75 5.12 -14.55
C ILE D 479 9.83 3.91 -15.49
N VAL D 480 8.72 3.34 -15.93
CA VAL D 480 8.77 2.22 -16.92
C VAL D 480 9.37 2.71 -18.24
N SER D 481 9.06 3.93 -18.68
CA SER D 481 9.68 4.50 -19.89
C SER D 481 11.18 4.70 -19.68
N ASN D 482 11.62 5.16 -18.51
CA ASN D 482 13.09 5.36 -18.39
C ASN D 482 13.78 3.99 -18.56
N PHE D 483 13.25 2.91 -17.98
CA PHE D 483 13.93 1.60 -18.07
C PHE D 483 13.98 1.22 -19.54
N ASN D 484 12.92 1.47 -20.29
CA ASN D 484 12.92 1.03 -21.70
C ASN D 484 14.03 1.78 -22.45
N TYR D 485 14.21 3.07 -22.23
CA TYR D 485 15.29 3.74 -23.00
C TYR D 485 16.64 3.15 -22.63
N PHE D 486 16.94 2.98 -21.35
CA PHE D 486 18.27 2.48 -20.94
C PHE D 486 18.43 1.03 -21.41
N TYR D 487 17.37 0.24 -21.37
CA TYR D 487 17.46 -1.19 -21.74
C TYR D 487 17.78 -1.37 -23.23
N HIS D 488 17.12 -0.62 -24.10
CA HIS D 488 17.34 -0.87 -25.55
C HIS D 488 18.54 -0.10 -26.07
N ARG D 489 18.99 0.91 -25.33
CA ARG D 489 20.09 1.76 -25.83
C ARG D 489 21.35 0.92 -25.77
N GLU D 490 21.22 -0.27 -25.19
CA GLU D 490 22.40 -1.11 -25.26
C GLU D 490 22.83 -1.42 -26.68
N THR D 491 21.88 -1.51 -27.61
CA THR D 491 22.16 -1.81 -29.01
C THR D 491 22.66 -0.59 -29.78
N GLN E 1 5.33 5.16 49.46
CA GLN E 1 4.79 5.11 50.82
C GLN E 1 3.42 5.76 50.89
N VAL E 2 2.42 4.97 51.30
CA VAL E 2 1.06 5.45 51.48
C VAL E 2 0.77 5.50 52.97
N GLN E 3 0.60 6.71 53.50
CA GLN E 3 0.40 6.92 54.93
C GLN E 3 -1.08 7.03 55.23
N LEU E 4 -1.54 6.19 56.15
CA LEU E 4 -2.96 5.99 56.40
C LEU E 4 -3.28 6.36 57.85
N ARG E 5 -4.13 7.37 58.02
CA ARG E 5 -4.54 7.87 59.33
C ARG E 5 -6.05 7.82 59.40
N GLU E 6 -6.60 7.12 60.39
CA GLU E 6 -8.04 6.91 60.48
C GLU E 6 -8.67 7.93 61.43
N TRP E 7 -9.74 8.57 60.96
CA TRP E 7 -10.42 9.62 61.72
C TRP E 7 -11.93 9.47 61.58
N GLY E 8 -12.63 9.60 62.70
CA GLY E 8 -14.08 9.50 62.68
C GLY E 8 -14.64 9.38 64.07
N ALA E 9 -15.92 8.99 64.12
CA ALA E 9 -16.58 8.73 65.39
C ALA E 9 -16.33 7.29 65.84
N GLY E 10 -15.66 7.14 66.97
CA GLY E 10 -15.22 5.85 67.45
C GLY E 10 -16.09 5.20 68.50
N LEU E 11 -16.87 5.98 69.23
CA LEU E 11 -17.72 5.44 70.27
C LEU E 11 -19.16 5.78 69.93
N LEU E 12 -19.92 4.79 69.46
CA LEU E 12 -21.23 5.02 68.89
C LEU E 12 -22.27 4.24 69.67
N LYS E 13 -23.53 4.39 69.24
CA LYS E 13 -24.66 3.83 69.94
C LYS E 13 -25.19 2.61 69.19
N PRO E 14 -25.97 1.75 69.86
CA PRO E 14 -26.68 0.69 69.13
C PRO E 14 -27.70 1.28 68.17
N SER E 15 -27.85 0.63 67.02
CA SER E 15 -28.69 0.98 65.87
C SER E 15 -28.27 2.29 65.20
N GLU E 16 -27.07 2.81 65.48
CA GLU E 16 -26.58 4.00 64.81
C GLU E 16 -25.53 3.59 63.77
N THR E 17 -25.61 4.23 62.60
CA THR E 17 -24.82 3.86 61.45
C THR E 17 -23.39 4.37 61.65
N LEU E 18 -22.41 3.55 61.24
CA LEU E 18 -21.00 3.80 61.54
C LEU E 18 -20.41 4.82 60.56
N SER E 19 -19.31 5.45 60.97
CA SER E 19 -18.54 6.36 60.13
C SER E 19 -17.09 6.40 60.61
N LEU E 20 -16.17 5.94 59.76
CA LEU E 20 -14.77 6.27 59.88
C LEU E 20 -14.31 6.92 58.57
N THR E 21 -13.09 7.44 58.58
CA THR E 21 -12.48 8.02 57.40
C THR E 21 -10.96 7.94 57.50
N CYS E 22 -10.33 7.28 56.53
CA CYS E 22 -8.89 7.07 56.49
C CYS E 22 -8.24 8.17 55.67
N ALA E 23 -7.35 8.92 56.30
CA ALA E 23 -6.61 9.99 55.63
C ALA E 23 -5.45 9.38 54.86
N VAL E 24 -5.48 9.52 53.54
CA VAL E 24 -4.57 8.82 52.65
C VAL E 24 -3.59 9.81 52.05
N TYR E 25 -2.34 9.75 52.48
CA TYR E 25 -1.28 10.56 51.91
C TYR E 25 -0.27 9.65 51.22
N GLY E 26 0.16 10.07 50.04
CA GLY E 26 1.02 9.25 49.21
C GLY E 26 0.32 8.53 48.10
N GLY E 27 -0.56 9.21 47.35
CA GLY E 27 -1.30 8.53 46.30
C GLY E 27 -0.48 8.17 45.09
N SER E 28 -0.21 6.87 44.90
CA SER E 28 0.48 6.38 43.71
C SER E 28 -0.50 6.41 42.55
N PHE E 29 0.02 6.76 41.37
CA PHE E 29 -0.81 7.06 40.19
C PHE E 29 -1.04 5.79 39.36
N SER E 30 -1.44 4.73 40.06
CA SER E 30 -1.54 3.41 39.46
C SER E 30 -2.96 2.87 39.63
N ASP E 31 -3.15 1.64 39.16
CA ASP E 31 -4.40 0.92 39.33
C ASP E 31 -4.37 0.18 40.67
N LYS E 32 -4.70 0.87 41.75
CA LYS E 32 -4.78 0.22 43.05
C LYS E 32 -5.97 0.80 43.80
N TYR E 33 -6.66 -0.07 44.51
CA TYR E 33 -7.98 0.25 45.06
C TYR E 33 -7.86 0.35 46.58
N TRP E 34 -8.77 1.11 47.19
CA TRP E 34 -8.76 1.29 48.63
C TRP E 34 -9.99 0.66 49.26
N SER E 35 -9.78 0.09 50.44
CA SER E 35 -10.85 -0.53 51.19
C SER E 35 -10.48 -0.50 52.66
N TRP E 36 -11.21 -1.29 53.44
CA TRP E 36 -10.99 -1.37 54.88
C TRP E 36 -11.00 -2.83 55.28
N ILE E 37 -10.35 -3.12 56.41
CA ILE E 37 -10.29 -4.46 56.95
C ILE E 37 -10.57 -4.37 58.44
N ARG E 38 -11.54 -5.15 58.92
CA ARG E 38 -11.92 -5.10 60.32
C ARG E 38 -11.47 -6.36 61.04
N GLN E 39 -11.25 -6.21 62.35
CA GLN E 39 -10.80 -7.32 63.17
C GLN E 39 -11.20 -7.09 64.63
N PRO E 40 -12.16 -7.84 65.14
CA PRO E 40 -12.37 -7.87 66.58
C PRO E 40 -11.19 -8.53 67.28
N PRO E 41 -10.99 -8.24 68.57
CA PRO E 41 -9.92 -8.94 69.31
C PRO E 41 -10.28 -10.40 69.56
N GLY E 42 -9.37 -11.29 69.14
CA GLY E 42 -9.61 -12.72 69.22
C GLY E 42 -10.46 -13.30 68.09
N LYS E 43 -10.90 -12.48 67.14
CA LYS E 43 -11.69 -12.94 66.02
C LYS E 43 -10.90 -12.65 64.75
N GLY E 44 -11.15 -13.45 63.71
CA GLY E 44 -10.31 -13.44 62.53
C GLY E 44 -10.50 -12.23 61.64
N LEU E 45 -9.73 -12.21 60.55
CA LEU E 45 -9.81 -11.12 59.59
C LEU E 45 -11.07 -11.24 58.74
N GLU E 46 -11.63 -10.10 58.35
CA GLU E 46 -12.84 -10.02 57.53
C GLU E 46 -12.78 -8.75 56.71
N TRP E 47 -13.13 -8.84 55.43
CA TRP E 47 -13.20 -7.67 54.58
C TRP E 47 -14.55 -6.97 54.72
N ILE E 48 -14.57 -5.66 54.53
CA ILE E 48 -15.84 -4.95 54.60
C ILE E 48 -16.23 -4.52 53.19
N GLY E 49 -15.45 -3.65 52.56
CA GLY E 49 -15.78 -3.24 51.21
C GLY E 49 -14.88 -2.16 50.63
N SER E 50 -14.90 -2.01 49.31
CA SER E 50 -13.98 -1.12 48.60
C SER E 50 -14.73 -0.02 47.88
N ILE E 51 -13.95 0.80 47.18
CA ILE E 51 -14.39 1.69 46.11
C ILE E 51 -13.17 1.88 45.22
N ASN E 52 -13.40 2.08 43.92
CA ASN E 52 -12.27 2.35 43.04
C ASN E 52 -12.31 3.78 42.51
N HIS E 53 -11.35 4.10 41.65
CA HIS E 53 -11.26 5.44 41.07
C HIS E 53 -12.28 5.66 39.97
N SER E 54 -12.87 4.59 39.44
CA SER E 54 -13.92 4.74 38.45
C SER E 54 -15.28 5.05 39.08
N GLY E 55 -15.66 4.34 40.14
CA GLY E 55 -16.94 4.52 40.77
C GLY E 55 -17.67 3.25 41.14
N SER E 56 -17.11 2.08 40.83
CA SER E 56 -17.77 0.82 41.20
C SER E 56 -17.18 0.26 42.49
N THR E 57 -18.02 0.21 43.52
CA THR E 57 -17.62 -0.29 44.83
C THR E 57 -17.83 -1.79 44.86
N ASN E 58 -16.95 -2.49 45.57
CA ASN E 58 -17.13 -3.93 45.74
C ASN E 58 -17.06 -4.23 47.23
N TYR E 59 -17.92 -5.14 47.66
CA TYR E 59 -17.99 -5.52 49.06
C TYR E 59 -17.93 -7.03 49.19
N ASN E 60 -17.81 -7.49 50.43
CA ASN E 60 -17.84 -8.90 50.77
C ASN E 60 -19.23 -9.49 50.48
N PRO E 61 -19.31 -10.66 49.82
CA PRO E 61 -20.63 -11.25 49.53
C PRO E 61 -21.44 -11.63 50.74
N SER E 62 -20.80 -11.87 51.90
CA SER E 62 -21.57 -12.00 53.13
C SER E 62 -22.17 -10.68 53.59
N LEU E 63 -21.56 -9.54 53.20
CA LEU E 63 -21.85 -8.25 53.78
C LEU E 63 -22.09 -7.13 52.77
N LYS E 64 -22.84 -7.36 51.69
CA LYS E 64 -23.05 -6.31 50.70
C LYS E 64 -23.90 -5.17 51.26
N SER E 65 -24.85 -5.48 52.14
CA SER E 65 -25.86 -4.50 52.53
C SER E 65 -25.41 -3.56 53.63
N ARG E 66 -24.24 -3.80 54.23
CA ARG E 66 -23.83 -3.07 55.41
C ARG E 66 -22.56 -2.24 55.22
N VAL E 67 -22.18 -1.92 53.98
CA VAL E 67 -21.00 -1.10 53.70
C VAL E 67 -21.41 0.07 52.83
N THR E 68 -20.75 1.21 53.02
CA THR E 68 -20.75 2.31 52.06
C THR E 68 -19.45 3.09 52.16
N ILE E 69 -18.58 2.91 51.17
CA ILE E 69 -17.28 3.56 51.11
C ILE E 69 -17.38 4.64 50.05
N SER E 70 -16.82 5.82 50.31
CA SER E 70 -16.88 6.91 49.35
C SER E 70 -15.48 7.39 49.00
N VAL E 71 -15.37 8.02 47.83
CA VAL E 71 -14.10 8.46 47.27
C VAL E 71 -14.14 9.99 47.16
N ASP E 72 -12.95 10.58 47.10
CA ASP E 72 -12.76 12.02 46.93
C ASP E 72 -11.36 12.20 46.39
N THR E 73 -11.25 12.65 45.13
CA THR E 73 -9.92 12.91 44.57
C THR E 73 -9.44 14.32 44.89
N SER E 74 -10.27 15.12 45.56
CA SER E 74 -9.88 16.50 45.88
C SER E 74 -9.13 16.56 47.20
N LYS E 75 -9.52 15.74 48.16
CA LYS E 75 -8.83 15.62 49.44
C LYS E 75 -7.88 14.43 49.47
N ASN E 76 -8.09 13.46 48.57
CA ASN E 76 -7.38 12.16 48.53
C ASN E 76 -7.58 11.42 49.86
N GLN E 77 -8.81 10.94 50.06
CA GLN E 77 -9.23 10.39 51.33
C GLN E 77 -10.28 9.31 51.09
N PHE E 78 -10.34 8.32 51.98
CA PHE E 78 -11.30 7.23 51.89
C PHE E 78 -12.00 7.03 53.23
N SER E 79 -13.23 6.54 53.18
CA SER E 79 -14.13 6.49 54.33
C SER E 79 -14.60 5.07 54.60
N LEU E 80 -15.63 4.95 55.44
CA LEU E 80 -16.18 3.68 55.87
C LEU E 80 -17.56 3.91 56.46
N LYS E 81 -18.45 2.93 56.34
CA LYS E 81 -19.78 2.98 56.93
C LYS E 81 -20.30 1.57 57.20
N LEU E 82 -20.84 1.35 58.41
CA LEU E 82 -21.49 0.10 58.78
C LEU E 82 -22.84 0.43 59.42
N SER E 83 -23.88 -0.34 59.07
CA SER E 83 -25.18 -0.14 59.69
C SER E 83 -25.55 -1.31 60.58
N SER E 84 -26.47 -1.04 61.53
CA SER E 84 -27.00 -2.02 62.49
C SER E 84 -25.89 -2.65 63.34
N VAL E 85 -25.23 -1.82 64.15
CA VAL E 85 -24.11 -2.28 64.95
C VAL E 85 -24.60 -2.83 66.29
N THR E 86 -24.11 -4.03 66.64
CA THR E 86 -24.41 -4.68 67.91
C THR E 86 -23.12 -5.22 68.51
N ALA E 87 -23.24 -5.90 69.66
CA ALA E 87 -22.10 -6.30 70.48
C ALA E 87 -21.16 -7.27 69.78
N ALA E 88 -21.63 -7.99 68.76
CA ALA E 88 -20.75 -8.80 67.93
C ALA E 88 -19.92 -7.96 66.97
N ASP E 89 -20.39 -6.76 66.64
CA ASP E 89 -19.67 -5.87 65.73
C ASP E 89 -18.71 -4.94 66.45
N THR E 90 -18.18 -5.35 67.60
CA THR E 90 -17.09 -4.63 68.25
C THR E 90 -15.77 -4.97 67.57
N ALA E 91 -15.23 -4.06 66.76
CA ALA E 91 -14.05 -4.40 65.97
C ALA E 91 -13.14 -3.18 65.86
N VAL E 92 -11.87 -3.45 65.55
CA VAL E 92 -10.95 -2.41 65.13
C VAL E 92 -10.76 -2.56 63.62
N TYR E 93 -10.64 -1.42 62.92
CA TYR E 93 -10.80 -1.35 61.48
C TYR E 93 -9.54 -0.79 60.85
N TYR E 94 -8.88 -1.58 60.00
CA TYR E 94 -7.69 -1.12 59.29
C TYR E 94 -8.03 -0.74 57.86
N CYS E 95 -7.80 0.53 57.51
CA CYS E 95 -7.99 0.98 56.15
C CYS E 95 -6.81 0.52 55.29
N THR E 96 -7.11 0.06 54.08
CA THR E 96 -6.16 -0.71 53.30
C THR E 96 -6.24 -0.33 51.83
N SER E 97 -5.09 -0.32 51.16
CA SER E 97 -4.99 -0.06 49.73
C SER E 97 -4.57 -1.35 49.01
N VAL E 98 -5.46 -1.85 48.16
CA VAL E 98 -5.38 -3.18 47.59
C VAL E 98 -5.13 -3.07 46.09
N HIS E 99 -4.42 -4.06 45.55
CA HIS E 99 -4.12 -4.17 44.13
C HIS E 99 -5.05 -5.20 43.52
N GLN E 100 -6.00 -4.74 42.70
CA GLN E 100 -7.06 -5.62 42.18
C GLN E 100 -7.18 -5.49 40.66
N GLU E 101 -6.67 -6.50 39.93
CA GLU E 101 -6.75 -6.56 38.47
C GLU E 101 -7.49 -7.81 38.03
N THR E 102 -8.20 -7.70 36.92
CA THR E 102 -9.21 -8.69 36.53
C THR E 102 -8.75 -9.41 35.26
N LYS E 103 -9.54 -10.39 34.82
CA LYS E 103 -9.46 -10.89 33.46
C LYS E 103 -10.66 -10.34 32.72
N ARG E 108 -12.62 -11.41 27.59
CA ARG E 108 -13.88 -12.15 27.63
C ARG E 108 -14.94 -11.48 26.76
N SER E 109 -14.52 -10.51 25.95
CA SER E 109 -15.39 -9.79 25.02
C SER E 109 -15.15 -10.23 23.58
N CYS E 110 -14.88 -11.52 23.42
CA CYS E 110 -14.56 -12.13 22.13
C CYS E 110 -15.82 -12.65 21.45
N ILE E 111 -15.80 -12.69 20.12
CA ILE E 111 -16.90 -13.15 19.31
C ILE E 111 -16.33 -13.71 18.01
N ASP E 112 -16.99 -14.73 17.48
CA ASP E 112 -16.57 -15.24 16.16
C ASP E 112 -17.18 -14.33 15.10
N THR E 113 -16.38 -13.45 14.50
CA THR E 113 -16.89 -12.50 13.53
C THR E 113 -17.64 -13.23 12.42
N ILE E 114 -17.01 -14.30 11.94
CA ILE E 114 -17.59 -15.04 10.78
C ILE E 114 -18.44 -16.19 11.32
N PRO E 115 -19.33 -16.79 10.50
CA PRO E 115 -20.12 -17.93 10.93
C PRO E 115 -19.22 -19.06 11.41
N LYS E 116 -19.64 -19.79 12.44
CA LYS E 116 -18.80 -20.83 13.08
C LYS E 116 -18.42 -21.94 12.11
N SER E 117 -19.27 -22.25 11.13
CA SER E 117 -18.93 -23.41 10.26
C SER E 117 -17.56 -23.19 9.58
N ARG E 118 -17.25 -21.95 9.20
CA ARG E 118 -16.00 -21.66 8.45
C ARG E 118 -14.80 -21.89 9.36
N CYS E 119 -14.85 -21.56 10.59
CA CYS E 119 -13.70 -21.74 11.49
C CYS E 119 -13.36 -23.15 11.61
N THR E 120 -12.11 -23.57 11.38
CA THR E 120 -11.79 -25.02 11.32
C THR E 120 -10.45 -25.28 11.99
N ALA E 121 -10.03 -26.55 12.06
CA ALA E 121 -8.71 -26.91 12.62
C ALA E 121 -7.60 -26.37 11.72
N PHE E 122 -7.77 -26.55 10.43
CA PHE E 122 -6.70 -26.13 9.52
C PHE E 122 -6.51 -24.62 9.60
N GLN E 123 -7.60 -23.85 9.55
CA GLN E 123 -7.46 -22.37 9.43
C GLN E 123 -6.90 -21.71 10.71
N CYS E 124 -7.42 -22.09 11.86
CA CYS E 124 -6.97 -21.49 13.12
C CYS E 124 -5.50 -21.77 13.21
N LYS E 125 -5.12 -22.99 12.87
CA LYS E 125 -3.71 -23.38 13.05
C LYS E 125 -2.80 -22.63 12.08
N HIS E 126 -3.20 -22.48 10.81
CA HIS E 126 -2.26 -21.90 9.81
C HIS E 126 -2.50 -20.42 9.47
N SER E 127 -3.71 -19.88 9.62
CA SER E 127 -4.03 -18.50 9.18
C SER E 127 -4.04 -17.61 10.43
N MET E 128 -3.30 -16.50 10.43
CA MET E 128 -3.41 -15.61 11.59
C MET E 128 -4.65 -14.75 11.43
N LYS E 129 -5.08 -14.35 10.24
CA LYS E 129 -6.30 -13.50 10.18
C LYS E 129 -7.44 -14.31 10.78
N TYR E 130 -7.48 -15.61 10.54
CA TYR E 130 -8.51 -16.46 11.17
C TYR E 130 -8.25 -16.51 12.69
N ARG E 131 -7.02 -16.80 13.11
CA ARG E 131 -6.77 -17.00 14.56
C ARG E 131 -6.92 -15.78 15.45
N LEU E 132 -6.41 -14.64 15.06
CA LEU E 132 -6.47 -13.52 16.03
C LEU E 132 -7.48 -12.46 15.59
N SER E 133 -8.13 -12.63 14.44
CA SER E 133 -9.17 -11.65 14.07
C SER E 133 -10.51 -12.33 13.83
N PHE E 134 -10.64 -13.11 12.76
CA PHE E 134 -11.98 -13.66 12.44
C PHE E 134 -12.53 -14.63 13.49
N CYS E 135 -11.73 -15.57 14.01
CA CYS E 135 -12.26 -16.63 14.92
C CYS E 135 -11.45 -16.64 16.21
N ARG E 136 -11.55 -15.60 17.03
CA ARG E 136 -10.85 -15.59 18.34
C ARG E 136 -11.48 -16.57 19.32
N LYS E 137 -12.81 -16.56 19.47
CA LYS E 137 -13.47 -17.41 20.50
C LYS E 137 -13.39 -18.90 20.22
N THR E 138 -13.77 -19.35 19.02
CA THR E 138 -13.77 -20.82 18.79
C THR E 138 -12.35 -21.37 18.88
N CYS E 139 -11.36 -20.59 18.44
CA CYS E 139 -9.95 -21.04 18.56
C CYS E 139 -9.48 -20.92 20.01
N GLY E 140 -9.56 -19.72 20.58
CA GLY E 140 -9.04 -19.51 21.94
C GLY E 140 -7.88 -18.54 22.04
N THR E 141 -8.11 -17.26 21.75
CA THR E 141 -7.06 -16.22 21.89
C THR E 141 -7.64 -15.01 22.60
N CYS E 142 -8.55 -15.23 23.55
CA CYS E 142 -9.10 -14.14 24.33
C CYS E 142 -8.17 -13.71 25.45
N ASN E 147 -7.07 -15.34 36.07
CA ASN E 147 -8.50 -15.17 35.79
C ASN E 147 -9.02 -14.11 36.76
N TYR E 148 -8.46 -14.09 37.97
CA TYR E 148 -8.76 -13.06 38.96
C TYR E 148 -7.44 -12.61 39.57
N GLU E 149 -7.52 -11.89 40.70
CA GLU E 149 -6.41 -11.45 41.54
C GLU E 149 -6.97 -10.80 42.78
N TRP E 150 -6.35 -11.05 43.94
CA TRP E 150 -6.59 -10.22 45.12
C TRP E 150 -5.40 -10.23 46.07
N HIS E 151 -4.65 -9.12 46.16
CA HIS E 151 -3.63 -9.01 47.19
C HIS E 151 -3.46 -7.54 47.55
N VAL E 152 -3.30 -7.26 48.84
CA VAL E 152 -3.21 -5.88 49.31
C VAL E 152 -1.82 -5.34 49.02
N ASP E 153 -1.65 -4.04 49.19
CA ASP E 153 -0.33 -3.44 49.24
C ASP E 153 -0.06 -2.73 50.56
N VAL E 154 -0.99 -1.87 51.01
CA VAL E 154 -0.71 -0.92 52.10
C VAL E 154 -1.71 -1.12 53.24
N TRP E 155 -1.22 -1.68 54.35
CA TRP E 155 -2.03 -1.90 55.55
C TRP E 155 -2.22 -0.59 56.31
N GLY E 156 -3.16 -0.60 57.26
CA GLY E 156 -3.31 0.51 58.19
C GLY E 156 -3.28 0.06 59.63
N GLN E 157 -3.02 1.03 60.53
CA GLN E 157 -2.81 0.74 61.96
C GLN E 157 -4.10 0.37 62.70
N GLY E 158 -5.22 1.00 62.36
CA GLY E 158 -6.47 0.62 63.00
C GLY E 158 -7.02 1.68 63.93
N LEU E 159 -8.35 1.72 64.01
CA LEU E 159 -9.06 2.55 64.97
C LEU E 159 -10.11 1.67 65.64
N LEU E 160 -10.32 1.85 66.93
CA LEU E 160 -11.25 1.02 67.68
C LEU E 160 -12.64 1.64 67.64
N VAL E 161 -13.60 0.90 67.08
CA VAL E 161 -15.00 1.31 67.09
C VAL E 161 -15.78 0.27 67.89
N THR E 162 -16.32 0.68 69.02
CA THR E 162 -17.08 -0.18 69.92
C THR E 162 -18.43 0.45 70.21
N VAL E 163 -19.47 -0.38 70.18
CA VAL E 163 -20.85 0.03 70.42
C VAL E 163 -21.16 -0.07 71.91
N SER E 164 -21.73 1.00 72.47
CA SER E 164 -22.03 1.10 73.89
C SER E 164 -23.03 2.20 74.11
N SER E 165 -23.67 2.19 75.28
CA SER E 165 -24.57 3.27 75.67
C SER E 165 -24.05 4.05 76.87
N ALA E 166 -22.92 3.62 77.44
CA ALA E 166 -22.37 4.30 78.61
C ALA E 166 -21.57 5.53 78.19
N SER E 167 -21.01 6.20 79.20
CA SER E 167 -20.26 7.43 78.98
C SER E 167 -18.77 7.21 79.22
N THR E 168 -17.96 8.07 78.60
CA THR E 168 -16.51 7.89 78.61
C THR E 168 -15.87 8.90 79.55
N LYS E 169 -14.85 8.46 80.28
CA LYS E 169 -14.18 9.28 81.29
C LYS E 169 -12.68 9.29 81.03
N GLY E 170 -11.97 10.18 81.70
CA GLY E 170 -10.53 10.28 81.55
C GLY E 170 -9.76 9.57 82.66
N PRO E 171 -8.44 9.56 82.56
CA PRO E 171 -7.60 8.85 83.54
C PRO E 171 -7.26 9.63 84.81
N SER E 172 -6.79 8.87 85.80
CA SER E 172 -6.25 9.41 87.05
C SER E 172 -4.82 8.91 87.23
N VAL E 173 -3.87 9.84 87.27
CA VAL E 173 -2.44 9.52 87.17
C VAL E 173 -1.77 9.79 88.51
N PHE E 174 -0.75 8.99 88.85
CA PHE E 174 -0.15 9.06 90.17
C PHE E 174 1.36 8.84 90.12
N PRO E 175 2.15 9.55 90.94
CA PRO E 175 3.60 9.37 90.92
C PRO E 175 4.04 8.10 91.64
N LEU E 176 4.73 7.24 90.90
CA LEU E 176 5.14 5.92 91.40
C LEU E 176 6.67 5.83 91.35
N ALA E 177 7.28 5.92 92.52
CA ALA E 177 8.73 6.00 92.68
C ALA E 177 9.23 4.87 93.58
N PRO E 178 10.49 4.45 93.50
CA PRO E 178 10.94 3.33 94.33
C PRO E 178 11.29 3.76 95.75
N SER E 179 11.21 2.83 96.67
CA SER E 179 11.49 3.07 98.08
C SER E 179 12.91 2.63 98.44
N SER E 180 13.19 2.62 99.74
CA SER E 180 14.51 2.21 100.22
C SER E 180 14.62 0.70 100.39
N LYS E 181 13.51 -0.03 100.22
CA LYS E 181 13.53 -1.48 100.19
C LYS E 181 13.33 -2.03 98.78
N SER E 182 12.61 -1.31 97.92
CA SER E 182 12.29 -1.76 96.57
C SER E 182 13.45 -1.60 95.60
N THR E 183 14.55 -0.98 96.03
CA THR E 183 15.69 -0.74 95.17
C THR E 183 16.41 -2.06 94.87
N SER E 184 16.89 -2.18 93.63
CA SER E 184 17.52 -3.40 93.13
C SER E 184 18.98 -3.11 92.79
N GLY E 185 19.66 -2.44 93.71
CA GLY E 185 21.07 -2.13 93.53
C GLY E 185 21.32 -0.83 92.81
N GLY E 186 22.18 -0.87 91.79
CA GLY E 186 22.50 0.31 91.00
C GLY E 186 21.47 0.72 89.98
N THR E 187 20.60 -0.19 89.56
CA THR E 187 19.52 0.13 88.63
C THR E 187 18.19 -0.14 89.32
N ALA E 188 17.31 0.86 89.30
CA ALA E 188 16.04 0.77 90.01
C ALA E 188 14.89 1.08 89.06
N ALA E 189 13.69 0.68 89.47
CA ALA E 189 12.49 0.81 88.66
C ALA E 189 11.83 2.16 88.89
N LEU E 190 11.12 2.64 87.88
CA LEU E 190 10.44 3.93 87.92
C LEU E 190 9.32 3.94 86.89
N GLY E 191 8.16 4.47 87.26
CA GLY E 191 7.04 4.45 86.35
C GLY E 191 5.82 5.23 86.76
N CYS E 192 4.74 5.09 85.99
CA CYS E 192 3.52 5.82 86.24
C CYS E 192 2.32 4.83 86.35
N LEU E 193 1.23 5.33 86.93
CA LEU E 193 0.02 4.48 87.14
C LEU E 193 -1.13 5.16 86.42
N VAL E 194 -1.72 4.51 85.43
CA VAL E 194 -2.92 5.08 84.75
C VAL E 194 -4.11 4.25 85.23
N LYS E 195 -4.97 4.79 86.09
CA LYS E 195 -6.05 3.97 86.66
C LYS E 195 -7.41 4.65 86.45
N ASP E 196 -8.50 3.87 86.48
CA ASP E 196 -9.86 4.45 86.36
C ASP E 196 -9.97 5.31 85.09
N TYR E 197 -9.68 4.72 83.93
CA TYR E 197 -9.87 5.46 82.66
C TYR E 197 -10.72 4.61 81.70
N PHE E 198 -11.29 5.24 80.69
CA PHE E 198 -11.98 4.46 79.61
C PHE E 198 -11.63 5.16 78.29
N PRO E 199 -11.53 4.58 77.05
CA PRO E 199 -11.36 3.14 76.82
C PRO E 199 -9.90 2.72 76.62
N GLU E 200 -9.71 1.51 76.08
CA GLU E 200 -8.40 0.95 75.84
C GLU E 200 -7.83 1.51 74.54
N PRO E 201 -6.48 1.71 74.40
CA PRO E 201 -5.45 1.85 75.47
C PRO E 201 -4.88 3.27 75.61
N VAL E 202 -4.01 3.45 76.61
CA VAL E 202 -3.34 4.78 76.80
C VAL E 202 -1.82 4.56 76.87
N THR E 203 -1.04 5.36 76.12
CA THR E 203 0.44 5.21 76.11
C THR E 203 1.06 6.12 77.18
N VAL E 204 2.17 5.69 77.77
CA VAL E 204 2.89 6.56 78.75
C VAL E 204 4.36 6.69 78.32
N SER E 205 4.80 7.92 78.04
CA SER E 205 6.20 8.10 77.55
C SER E 205 7.12 8.53 78.68
N TRP E 206 8.37 8.87 78.35
CA TRP E 206 9.33 9.41 79.30
C TRP E 206 10.22 10.41 78.59
N ASN E 207 10.40 11.58 79.23
CA ASN E 207 11.26 12.68 78.76
C ASN E 207 10.88 13.15 77.35
N SER E 208 9.58 13.05 77.05
CA SER E 208 9.01 13.24 75.70
C SER E 208 9.73 12.40 74.65
N GLY E 209 10.09 11.16 75.01
CA GLY E 209 10.72 10.23 74.09
C GLY E 209 12.23 10.12 74.17
N ALA E 210 12.85 10.66 75.22
CA ALA E 210 14.30 10.61 75.33
C ALA E 210 14.80 9.56 76.31
N LEU E 211 13.90 8.84 76.99
CA LEU E 211 14.29 7.80 77.94
C LEU E 211 13.64 6.49 77.50
N THR E 212 14.45 5.58 76.96
CA THR E 212 13.98 4.29 76.50
C THR E 212 14.72 3.12 77.11
N SER E 213 15.69 3.36 78.00
CA SER E 213 16.46 2.28 78.62
C SER E 213 15.59 1.53 79.62
N GLY E 214 15.17 0.33 79.24
CA GLY E 214 14.30 -0.46 80.10
C GLY E 214 12.85 -0.05 80.11
N VAL E 215 12.32 0.50 79.02
CA VAL E 215 10.92 0.90 78.94
C VAL E 215 10.03 -0.34 78.93
N HIS E 216 9.04 -0.38 79.83
CA HIS E 216 8.13 -1.53 79.87
C HIS E 216 6.70 -1.04 80.08
N THR E 217 5.86 -1.19 79.03
CA THR E 217 4.43 -0.79 79.10
C THR E 217 3.60 -2.08 79.13
N PHE E 218 2.47 -2.10 79.84
CA PHE E 218 1.71 -3.38 79.99
C PHE E 218 0.29 -3.27 79.42
N PRO E 219 -0.27 -4.35 78.83
CA PRO E 219 -1.67 -4.35 78.36
C PRO E 219 -2.68 -4.19 79.50
N ALA E 220 -3.82 -3.55 79.26
CA ALA E 220 -4.80 -3.25 80.34
C ALA E 220 -5.82 -4.37 80.56
N VAL E 221 -6.44 -4.41 81.76
CA VAL E 221 -7.51 -5.41 82.05
C VAL E 221 -8.87 -4.69 82.14
N LEU E 222 -9.97 -5.45 82.18
CA LEU E 222 -11.33 -4.91 82.28
C LEU E 222 -11.80 -4.96 83.73
N GLN E 223 -12.72 -4.06 84.08
CA GLN E 223 -13.32 -4.06 85.41
C GLN E 223 -14.84 -4.22 85.33
N SER E 224 -15.44 -4.56 86.47
CA SER E 224 -16.88 -4.75 86.53
C SER E 224 -17.63 -3.43 86.64
N SER E 225 -16.92 -2.33 86.91
CA SER E 225 -17.55 -1.01 86.95
C SER E 225 -17.55 -0.31 85.60
N GLY E 226 -16.60 -0.64 84.72
CA GLY E 226 -16.53 -0.07 83.38
C GLY E 226 -15.30 0.75 83.09
N LEU E 227 -14.20 0.53 83.82
CA LEU E 227 -12.96 1.31 83.58
C LEU E 227 -11.80 0.34 83.34
N TYR E 228 -10.67 0.83 82.82
CA TYR E 228 -9.53 -0.06 82.48
C TYR E 228 -8.34 0.27 83.39
N SER E 229 -7.31 -0.60 83.39
CA SER E 229 -6.19 -0.35 84.32
C SER E 229 -4.83 -0.72 83.71
N LEU E 230 -3.87 0.21 83.68
CA LEU E 230 -2.50 -0.16 83.25
C LEU E 230 -1.50 0.64 84.09
N SER E 231 -0.22 0.31 84.00
CA SER E 231 0.82 1.10 84.71
C SER E 231 2.09 1.05 83.87
N SER E 232 3.15 1.72 84.30
CA SER E 232 4.42 1.60 83.55
C SER E 232 5.60 1.38 84.48
N VAL E 233 6.73 0.92 83.92
CA VAL E 233 7.98 0.80 84.65
C VAL E 233 9.13 1.03 83.68
N VAL E 234 10.08 1.90 84.08
CA VAL E 234 11.32 2.08 83.35
C VAL E 234 12.47 1.84 84.32
N THR E 235 13.55 1.26 83.81
CA THR E 235 14.72 0.97 84.61
C THR E 235 15.74 2.08 84.46
N VAL E 236 15.96 2.83 85.54
CA VAL E 236 16.90 3.94 85.52
C VAL E 236 17.97 3.66 86.58
N PRO E 237 19.23 4.09 86.35
CA PRO E 237 20.20 4.14 87.45
C PRO E 237 19.71 4.96 88.63
N SER E 238 19.87 4.41 89.84
CA SER E 238 19.20 4.96 91.01
C SER E 238 19.89 6.22 91.53
N SER E 239 21.08 6.55 91.02
CA SER E 239 21.70 7.82 91.34
C SER E 239 20.93 9.00 90.78
N SER E 240 20.29 8.84 89.61
CA SER E 240 19.49 9.86 88.97
C SER E 240 18.07 9.94 89.52
N LEU E 241 17.84 9.49 90.74
CA LEU E 241 16.53 9.53 91.37
C LEU E 241 16.34 10.87 92.07
N GLY E 242 15.71 11.82 91.37
CA GLY E 242 15.54 13.17 91.85
C GLY E 242 16.25 14.22 91.02
N THR E 243 17.00 13.81 89.99
CA THR E 243 17.79 14.73 89.18
C THR E 243 17.05 15.21 87.94
N GLN E 244 16.53 14.31 87.12
CA GLN E 244 15.90 14.66 85.85
C GLN E 244 14.40 14.80 86.02
N THR E 245 13.78 15.58 85.12
CA THR E 245 12.34 15.77 85.14
C THR E 245 11.65 14.72 84.28
N TYR E 246 10.89 13.83 84.93
CA TYR E 246 10.29 12.68 84.28
C TYR E 246 8.81 12.96 84.09
N ILE E 247 8.39 13.02 82.84
CA ILE E 247 7.05 13.46 82.48
C ILE E 247 6.42 12.43 81.56
N CYS E 248 5.47 11.65 82.09
CA CYS E 248 4.76 10.68 81.28
C CYS E 248 3.48 11.32 80.74
N ASN E 249 3.46 11.51 79.42
CA ASN E 249 2.48 12.36 78.73
C ASN E 249 1.32 11.50 78.24
N VAL E 250 0.26 11.41 79.03
CA VAL E 250 -0.94 10.68 78.68
C VAL E 250 -1.73 11.53 77.69
N ASN E 251 -2.06 10.95 76.54
CA ASN E 251 -2.87 11.61 75.52
C ASN E 251 -4.11 10.75 75.25
N HIS E 252 -5.29 11.33 75.43
CA HIS E 252 -6.56 10.61 75.31
C HIS E 252 -7.31 11.13 74.07
N LYS E 253 -7.30 10.33 73.00
CA LYS E 253 -7.97 10.76 71.77
C LYS E 253 -9.51 10.80 71.80
N PRO E 254 -10.26 9.98 72.57
CA PRO E 254 -11.71 10.22 72.56
C PRO E 254 -12.16 11.33 73.51
N SER E 255 -11.24 11.89 74.30
CA SER E 255 -11.61 12.90 75.30
C SER E 255 -10.82 14.20 75.17
N ASN E 256 -9.77 14.25 74.35
CA ASN E 256 -8.87 15.41 74.19
C ASN E 256 -8.28 15.82 75.55
N THR E 257 -7.40 14.99 76.10
CA THR E 257 -6.89 15.14 77.45
C THR E 257 -5.37 14.94 77.45
N LYS E 258 -4.64 15.87 78.05
CA LYS E 258 -3.20 15.74 78.26
C LYS E 258 -2.86 16.19 79.67
N VAL E 259 -2.53 15.23 80.54
CA VAL E 259 -2.22 15.50 81.93
C VAL E 259 -0.73 15.29 82.12
N ASP E 260 0.01 16.38 82.22
CA ASP E 260 1.47 16.32 82.29
C ASP E 260 1.88 16.23 83.76
N LYS E 261 1.67 15.06 84.35
CA LYS E 261 2.05 14.78 85.72
C LYS E 261 3.54 14.43 85.76
N LYS E 262 4.34 15.33 86.35
CA LYS E 262 5.80 15.07 86.46
C LYS E 262 6.05 14.09 87.61
N VAL E 263 6.93 13.11 87.40
CA VAL E 263 7.16 12.07 88.43
C VAL E 263 8.37 12.50 89.27
N GLU E 264 8.18 12.61 90.58
CA GLU E 264 9.29 13.00 91.49
C GLU E 264 9.57 11.81 92.43
N PRO E 265 10.77 11.62 93.05
CA PRO E 265 10.98 10.45 93.92
C PRO E 265 10.18 10.49 95.20
N LYS E 266 10.36 9.47 96.04
CA LYS E 266 9.68 9.40 97.34
C LYS E 266 10.44 10.20 98.40
N SER E 267 9.67 10.78 99.32
CA SER E 267 10.18 11.35 100.55
C SER E 267 9.06 11.31 101.59
N CYS E 268 9.41 11.60 102.84
CA CYS E 268 8.42 11.72 103.90
C CYS E 268 8.38 13.17 104.35
N ASP E 269 7.62 13.98 103.61
CA ASP E 269 7.47 15.39 103.92
C ASP E 269 6.49 15.57 105.08
N LEU F 4 -11.72 -19.10 56.18
CA LEU F 4 -10.85 -20.14 55.67
C LEU F 4 -10.23 -20.90 56.83
N ASN F 5 -10.50 -22.19 56.87
CA ASN F 5 -10.31 -23.02 58.06
C ASN F 5 -8.85 -23.30 58.32
N GLN F 6 -8.42 -23.06 59.55
CA GLN F 6 -7.06 -23.30 60.00
C GLN F 6 -7.11 -23.86 61.41
N PRO F 7 -6.25 -24.82 61.75
CA PRO F 7 -6.32 -25.46 63.06
C PRO F 7 -5.95 -24.54 64.22
N SER F 8 -5.99 -25.09 65.42
CA SER F 8 -5.86 -24.27 66.63
C SER F 8 -4.43 -23.75 66.77
N SER F 9 -3.47 -24.63 67.04
CA SER F 9 -2.14 -24.16 67.39
C SER F 9 -1.07 -25.03 66.76
N VAL F 10 0.09 -24.41 66.54
CA VAL F 10 1.29 -25.06 66.05
C VAL F 10 2.46 -24.58 66.92
N SER F 11 3.22 -25.54 67.45
CA SER F 11 4.36 -25.24 68.29
C SER F 11 5.64 -25.67 67.58
N GLY F 12 6.60 -24.76 67.50
CA GLY F 12 7.82 -24.99 66.75
C GLY F 12 9.00 -24.33 67.40
N SER F 13 10.18 -24.84 67.05
CA SER F 13 11.40 -24.45 67.73
C SER F 13 12.25 -23.54 66.85
N LEU F 14 13.42 -23.16 67.37
CA LEU F 14 14.42 -22.48 66.56
C LEU F 14 15.10 -23.48 65.64
N GLY F 15 15.20 -23.12 64.35
CA GLY F 15 15.86 -23.94 63.38
C GLY F 15 15.06 -25.11 62.87
N GLN F 16 13.73 -25.09 63.02
CA GLN F 16 12.92 -26.22 62.58
C GLN F 16 12.07 -25.84 61.37
N LYS F 17 11.67 -26.85 60.60
CA LYS F 17 10.87 -26.67 59.40
C LYS F 17 9.43 -27.12 59.64
N VAL F 18 8.51 -26.17 59.57
CA VAL F 18 7.09 -26.45 59.80
C VAL F 18 6.31 -26.00 58.56
N THR F 19 5.60 -26.96 57.96
CA THR F 19 4.78 -26.69 56.80
C THR F 19 3.37 -26.37 57.26
N ILE F 20 3.07 -25.08 57.35
CA ILE F 20 1.75 -24.61 57.79
C ILE F 20 0.80 -24.70 56.61
N SER F 21 -0.32 -25.38 56.81
CA SER F 21 -1.27 -25.67 55.75
C SER F 21 -2.31 -24.56 55.60
N CYS F 22 -2.67 -24.29 54.34
CA CYS F 22 -3.83 -23.47 54.01
C CYS F 22 -4.70 -24.33 53.10
N SER F 23 -5.67 -25.01 53.69
CA SER F 23 -6.53 -25.94 52.96
C SER F 23 -7.82 -25.25 52.54
N GLY F 24 -7.90 -24.85 51.27
CA GLY F 24 -9.01 -24.05 50.78
C GLY F 24 -9.73 -24.66 49.60
N SER F 25 -9.89 -23.90 48.52
CA SER F 25 -10.54 -24.41 47.31
C SER F 25 -10.09 -23.57 46.12
N SER F 26 -10.46 -24.03 44.92
CA SER F 26 -9.87 -23.49 43.70
C SER F 26 -10.52 -22.20 43.25
N SER F 27 -11.52 -21.71 43.99
CA SER F 27 -11.91 -20.32 43.87
C SER F 27 -10.94 -19.39 44.59
N ASN F 28 -10.16 -19.93 45.53
CA ASN F 28 -9.31 -19.14 46.42
C ASN F 28 -7.82 -19.41 46.15
N ILE F 29 -7.41 -20.68 46.24
CA ILE F 29 -6.02 -21.05 46.00
C ILE F 29 -5.79 -21.29 44.51
N GLY F 30 -6.85 -21.65 43.80
CA GLY F 30 -6.81 -21.72 42.34
C GLY F 30 -6.76 -20.37 41.65
N ASN F 31 -6.68 -19.27 42.41
CA ASN F 31 -6.47 -17.95 41.84
C ASN F 31 -5.01 -17.69 41.49
N ASN F 32 -4.07 -18.27 42.26
CA ASN F 32 -2.62 -18.03 42.26
C ASN F 32 -2.35 -16.58 42.66
N TYR F 33 -3.28 -16.00 43.42
CA TYR F 33 -3.15 -14.65 43.99
C TYR F 33 -3.74 -14.66 45.40
N VAL F 34 -3.34 -15.64 46.21
CA VAL F 34 -3.81 -15.71 47.59
C VAL F 34 -3.12 -14.63 48.40
N SER F 35 -3.58 -14.46 49.64
CA SER F 35 -2.85 -13.64 50.60
C SER F 35 -2.70 -14.40 51.91
N TRP F 36 -1.60 -14.11 52.60
CA TRP F 36 -1.39 -14.58 53.96
C TRP F 36 -1.09 -13.36 54.82
N TYR F 37 -1.25 -13.50 56.15
CA TYR F 37 -0.94 -12.39 57.04
C TYR F 37 -0.25 -12.90 58.30
N GLN F 38 0.16 -11.96 59.14
CA GLN F 38 0.89 -12.23 60.37
C GLN F 38 0.44 -11.24 61.43
N GLN F 39 -0.13 -11.73 62.53
CA GLN F 39 -0.77 -10.85 63.51
C GLN F 39 -0.23 -11.13 64.90
N LEU F 40 0.63 -10.24 65.38
CA LEU F 40 0.94 -10.09 66.80
C LEU F 40 -0.25 -9.43 67.49
N PRO F 41 -0.67 -9.89 68.66
CA PRO F 41 -1.70 -9.16 69.42
C PRO F 41 -1.17 -7.83 69.90
N GLY F 42 -1.96 -6.78 69.69
CA GLY F 42 -1.52 -5.43 69.96
C GLY F 42 -0.97 -4.72 68.75
N THR F 43 -0.81 -5.41 67.63
CA THR F 43 -0.45 -4.82 66.36
C THR F 43 -1.55 -5.09 65.35
N ALA F 44 -1.45 -4.40 64.22
CA ALA F 44 -2.27 -4.75 63.08
C ALA F 44 -1.71 -6.02 62.43
N PRO F 45 -2.51 -6.72 61.62
CA PRO F 45 -1.94 -7.77 60.79
C PRO F 45 -1.00 -7.20 59.74
N LYS F 46 0.07 -7.94 59.46
CA LYS F 46 1.08 -7.49 58.45
C LYS F 46 1.10 -8.50 57.31
N LEU F 47 1.01 -8.03 56.06
CA LEU F 47 0.99 -8.93 54.87
C LEU F 47 2.17 -9.91 54.92
N LEU F 48 1.90 -11.19 55.18
CA LEU F 48 2.98 -12.21 55.24
C LEU F 48 3.25 -12.72 53.82
N ILE F 49 2.19 -13.02 53.06
CA ILE F 49 2.40 -13.62 51.69
C ILE F 49 1.35 -13.06 50.71
N TYR F 50 1.68 -12.99 49.42
CA TYR F 50 0.68 -12.59 48.39
C TYR F 50 0.98 -13.38 47.11
N GLY F 51 -0.05 -13.77 46.33
CA GLY F 51 0.19 -14.45 45.04
C GLY F 51 0.49 -15.93 45.15
N ASP F 52 0.48 -16.52 46.36
CA ASP F 52 0.68 -17.98 46.59
C ASP F 52 2.16 -18.34 46.61
N THR F 53 3.05 -17.44 46.18
CA THR F 53 4.51 -17.70 46.26
C THR F 53 5.24 -16.36 46.43
N LYS F 54 4.66 -15.28 45.91
CA LYS F 54 5.36 -13.97 45.92
C LYS F 54 5.57 -13.49 47.36
N ARG F 55 6.71 -12.85 47.62
CA ARG F 55 7.02 -12.39 48.99
C ARG F 55 6.83 -10.87 49.08
N PRO F 56 5.96 -10.37 50.00
CA PRO F 56 5.79 -8.92 50.19
C PRO F 56 7.04 -8.34 50.88
N SER F 57 7.26 -7.04 50.76
CA SER F 57 8.48 -6.42 51.34
C SER F 57 8.46 -6.55 52.87
N GLY F 58 9.63 -6.73 53.48
CA GLY F 58 9.71 -6.91 54.95
C GLY F 58 9.55 -8.37 55.34
N ILE F 59 9.44 -9.27 54.36
CA ILE F 59 9.22 -10.72 54.63
C ILE F 59 10.46 -11.48 54.13
N PRO F 60 11.06 -12.39 54.93
CA PRO F 60 12.21 -13.18 54.51
C PRO F 60 11.91 -14.18 53.38
N ASP F 61 12.91 -14.44 52.53
CA ASP F 61 12.77 -15.42 51.43
C ASP F 61 12.59 -16.83 52.00
N ARG F 62 12.99 -17.03 53.26
CA ARG F 62 12.92 -18.39 53.89
C ARG F 62 11.48 -18.88 53.91
N PHE F 63 10.51 -18.00 54.20
CA PHE F 63 9.10 -18.44 54.13
C PHE F 63 8.83 -18.85 52.68
N SER F 64 8.22 -20.03 52.46
CA SER F 64 8.01 -20.52 51.08
C SER F 64 6.53 -20.89 50.86
N GLY F 65 5.91 -20.37 49.81
CA GLY F 65 4.52 -20.75 49.49
C GLY F 65 4.46 -21.94 48.56
N SER F 66 4.96 -23.11 49.00
CA SER F 66 4.82 -24.34 48.18
C SER F 66 3.34 -24.74 48.10
N LYS F 67 2.80 -25.02 46.92
CA LYS F 67 1.41 -25.44 46.87
C LYS F 67 1.33 -26.89 46.42
N SER F 68 0.43 -27.62 47.08
CA SER F 68 0.06 -28.96 46.67
C SER F 68 -1.46 -28.95 46.57
N GLY F 69 -1.96 -28.45 45.45
CA GLY F 69 -3.40 -28.40 45.20
C GLY F 69 -4.13 -27.41 46.10
N THR F 70 -5.31 -27.82 46.57
CA THR F 70 -6.21 -27.01 47.36
C THR F 70 -5.76 -26.86 48.81
N SER F 71 -4.67 -27.53 49.20
CA SER F 71 -4.08 -27.40 50.53
C SER F 71 -2.75 -26.67 50.39
N ALA F 72 -2.79 -25.34 50.46
CA ALA F 72 -1.62 -24.50 50.25
C ALA F 72 -0.68 -24.61 51.44
N THR F 73 0.62 -24.58 51.17
CA THR F 73 1.57 -24.82 52.29
C THR F 73 2.36 -23.56 52.61
N LEU F 74 2.93 -23.50 53.81
CA LEU F 74 3.83 -22.38 54.17
C LEU F 74 5.07 -23.06 54.74
N GLY F 75 6.24 -22.86 54.15
CA GLY F 75 7.45 -23.58 54.60
C GLY F 75 8.50 -22.63 55.13
N ILE F 76 8.60 -22.49 56.45
CA ILE F 76 9.65 -21.65 57.00
C ILE F 76 10.84 -22.55 57.29
N THR F 77 11.88 -22.45 56.48
CA THR F 77 13.13 -23.14 56.69
C THR F 77 13.93 -22.44 57.80
N GLY F 78 14.14 -23.13 58.91
CA GLY F 78 14.85 -22.55 60.03
C GLY F 78 14.11 -21.45 60.76
N LEU F 79 13.05 -21.80 61.51
CA LEU F 79 12.19 -20.85 62.19
C LEU F 79 12.95 -19.96 63.17
N GLN F 80 12.98 -18.66 62.90
CA GLN F 80 13.69 -17.70 63.74
C GLN F 80 12.74 -17.14 64.79
N THR F 81 13.25 -16.19 65.56
CA THR F 81 12.61 -15.83 66.83
C THR F 81 11.36 -14.99 66.63
N GLY F 82 11.43 -13.93 65.84
CA GLY F 82 10.37 -12.94 65.76
C GLY F 82 9.15 -13.31 64.93
N ASP F 83 8.92 -14.60 64.68
CA ASP F 83 7.86 -14.99 63.76
C ASP F 83 6.55 -15.38 64.43
N GLU F 84 6.55 -15.60 65.75
CA GLU F 84 5.38 -16.18 66.40
C GLU F 84 4.20 -15.23 66.47
N ALA F 85 3.10 -15.59 65.82
CA ALA F 85 1.97 -14.69 65.64
C ALA F 85 0.75 -15.47 65.18
N ASP F 86 -0.33 -14.73 64.92
CA ASP F 86 -1.55 -15.27 64.33
C ASP F 86 -1.52 -15.13 62.82
N TYR F 87 -1.75 -16.25 62.13
CA TYR F 87 -1.45 -16.41 60.72
C TYR F 87 -2.74 -16.72 59.97
N TYR F 88 -3.09 -15.88 59.01
CA TYR F 88 -4.39 -15.92 58.35
C TYR F 88 -4.24 -16.31 56.89
N CYS F 89 -5.30 -16.91 56.34
CA CYS F 89 -5.40 -17.14 54.91
C CYS F 89 -6.34 -16.13 54.28
N ALA F 90 -6.05 -15.74 53.05
CA ALA F 90 -6.89 -14.78 52.35
C ALA F 90 -6.76 -14.97 50.84
N SER F 91 -7.83 -14.62 50.14
CA SER F 91 -7.88 -14.62 48.69
C SER F 91 -9.07 -13.79 48.25
N ALA F 92 -9.39 -13.92 46.96
CA ALA F 92 -10.66 -13.43 46.43
C ALA F 92 -11.71 -14.53 46.51
N GLU F 93 -12.80 -14.36 45.74
CA GLU F 93 -13.79 -15.39 45.46
C GLU F 93 -14.54 -15.01 44.18
N ASP F 94 -14.37 -15.83 43.13
CA ASP F 94 -15.04 -15.77 41.80
C ASP F 94 -15.02 -14.38 41.13
N SER F 95 -14.14 -13.48 41.57
CA SER F 95 -14.03 -12.13 41.06
C SER F 95 -12.65 -11.63 41.46
N SER F 96 -12.25 -10.46 40.98
CA SER F 96 -10.95 -9.90 41.37
C SER F 96 -11.06 -8.68 42.29
N SER F 97 -12.16 -7.95 42.25
CA SER F 97 -12.32 -6.86 43.21
C SER F 97 -12.88 -7.32 44.54
N ASN F 98 -12.93 -8.64 44.79
CA ASN F 98 -13.67 -9.23 45.90
C ASN F 98 -12.69 -9.88 46.87
N ALA F 99 -13.16 -10.15 48.10
CA ALA F 99 -12.32 -10.68 49.17
C ALA F 99 -13.09 -11.43 50.24
N VAL F 100 -12.46 -12.48 50.76
CA VAL F 100 -12.77 -13.13 52.03
C VAL F 100 -11.45 -13.63 52.62
N PHE F 101 -11.28 -13.40 53.92
CA PHE F 101 -10.10 -13.81 54.66
C PHE F 101 -10.34 -15.14 55.35
N GLY F 102 -9.43 -15.49 56.24
CA GLY F 102 -9.65 -16.58 57.16
C GLY F 102 -9.86 -16.10 58.59
N SER F 103 -9.81 -17.04 59.53
CA SER F 103 -9.94 -16.68 60.93
C SER F 103 -8.66 -16.90 61.73
N GLY F 104 -7.69 -17.60 61.17
CA GLY F 104 -6.37 -17.58 61.77
C GLY F 104 -5.93 -18.92 62.33
N THR F 105 -4.62 -19.02 62.57
CA THR F 105 -4.02 -20.04 63.41
C THR F 105 -2.87 -19.37 64.14
N THR F 106 -2.56 -19.83 65.35
CA THR F 106 -1.42 -19.26 66.05
C THR F 106 -0.16 -20.05 65.75
N LEU F 107 0.88 -19.34 65.31
CA LEU F 107 2.20 -19.92 65.17
C LEU F 107 3.01 -19.47 66.37
N THR F 108 3.75 -20.39 66.98
CA THR F 108 4.48 -20.14 68.21
C THR F 108 5.92 -20.62 68.05
N VAL F 109 6.86 -19.89 68.62
CA VAL F 109 8.29 -20.18 68.52
C VAL F 109 8.84 -20.32 69.92
N LEU F 110 9.45 -21.46 70.22
CA LEU F 110 10.18 -21.68 71.45
C LEU F 110 11.69 -21.52 71.24
N GLY F 111 12.35 -20.91 72.22
CA GLY F 111 13.79 -20.69 72.11
C GLY F 111 14.26 -19.29 72.45
N GLN F 112 13.47 -18.52 73.20
CA GLN F 112 13.89 -17.21 73.64
C GLN F 112 14.77 -17.34 74.89
N PRO F 113 15.51 -16.29 75.28
CA PRO F 113 16.31 -16.37 76.52
C PRO F 113 15.51 -16.46 77.81
N LYS F 114 15.69 -17.55 78.55
CA LYS F 114 15.11 -17.67 79.89
C LYS F 114 15.98 -16.98 80.92
N ALA F 115 15.35 -16.42 81.96
CA ALA F 115 16.08 -15.81 83.05
C ALA F 115 15.20 -15.74 84.30
N ALA F 116 15.85 -15.47 85.45
CA ALA F 116 15.14 -15.18 86.69
C ALA F 116 14.42 -13.84 86.57
N PRO F 117 13.14 -13.78 86.93
CA PRO F 117 12.32 -12.62 86.58
C PRO F 117 12.67 -11.38 87.37
N SER F 118 12.76 -10.27 86.66
CA SER F 118 12.90 -8.95 87.28
C SER F 118 11.50 -8.41 87.52
N VAL F 119 10.98 -8.68 88.73
CA VAL F 119 9.58 -8.28 89.06
C VAL F 119 9.60 -6.92 89.78
N THR F 120 8.59 -6.08 89.51
CA THR F 120 8.53 -4.74 90.13
C THR F 120 7.20 -4.58 90.87
N LEU F 121 7.23 -4.12 92.12
CA LEU F 121 5.98 -3.86 92.88
C LEU F 121 5.90 -2.37 93.18
N PHE F 122 4.74 -1.75 92.97
CA PHE F 122 4.57 -0.32 93.31
C PHE F 122 3.49 -0.18 94.39
N PRO F 123 3.74 0.39 95.61
CA PRO F 123 2.66 0.58 96.59
C PRO F 123 1.80 1.81 96.28
N PRO F 124 0.52 1.93 96.71
CA PRO F 124 -0.29 3.11 96.34
C PRO F 124 0.38 4.42 96.72
N SER F 125 0.02 5.48 96.00
CA SER F 125 0.58 6.80 96.28
C SER F 125 -0.15 7.46 97.45
N SER F 126 0.46 8.52 97.97
CA SER F 126 -0.14 9.26 99.07
C SER F 126 -1.37 10.04 98.60
N GLU F 127 -1.34 10.52 97.36
CA GLU F 127 -2.51 11.15 96.77
C GLU F 127 -3.57 10.12 96.42
N GLU F 128 -3.15 8.86 96.24
CA GLU F 128 -4.11 7.78 95.99
C GLU F 128 -4.80 7.37 97.29
N LEU F 129 -4.11 7.48 98.41
CA LEU F 129 -4.77 7.35 99.71
C LEU F 129 -5.66 8.56 99.99
N GLN F 130 -5.26 9.73 99.49
CA GLN F 130 -6.14 10.89 99.56
C GLN F 130 -7.35 10.72 98.64
N ALA F 131 -7.19 9.98 97.54
CA ALA F 131 -8.27 9.67 96.61
C ALA F 131 -9.12 8.47 97.07
N ASN F 132 -8.77 7.87 98.21
CA ASN F 132 -9.59 6.88 98.92
C ASN F 132 -9.83 5.61 98.11
N LYS F 133 -8.75 5.02 97.62
CA LYS F 133 -8.77 3.77 96.88
C LYS F 133 -7.36 3.19 97.01
N ALA F 134 -7.23 1.88 96.83
CA ALA F 134 -5.92 1.25 96.97
C ALA F 134 -5.75 0.18 95.90
N THR F 135 -4.99 0.49 94.86
CA THR F 135 -4.61 -0.49 93.85
C THR F 135 -3.16 -0.89 94.11
N LEU F 136 -2.89 -2.19 94.02
CA LEU F 136 -1.57 -2.70 94.34
C LEU F 136 -0.92 -3.19 93.06
N VAL F 137 0.16 -2.50 92.68
CA VAL F 137 0.84 -2.81 91.39
C VAL F 137 1.85 -3.93 91.60
N CYS F 138 1.62 -5.10 90.96
CA CYS F 138 2.62 -6.19 91.01
C CYS F 138 2.96 -6.52 89.55
N LEU F 139 4.14 -6.13 89.07
CA LEU F 139 4.45 -6.31 87.67
C LEU F 139 5.51 -7.40 87.53
N ILE F 140 5.47 -8.12 86.41
CA ILE F 140 6.40 -9.22 86.13
C ILE F 140 7.03 -8.98 84.77
N SER F 141 8.36 -8.99 84.71
CA SER F 141 9.08 -8.71 83.48
C SER F 141 10.37 -9.52 83.45
N ASP F 142 10.96 -9.61 82.25
CA ASP F 142 12.20 -10.34 81.98
C ASP F 142 12.09 -11.81 82.39
N PHE F 143 11.09 -12.51 81.86
CA PHE F 143 10.80 -13.88 82.26
C PHE F 143 10.41 -14.72 81.05
N TYR F 144 10.96 -15.94 80.99
CA TYR F 144 10.72 -16.91 79.94
C TYR F 144 10.89 -18.31 80.54
N PRO F 145 9.95 -19.25 80.30
CA PRO F 145 8.69 -19.17 79.55
C PRO F 145 7.60 -18.38 80.25
N GLY F 146 6.72 -17.77 79.46
CA GLY F 146 5.73 -16.85 79.98
C GLY F 146 4.61 -17.52 80.74
N ALA F 147 4.90 -17.99 81.95
CA ALA F 147 3.90 -18.66 82.78
C ALA F 147 4.19 -18.35 84.24
N VAL F 148 3.27 -17.62 84.88
CA VAL F 148 3.29 -17.38 86.32
C VAL F 148 1.85 -17.52 86.82
N THR F 149 1.72 -17.86 88.10
CA THR F 149 0.47 -17.67 88.80
C THR F 149 0.63 -16.52 89.78
N VAL F 150 -0.40 -15.70 89.91
CA VAL F 150 -0.32 -14.41 90.58
C VAL F 150 -0.89 -14.52 91.99
N ALA F 151 -0.04 -14.34 92.99
CA ALA F 151 -0.42 -14.48 94.38
C ALA F 151 -0.11 -13.18 95.12
N TRP F 152 -0.87 -12.98 96.20
CA TRP F 152 -0.64 -11.82 97.09
C TRP F 152 -0.28 -12.35 98.47
N LYS F 153 0.57 -11.64 99.21
CA LYS F 153 1.07 -12.08 100.50
C LYS F 153 0.90 -10.99 101.53
N ALA F 154 -0.10 -11.16 102.39
CA ALA F 154 -0.13 -10.51 103.70
C ALA F 154 0.83 -11.30 104.56
N ASP F 155 1.24 -10.72 105.70
CA ASP F 155 2.51 -10.93 106.41
C ASP F 155 3.09 -12.34 106.36
N SER F 156 2.26 -13.35 106.53
CA SER F 156 2.59 -14.73 106.17
C SER F 156 1.40 -15.49 105.61
N SER F 157 0.32 -14.81 105.24
CA SER F 157 -0.95 -15.43 104.89
C SER F 157 -1.39 -15.00 103.49
N PRO F 158 -2.04 -15.89 102.73
CA PRO F 158 -2.43 -15.54 101.35
C PRO F 158 -3.60 -14.56 101.30
N VAL F 159 -3.61 -13.73 100.26
CA VAL F 159 -4.76 -12.91 99.89
C VAL F 159 -5.14 -13.27 98.46
N LYS F 160 -6.42 -13.56 98.24
CA LYS F 160 -6.89 -14.09 96.96
C LYS F 160 -7.88 -13.19 96.24
N ALA F 161 -8.76 -12.51 96.96
CA ALA F 161 -9.89 -11.83 96.34
C ALA F 161 -9.48 -10.49 95.74
N GLY F 162 -10.21 -10.09 94.69
CA GLY F 162 -9.96 -8.83 94.02
C GLY F 162 -8.85 -8.85 93.00
N VAL F 163 -8.57 -10.00 92.38
CA VAL F 163 -7.41 -10.16 91.53
C VAL F 163 -7.82 -9.91 90.08
N GLU F 164 -6.97 -9.16 89.36
CA GLU F 164 -7.07 -8.98 87.91
C GLU F 164 -5.66 -8.97 87.35
N THR F 165 -5.35 -9.93 86.47
CA THR F 165 -4.03 -10.03 85.89
C THR F 165 -4.12 -10.11 84.38
N THR F 166 -3.05 -9.76 83.70
CA THR F 166 -3.00 -9.78 82.24
C THR F 166 -2.20 -11.01 81.79
N THR F 167 -2.55 -11.53 80.61
CA THR F 167 -1.78 -12.59 79.98
C THR F 167 -0.38 -12.10 79.60
N PRO F 168 0.59 -12.99 79.41
CA PRO F 168 1.94 -12.55 79.04
C PRO F 168 2.02 -11.86 77.69
N SER F 169 2.80 -10.77 77.65
CA SER F 169 3.03 -9.99 76.44
C SER F 169 4.54 -9.72 76.31
N LYS F 170 4.96 -9.42 75.09
CA LYS F 170 6.39 -9.34 74.79
C LYS F 170 6.95 -7.97 75.16
N GLN F 171 8.26 -7.93 75.39
CA GLN F 171 8.93 -6.67 75.69
C GLN F 171 9.82 -6.27 74.51
N SER F 172 10.59 -5.18 74.69
CA SER F 172 11.46 -4.68 73.64
C SER F 172 12.64 -5.62 73.36
N ASN F 173 13.42 -5.98 74.38
CA ASN F 173 14.62 -6.77 74.18
C ASN F 173 14.36 -8.27 74.36
N ASN F 174 13.69 -8.89 73.38
CA ASN F 174 13.39 -10.32 73.15
C ASN F 174 12.92 -11.13 74.36
N LYS F 175 12.24 -10.52 75.32
CA LYS F 175 11.67 -11.26 76.44
C LYS F 175 10.19 -10.92 76.62
N TYR F 176 9.62 -11.38 77.73
CA TYR F 176 8.19 -11.24 77.98
C TYR F 176 7.94 -10.27 79.14
N ALA F 177 6.66 -9.99 79.38
CA ALA F 177 6.24 -9.03 80.40
C ALA F 177 4.83 -9.37 80.86
N ALA F 178 4.56 -9.12 82.14
CA ALA F 178 3.26 -9.44 82.74
C ALA F 178 2.96 -8.43 83.83
N SER F 179 1.79 -8.60 84.46
CA SER F 179 1.32 -7.69 85.50
C SER F 179 0.27 -8.39 86.36
N SER F 180 -0.12 -7.75 87.46
CA SER F 180 -1.08 -8.34 88.43
C SER F 180 -1.67 -7.19 89.27
N TYR F 181 -2.99 -7.16 89.46
CA TYR F 181 -3.61 -6.11 90.30
C TYR F 181 -4.47 -6.72 91.40
N LEU F 182 -4.24 -6.34 92.66
CA LEU F 182 -5.12 -6.79 93.77
C LEU F 182 -5.97 -5.57 94.17
N SER F 183 -7.26 -5.56 93.86
CA SER F 183 -8.13 -4.44 94.17
C SER F 183 -8.60 -4.55 95.60
N LEU F 184 -8.17 -3.61 96.44
CA LEU F 184 -8.46 -3.63 97.87
C LEU F 184 -9.00 -2.27 98.30
N THR F 185 -9.85 -2.31 99.32
CA THR F 185 -10.35 -1.10 99.92
C THR F 185 -9.23 -0.41 100.71
N PRO F 186 -9.26 0.93 100.80
CA PRO F 186 -8.21 1.63 101.59
C PRO F 186 -8.28 1.34 103.07
N GLU F 187 -9.47 1.02 103.60
CA GLU F 187 -9.57 0.64 105.00
C GLU F 187 -8.94 -0.73 105.22
N GLN F 188 -8.89 -1.57 104.19
CA GLN F 188 -8.21 -2.86 104.32
C GLN F 188 -6.74 -2.75 103.94
N TRP F 189 -6.35 -1.70 103.22
CA TRP F 189 -4.92 -1.47 102.98
C TRP F 189 -4.25 -0.90 104.22
N LYS F 190 -4.92 0.00 104.92
CA LYS F 190 -4.33 0.60 106.11
C LYS F 190 -4.65 -0.18 107.39
N SER F 191 -5.12 -1.43 107.29
CA SER F 191 -5.41 -2.23 108.47
C SER F 191 -4.31 -3.22 108.83
N HIS F 192 -3.60 -3.78 107.84
CA HIS F 192 -2.58 -4.79 108.11
C HIS F 192 -1.21 -4.17 107.87
N ARG F 193 -0.22 -4.67 108.61
CA ARG F 193 1.06 -3.98 108.71
C ARG F 193 1.98 -4.23 107.53
N SER F 194 1.75 -5.27 106.72
CA SER F 194 2.69 -5.56 105.66
C SER F 194 1.96 -6.27 104.53
N TYR F 195 2.32 -5.93 103.29
CA TYR F 195 1.70 -6.54 102.09
C TYR F 195 2.80 -6.84 101.06
N SER F 196 2.78 -8.02 100.43
CA SER F 196 3.86 -8.44 99.48
C SER F 196 3.27 -9.18 98.27
N CYS F 197 4.01 -9.24 97.14
CA CYS F 197 3.51 -9.98 95.95
C CYS F 197 4.31 -11.26 95.64
N GLN F 198 3.81 -12.43 96.07
CA GLN F 198 4.44 -13.71 95.71
C GLN F 198 4.16 -13.96 94.24
N VAL F 199 5.22 -14.06 93.44
CA VAL F 199 5.11 -14.51 92.06
C VAL F 199 6.13 -15.62 91.83
N THR F 200 5.65 -16.73 91.28
CA THR F 200 6.49 -17.89 91.03
C THR F 200 6.75 -18.05 89.53
N HIS F 201 8.01 -17.98 89.14
CA HIS F 201 8.41 -18.28 87.77
C HIS F 201 9.32 -19.51 87.80
N GLU F 202 8.81 -20.62 87.24
CA GLU F 202 9.48 -21.91 87.20
C GLU F 202 9.86 -22.40 88.60
N GLY F 203 8.99 -22.11 89.57
CA GLY F 203 9.18 -22.53 90.94
C GLY F 203 9.87 -21.51 91.82
N SER F 204 10.60 -20.55 91.27
CA SER F 204 11.37 -19.59 92.04
C SER F 204 10.53 -18.37 92.36
N THR F 205 10.53 -17.96 93.62
CA THR F 205 9.72 -16.86 94.12
C THR F 205 10.62 -15.73 94.60
N VAL F 206 10.52 -14.58 93.94
CA VAL F 206 11.26 -13.38 94.32
C VAL F 206 10.29 -12.42 94.98
N GLU F 207 10.66 -11.90 96.15
CA GLU F 207 9.78 -11.12 97.00
C GLU F 207 10.20 -9.66 97.00
N LYS F 208 9.16 -8.80 97.08
CA LYS F 208 9.33 -7.34 97.20
C LYS F 208 8.35 -7.02 98.34
N THR F 209 8.70 -6.28 99.38
CA THR F 209 7.82 -6.07 100.52
C THR F 209 7.59 -4.58 100.76
N VAL F 210 6.35 -4.27 101.15
CA VAL F 210 5.98 -2.87 101.48
C VAL F 210 5.05 -2.85 102.69
N ALA F 211 5.05 -1.76 103.45
CA ALA F 211 4.22 -1.52 104.61
C ALA F 211 3.49 -0.19 104.45
N PRO F 212 2.35 -0.01 105.13
CA PRO F 212 1.73 1.33 105.15
C PRO F 212 2.51 2.36 105.95
N THR F 213 3.38 1.94 106.88
CA THR F 213 4.00 2.87 107.81
C THR F 213 5.41 3.29 107.42
N GLU F 214 5.99 2.74 106.35
CA GLU F 214 7.35 3.11 105.96
C GLU F 214 7.28 4.37 105.09
N CYS F 215 7.87 5.46 105.59
CA CYS F 215 8.06 6.66 104.78
C CYS F 215 9.15 6.45 103.76
N SER F 216 8.87 6.87 102.52
CA SER F 216 9.72 6.69 101.35
C SER F 216 10.17 5.24 101.16
#